data_3H3M
# 
_entry.id   3H3M 
# 
_audit_conform.dict_name       mmcif_pdbx.dic 
_audit_conform.dict_version    5.402 
_audit_conform.dict_location   http://mmcif.pdb.org/dictionaries/ascii/mmcif_pdbx.dic 
# 
loop_
_database_2.database_id 
_database_2.database_code 
_database_2.pdbx_database_accession 
_database_2.pdbx_DOI 
PDB   3H3M         pdb_00003h3m 10.2210/pdb3h3m/pdb 
RCSB  RCSB052649   ?            ?                   
WWPDB D_1000052649 ?            ?                   
# 
loop_
_pdbx_audit_revision_history.ordinal 
_pdbx_audit_revision_history.data_content_type 
_pdbx_audit_revision_history.major_revision 
_pdbx_audit_revision_history.minor_revision 
_pdbx_audit_revision_history.revision_date 
1 'Structure model' 1 0 2009-04-28 
2 'Structure model' 1 1 2011-07-13 
3 'Structure model' 1 2 2022-04-13 
4 'Structure model' 1 3 2024-11-06 
5 'Structure model' 2 0 2025-02-12 
# 
_pdbx_audit_revision_details.ordinal             1 
_pdbx_audit_revision_details.revision_ordinal    1 
_pdbx_audit_revision_details.data_content_type   'Structure model' 
_pdbx_audit_revision_details.provider            repository 
_pdbx_audit_revision_details.type                'Initial release' 
_pdbx_audit_revision_details.description         ? 
_pdbx_audit_revision_details.details             ? 
# 
loop_
_pdbx_audit_revision_group.ordinal 
_pdbx_audit_revision_group.revision_ordinal 
_pdbx_audit_revision_group.data_content_type 
_pdbx_audit_revision_group.group 
1  2 'Structure model' Advisory                    
2  2 'Structure model' 'Version format compliance' 
3  3 'Structure model' 'Database references'       
4  3 'Structure model' 'Derived calculations'      
5  3 'Structure model' 'Structure summary'         
6  4 'Structure model' 'Data collection'           
7  4 'Structure model' 'Structure summary'         
8  5 'Structure model' 'Atomic model'              
9  5 'Structure model' 'Data collection'           
10 5 'Structure model' 'Derived calculations'      
11 5 'Structure model' 'Non-polymer description'   
12 5 'Structure model' 'Structure summary'         
# 
loop_
_pdbx_audit_revision_category.ordinal 
_pdbx_audit_revision_category.revision_ordinal 
_pdbx_audit_revision_category.data_content_type 
_pdbx_audit_revision_category.category 
1  3 'Structure model' audit_author              
2  3 'Structure model' citation_author           
3  3 'Structure model' database_2                
4  3 'Structure model' struct_conn               
5  4 'Structure model' chem_comp_atom            
6  4 'Structure model' chem_comp_bond            
7  4 'Structure model' pdbx_entry_details        
8  4 'Structure model' pdbx_modification_feature 
9  5 'Structure model' atom_site                 
10 5 'Structure model' chem_comp                 
11 5 'Structure model' entity                    
12 5 'Structure model' pdbx_entity_nonpoly       
13 5 'Structure model' pdbx_nonpoly_scheme       
# 
loop_
_pdbx_audit_revision_item.ordinal 
_pdbx_audit_revision_item.revision_ordinal 
_pdbx_audit_revision_item.data_content_type 
_pdbx_audit_revision_item.item 
1  3 'Structure model' '_audit_author.identifier_ORCID'      
2  3 'Structure model' '_citation_author.identifier_ORCID'   
3  3 'Structure model' '_database_2.pdbx_DOI'                
4  3 'Structure model' '_database_2.pdbx_database_accession' 
5  3 'Structure model' '_struct_conn.pdbx_leaving_atom_flag' 
6  5 'Structure model' '_atom_site.auth_comp_id'             
7  5 'Structure model' '_atom_site.label_comp_id'            
8  5 'Structure model' '_chem_comp.formula'                  
9  5 'Structure model' '_chem_comp.formula_weight'           
10 5 'Structure model' '_chem_comp.id'                       
11 5 'Structure model' '_chem_comp.name'                     
12 5 'Structure model' '_chem_comp.type'                     
13 5 'Structure model' '_entity.pdbx_description'            
14 5 'Structure model' '_pdbx_entity_nonpoly.comp_id'        
15 5 'Structure model' '_pdbx_entity_nonpoly.name'           
16 5 'Structure model' '_pdbx_nonpoly_scheme.mon_id'         
17 5 'Structure model' '_pdbx_nonpoly_scheme.pdb_mon_id'     
# 
_pdbx_database_status.status_code                     REL 
_pdbx_database_status.entry_id                        3H3M 
_pdbx_database_status.recvd_initial_deposition_date   2009-04-16 
_pdbx_database_status.deposit_site                    RCSB 
_pdbx_database_status.process_site                    RCSB 
_pdbx_database_status.status_code_sf                  REL 
_pdbx_database_status.status_code_mr                  ? 
_pdbx_database_status.SG_entry                        Y 
_pdbx_database_status.pdb_format_compatible           Y 
_pdbx_database_status.status_code_cs                  ? 
_pdbx_database_status.status_code_nmr_data            ? 
_pdbx_database_status.methods_development_category    ? 
# 
_pdbx_database_related.db_name        TargetDB 
_pdbx_database_related.db_id          APC7626 
_pdbx_database_related.details        . 
_pdbx_database_related.content_type   unspecified 
# 
loop_
_audit_author.name 
_audit_author.pdbx_ordinal 
_audit_author.identifier_ORCID 
'Shumilin, I.A.'                                1  ?                   
'Wang, S.'                                      2  ?                   
'Chruszcz, M.'                                  3  ?                   
'Xu, X.'                                        4  ?                   
'Le, B.'                                        5  ?                   
'Cui, H.'                                       6  ?                   
'Savchenko, A.'                                 7  ?                   
'Edwards, A.M.'                                 8  ?                   
'Joachimiak, A.'                                9  ?                   
'Minor, W.'                                     10 0000-0001-7075-7090 
'Midwest Center for Structural Genomics (MCSG)' 11 ?                   
# 
_citation.id                        primary 
_citation.title                     'Crystal structure of flagellar protein FliT from Bordetella bronchiseptica' 
_citation.journal_abbrev            'To be Published' 
_citation.journal_volume            ? 
_citation.page_first                ? 
_citation.page_last                 ? 
_citation.year                      ? 
_citation.journal_id_ASTM           ? 
_citation.country                   ? 
_citation.journal_id_ISSN           ? 
_citation.journal_id_CSD            0353 
_citation.book_publisher            ? 
_citation.pdbx_database_id_PubMed   ? 
_citation.pdbx_database_id_DOI      ? 
# 
loop_
_citation_author.citation_id 
_citation_author.name 
_citation_author.ordinal 
_citation_author.identifier_ORCID 
primary 'Shumilin, I.A.' 1  ?                   
primary 'Wang, S.'       2  ?                   
primary 'Chruszcz, M.'   3  ?                   
primary 'Xu, X.'         4  ?                   
primary 'Le, B.'         5  ?                   
primary 'Cui, H.'        6  ?                   
primary 'Savchenko, A.'  7  ?                   
primary 'Edwards, A.M.'  8  ?                   
primary 'Joachimiak, A.' 9  ?                   
primary 'Minor, W.'      10 0000-0001-7075-7090 
# 
loop_
_entity.id 
_entity.type 
_entity.src_method 
_entity.pdbx_description 
_entity.formula_weight 
_entity.pdbx_number_of_molecules 
_entity.pdbx_ec 
_entity.pdbx_mutation 
_entity.pdbx_fragment 
_entity.details 
1 polymer     man 'Flagellar protein FliT' 14312.578 2  ? ? ? ? 
2 non-polymer syn 'UNKNOWN LIGAND'         103.120   1  ? ? ? ? 
3 water       nat water                    18.015    10 ? ? ? ? 
# 
_entity_poly.entity_id                      1 
_entity_poly.type                           'polypeptide(L)' 
_entity_poly.nstd_linkage                   no 
_entity_poly.nstd_monomer                   yes 
_entity_poly.pdbx_seq_one_letter_code       
;(MSE)SSRPQREKS(MSE)TALTQHAPVLEIYQDIANLTSR(MSE)LAAANASNWDLVLNHGQEYVCLVERLRELEPGEP
LDEAARG(MSE)KFDLLVRILENDAAVRDLALPQLARLSDLLGR(MSE)KRQQSLLATYSGKANGT
;
_entity_poly.pdbx_seq_one_letter_code_can   
;MSSRPQREKSMTALTQHAPVLEIYQDIANLTSRMLAAANASNWDLVLNHGQEYVCLVERLRELEPGEPLDEAARGMKFDL
LVRILENDAAVRDLALPQLARLSDLLGRMKRQQSLLATYSGKANGT
;
_entity_poly.pdbx_strand_id                 A,B 
_entity_poly.pdbx_target_identifier         APC7626 
# 
loop_
_pdbx_entity_nonpoly.entity_id 
_pdbx_entity_nonpoly.name 
_pdbx_entity_nonpoly.comp_id 
2 'UNKNOWN LIGAND' UNL 
3 water            HOH 
# 
loop_
_entity_poly_seq.entity_id 
_entity_poly_seq.num 
_entity_poly_seq.mon_id 
_entity_poly_seq.hetero 
1 1   MSE n 
1 2   SER n 
1 3   SER n 
1 4   ARG n 
1 5   PRO n 
1 6   GLN n 
1 7   ARG n 
1 8   GLU n 
1 9   LYS n 
1 10  SER n 
1 11  MSE n 
1 12  THR n 
1 13  ALA n 
1 14  LEU n 
1 15  THR n 
1 16  GLN n 
1 17  HIS n 
1 18  ALA n 
1 19  PRO n 
1 20  VAL n 
1 21  LEU n 
1 22  GLU n 
1 23  ILE n 
1 24  TYR n 
1 25  GLN n 
1 26  ASP n 
1 27  ILE n 
1 28  ALA n 
1 29  ASN n 
1 30  LEU n 
1 31  THR n 
1 32  SER n 
1 33  ARG n 
1 34  MSE n 
1 35  LEU n 
1 36  ALA n 
1 37  ALA n 
1 38  ALA n 
1 39  ASN n 
1 40  ALA n 
1 41  SER n 
1 42  ASN n 
1 43  TRP n 
1 44  ASP n 
1 45  LEU n 
1 46  VAL n 
1 47  LEU n 
1 48  ASN n 
1 49  HIS n 
1 50  GLY n 
1 51  GLN n 
1 52  GLU n 
1 53  TYR n 
1 54  VAL n 
1 55  CYS n 
1 56  LEU n 
1 57  VAL n 
1 58  GLU n 
1 59  ARG n 
1 60  LEU n 
1 61  ARG n 
1 62  GLU n 
1 63  LEU n 
1 64  GLU n 
1 65  PRO n 
1 66  GLY n 
1 67  GLU n 
1 68  PRO n 
1 69  LEU n 
1 70  ASP n 
1 71  GLU n 
1 72  ALA n 
1 73  ALA n 
1 74  ARG n 
1 75  GLY n 
1 76  MSE n 
1 77  LYS n 
1 78  PHE n 
1 79  ASP n 
1 80  LEU n 
1 81  LEU n 
1 82  VAL n 
1 83  ARG n 
1 84  ILE n 
1 85  LEU n 
1 86  GLU n 
1 87  ASN n 
1 88  ASP n 
1 89  ALA n 
1 90  ALA n 
1 91  VAL n 
1 92  ARG n 
1 93  ASP n 
1 94  LEU n 
1 95  ALA n 
1 96  LEU n 
1 97  PRO n 
1 98  GLN n 
1 99  LEU n 
1 100 ALA n 
1 101 ARG n 
1 102 LEU n 
1 103 SER n 
1 104 ASP n 
1 105 LEU n 
1 106 LEU n 
1 107 GLY n 
1 108 ARG n 
1 109 MSE n 
1 110 LYS n 
1 111 ARG n 
1 112 GLN n 
1 113 GLN n 
1 114 SER n 
1 115 LEU n 
1 116 LEU n 
1 117 ALA n 
1 118 THR n 
1 119 TYR n 
1 120 SER n 
1 121 GLY n 
1 122 LYS n 
1 123 ALA n 
1 124 ASN n 
1 125 GLY n 
1 126 THR n 
# 
_entity_src_gen.entity_id                          1 
_entity_src_gen.pdbx_src_id                        1 
_entity_src_gen.pdbx_alt_source_flag               sample 
_entity_src_gen.pdbx_seq_type                      ? 
_entity_src_gen.pdbx_beg_seq_num                   ? 
_entity_src_gen.pdbx_end_seq_num                   ? 
_entity_src_gen.gene_src_common_name               'Alcaligenes bronchisepticus' 
_entity_src_gen.gene_src_genus                     ? 
_entity_src_gen.pdbx_gene_src_gene                 'BB2593, fliT' 
_entity_src_gen.gene_src_species                   ? 
_entity_src_gen.gene_src_strain                    ? 
_entity_src_gen.gene_src_tissue                    ? 
_entity_src_gen.gene_src_tissue_fraction           ? 
_entity_src_gen.gene_src_details                   ? 
_entity_src_gen.pdbx_gene_src_fragment             ? 
_entity_src_gen.pdbx_gene_src_scientific_name      'Bordetella bronchiseptica' 
_entity_src_gen.pdbx_gene_src_ncbi_taxonomy_id     518 
_entity_src_gen.pdbx_gene_src_variant              ? 
_entity_src_gen.pdbx_gene_src_cell_line            ? 
_entity_src_gen.pdbx_gene_src_atcc                 ? 
_entity_src_gen.pdbx_gene_src_organ                ? 
_entity_src_gen.pdbx_gene_src_organelle            ? 
_entity_src_gen.pdbx_gene_src_cell                 ? 
_entity_src_gen.pdbx_gene_src_cellular_location    ? 
_entity_src_gen.host_org_common_name               ? 
_entity_src_gen.pdbx_host_org_scientific_name      'Escherichia coli' 
_entity_src_gen.pdbx_host_org_ncbi_taxonomy_id     562 
_entity_src_gen.host_org_genus                     ? 
_entity_src_gen.pdbx_host_org_gene                 ? 
_entity_src_gen.pdbx_host_org_organ                ? 
_entity_src_gen.host_org_species                   ? 
_entity_src_gen.pdbx_host_org_tissue               ? 
_entity_src_gen.pdbx_host_org_tissue_fraction      ? 
_entity_src_gen.pdbx_host_org_strain               'Bl21 Gold (de3)' 
_entity_src_gen.pdbx_host_org_variant              ? 
_entity_src_gen.pdbx_host_org_cell_line            ? 
_entity_src_gen.pdbx_host_org_atcc                 ? 
_entity_src_gen.pdbx_host_org_culture_collection   ? 
_entity_src_gen.pdbx_host_org_cell                 ? 
_entity_src_gen.pdbx_host_org_organelle            ? 
_entity_src_gen.pdbx_host_org_cellular_location    ? 
_entity_src_gen.pdbx_host_org_vector_type          PLASMID 
_entity_src_gen.pdbx_host_org_vector               ? 
_entity_src_gen.host_org_details                   ? 
_entity_src_gen.expression_system_id               ? 
_entity_src_gen.plasmid_name                       'P15TV LIC' 
_entity_src_gen.plasmid_details                    ? 
_entity_src_gen.pdbx_description                   ? 
# 
loop_
_chem_comp.id 
_chem_comp.type 
_chem_comp.mon_nstd_flag 
_chem_comp.name 
_chem_comp.pdbx_synonyms 
_chem_comp.formula 
_chem_comp.formula_weight 
ALA 'L-peptide linking' y ALANINE          ? 'C3 H7 N O2'     89.093  
ARG 'L-peptide linking' y ARGININE         ? 'C6 H15 N4 O2 1' 175.209 
ASN 'L-peptide linking' y ASPARAGINE       ? 'C4 H8 N2 O3'    132.118 
ASP 'L-peptide linking' y 'ASPARTIC ACID'  ? 'C4 H7 N O4'     133.103 
CYS 'L-peptide linking' y CYSTEINE         ? 'C3 H7 N O2 S'   121.158 
GLN 'L-peptide linking' y GLUTAMINE        ? 'C5 H10 N2 O3'   146.144 
GLU 'L-peptide linking' y 'GLUTAMIC ACID'  ? 'C5 H9 N O4'     147.129 
GLY 'peptide linking'   y GLYCINE          ? 'C2 H5 N O2'     75.067  
HIS 'L-peptide linking' y HISTIDINE        ? 'C6 H10 N3 O2 1' 156.162 
HOH non-polymer         . WATER            ? 'H2 O'           18.015  
ILE 'L-peptide linking' y ISOLEUCINE       ? 'C6 H13 N O2'    131.173 
LEU 'L-peptide linking' y LEUCINE          ? 'C6 H13 N O2'    131.173 
LYS 'L-peptide linking' y LYSINE           ? 'C6 H15 N2 O2 1' 147.195 
MSE 'L-peptide linking' n SELENOMETHIONINE ? 'C5 H11 N O2 Se' 196.106 
PHE 'L-peptide linking' y PHENYLALANINE    ? 'C9 H11 N O2'    165.189 
PRO 'L-peptide linking' y PROLINE          ? 'C5 H9 N O2'     115.130 
SER 'L-peptide linking' y SERINE           ? 'C3 H7 N O3'     105.093 
THR 'L-peptide linking' y THREONINE        ? 'C4 H9 N O3'     119.119 
TRP 'L-peptide linking' y TRYPTOPHAN       ? 'C11 H12 N2 O2'  204.225 
TYR 'L-peptide linking' y TYROSINE         ? 'C9 H11 N O3'    181.189 
UNL non-polymer         . 'UNKNOWN LIGAND' ? ?                ?       
VAL 'L-peptide linking' y VALINE           ? 'C5 H11 N O2'    117.146 
# 
loop_
_pdbx_poly_seq_scheme.asym_id 
_pdbx_poly_seq_scheme.entity_id 
_pdbx_poly_seq_scheme.seq_id 
_pdbx_poly_seq_scheme.mon_id 
_pdbx_poly_seq_scheme.ndb_seq_num 
_pdbx_poly_seq_scheme.pdb_seq_num 
_pdbx_poly_seq_scheme.auth_seq_num 
_pdbx_poly_seq_scheme.pdb_mon_id 
_pdbx_poly_seq_scheme.auth_mon_id 
_pdbx_poly_seq_scheme.pdb_strand_id 
_pdbx_poly_seq_scheme.pdb_ins_code 
_pdbx_poly_seq_scheme.hetero 
A 1 1   MSE 1   1   ?   ?   ?   A . n 
A 1 2   SER 2   2   ?   ?   ?   A . n 
A 1 3   SER 3   3   ?   ?   ?   A . n 
A 1 4   ARG 4   4   ?   ?   ?   A . n 
A 1 5   PRO 5   5   ?   ?   ?   A . n 
A 1 6   GLN 6   6   ?   ?   ?   A . n 
A 1 7   ARG 7   7   ?   ?   ?   A . n 
A 1 8   GLU 8   8   ?   ?   ?   A . n 
A 1 9   LYS 9   9   ?   ?   ?   A . n 
A 1 10  SER 10  10  ?   ?   ?   A . n 
A 1 11  MSE 11  11  ?   ?   ?   A . n 
A 1 12  THR 12  12  ?   ?   ?   A . n 
A 1 13  ALA 13  13  ?   ?   ?   A . n 
A 1 14  LEU 14  14  ?   ?   ?   A . n 
A 1 15  THR 15  15  ?   ?   ?   A . n 
A 1 16  GLN 16  16  ?   ?   ?   A . n 
A 1 17  HIS 17  17  ?   ?   ?   A . n 
A 1 18  ALA 18  18  18  ALA ALA A . n 
A 1 19  PRO 19  19  19  PRO PRO A . n 
A 1 20  VAL 20  20  20  VAL VAL A . n 
A 1 21  LEU 21  21  21  LEU LEU A . n 
A 1 22  GLU 22  22  22  GLU GLU A . n 
A 1 23  ILE 23  23  23  ILE ILE A . n 
A 1 24  TYR 24  24  24  TYR TYR A . n 
A 1 25  GLN 25  25  25  GLN GLN A . n 
A 1 26  ASP 26  26  26  ASP ASP A . n 
A 1 27  ILE 27  27  27  ILE ILE A . n 
A 1 28  ALA 28  28  28  ALA ALA A . n 
A 1 29  ASN 29  29  29  ASN ASN A . n 
A 1 30  LEU 30  30  30  LEU LEU A . n 
A 1 31  THR 31  31  31  THR THR A . n 
A 1 32  SER 32  32  32  SER SER A . n 
A 1 33  ARG 33  33  33  ARG ARG A . n 
A 1 34  MSE 34  34  34  MSE MSE A . n 
A 1 35  LEU 35  35  35  LEU LEU A . n 
A 1 36  ALA 36  36  36  ALA ALA A . n 
A 1 37  ALA 37  37  37  ALA ALA A . n 
A 1 38  ALA 38  38  38  ALA ALA A . n 
A 1 39  ASN 39  39  39  ASN ASN A . n 
A 1 40  ALA 40  40  40  ALA ALA A . n 
A 1 41  SER 41  41  41  SER SER A . n 
A 1 42  ASN 42  42  42  ASN ASN A . n 
A 1 43  TRP 43  43  43  TRP TRP A . n 
A 1 44  ASP 44  44  44  ASP ASP A . n 
A 1 45  LEU 45  45  45  LEU LEU A . n 
A 1 46  VAL 46  46  46  VAL VAL A . n 
A 1 47  LEU 47  47  47  LEU LEU A . n 
A 1 48  ASN 48  48  48  ASN ASN A . n 
A 1 49  HIS 49  49  49  HIS HIS A . n 
A 1 50  GLY 50  50  50  GLY GLY A . n 
A 1 51  GLN 51  51  51  GLN GLN A . n 
A 1 52  GLU 52  52  52  GLU GLU A . n 
A 1 53  TYR 53  53  53  TYR TYR A . n 
A 1 54  VAL 54  54  54  VAL VAL A . n 
A 1 55  CYS 55  55  55  CYS CYS A . n 
A 1 56  LEU 56  56  56  LEU LEU A . n 
A 1 57  VAL 57  57  57  VAL VAL A . n 
A 1 58  GLU 58  58  58  GLU GLU A . n 
A 1 59  ARG 59  59  59  ARG ARG A . n 
A 1 60  LEU 60  60  60  LEU LEU A . n 
A 1 61  ARG 61  61  61  ARG ARG A . n 
A 1 62  GLU 62  62  62  GLU GLU A . n 
A 1 63  LEU 63  63  63  LEU LEU A . n 
A 1 64  GLU 64  64  64  GLU GLU A . n 
A 1 65  PRO 65  65  65  PRO PRO A . n 
A 1 66  GLY 66  66  66  GLY GLY A . n 
A 1 67  GLU 67  67  67  GLU GLU A . n 
A 1 68  PRO 68  68  68  PRO PRO A . n 
A 1 69  LEU 69  69  69  LEU LEU A . n 
A 1 70  ASP 70  70  70  ASP ASP A . n 
A 1 71  GLU 71  71  71  GLU GLU A . n 
A 1 72  ALA 72  72  72  ALA ALA A . n 
A 1 73  ALA 73  73  73  ALA ALA A . n 
A 1 74  ARG 74  74  74  ARG ARG A . n 
A 1 75  GLY 75  75  75  GLY GLY A . n 
A 1 76  MSE 76  76  76  MSE MSE A . n 
A 1 77  LYS 77  77  77  LYS LYS A . n 
A 1 78  PHE 78  78  78  PHE PHE A . n 
A 1 79  ASP 79  79  79  ASP ASP A . n 
A 1 80  LEU 80  80  80  LEU LEU A . n 
A 1 81  LEU 81  81  81  LEU LEU A . n 
A 1 82  VAL 82  82  82  VAL VAL A . n 
A 1 83  ARG 83  83  83  ARG ARG A . n 
A 1 84  ILE 84  84  84  ILE ILE A . n 
A 1 85  LEU 85  85  85  LEU LEU A . n 
A 1 86  GLU 86  86  86  GLU GLU A . n 
A 1 87  ASN 87  87  87  ASN ASN A . n 
A 1 88  ASP 88  88  88  ASP ASP A . n 
A 1 89  ALA 89  89  89  ALA ALA A . n 
A 1 90  ALA 90  90  90  ALA ALA A . n 
A 1 91  VAL 91  91  91  VAL VAL A . n 
A 1 92  ARG 92  92  92  ARG ARG A . n 
A 1 93  ASP 93  93  93  ASP ASP A . n 
A 1 94  LEU 94  94  94  LEU LEU A . n 
A 1 95  ALA 95  95  95  ALA ALA A . n 
A 1 96  LEU 96  96  96  LEU LEU A . n 
A 1 97  PRO 97  97  97  PRO PRO A . n 
A 1 98  GLN 98  98  98  GLN GLN A . n 
A 1 99  LEU 99  99  99  LEU LEU A . n 
A 1 100 ALA 100 100 100 ALA ALA A . n 
A 1 101 ARG 101 101 101 ARG ARG A . n 
A 1 102 LEU 102 102 102 LEU LEU A . n 
A 1 103 SER 103 103 103 SER SER A . n 
A 1 104 ASP 104 104 104 ASP ASP A . n 
A 1 105 LEU 105 105 105 LEU LEU A . n 
A 1 106 LEU 106 106 106 LEU LEU A . n 
A 1 107 GLY 107 107 ?   ?   ?   A . n 
A 1 108 ARG 108 108 ?   ?   ?   A . n 
A 1 109 MSE 109 109 ?   ?   ?   A . n 
A 1 110 LYS 110 110 ?   ?   ?   A . n 
A 1 111 ARG 111 111 ?   ?   ?   A . n 
A 1 112 GLN 112 112 ?   ?   ?   A . n 
A 1 113 GLN 113 113 ?   ?   ?   A . n 
A 1 114 SER 114 114 ?   ?   ?   A . n 
A 1 115 LEU 115 115 ?   ?   ?   A . n 
A 1 116 LEU 116 116 ?   ?   ?   A . n 
A 1 117 ALA 117 117 ?   ?   ?   A . n 
A 1 118 THR 118 118 ?   ?   ?   A . n 
A 1 119 TYR 119 119 ?   ?   ?   A . n 
A 1 120 SER 120 120 ?   ?   ?   A . n 
A 1 121 GLY 121 121 ?   ?   ?   A . n 
A 1 122 LYS 122 122 ?   ?   ?   A . n 
A 1 123 ALA 123 123 ?   ?   ?   A . n 
A 1 124 ASN 124 124 ?   ?   ?   A . n 
A 1 125 GLY 125 125 ?   ?   ?   A . n 
A 1 126 THR 126 126 ?   ?   ?   A . n 
B 1 1   MSE 1   1   ?   ?   ?   B . n 
B 1 2   SER 2   2   ?   ?   ?   B . n 
B 1 3   SER 3   3   ?   ?   ?   B . n 
B 1 4   ARG 4   4   ?   ?   ?   B . n 
B 1 5   PRO 5   5   ?   ?   ?   B . n 
B 1 6   GLN 6   6   ?   ?   ?   B . n 
B 1 7   ARG 7   7   ?   ?   ?   B . n 
B 1 8   GLU 8   8   ?   ?   ?   B . n 
B 1 9   LYS 9   9   ?   ?   ?   B . n 
B 1 10  SER 10  10  ?   ?   ?   B . n 
B 1 11  MSE 11  11  ?   ?   ?   B . n 
B 1 12  THR 12  12  ?   ?   ?   B . n 
B 1 13  ALA 13  13  ?   ?   ?   B . n 
B 1 14  LEU 14  14  ?   ?   ?   B . n 
B 1 15  THR 15  15  ?   ?   ?   B . n 
B 1 16  GLN 16  16  ?   ?   ?   B . n 
B 1 17  HIS 17  17  ?   ?   ?   B . n 
B 1 18  ALA 18  18  ?   ?   ?   B . n 
B 1 19  PRO 19  19  19  PRO PRO B . n 
B 1 20  VAL 20  20  20  VAL VAL B . n 
B 1 21  LEU 21  21  21  LEU LEU B . n 
B 1 22  GLU 22  22  22  GLU GLU B . n 
B 1 23  ILE 23  23  23  ILE ILE B . n 
B 1 24  TYR 24  24  24  TYR TYR B . n 
B 1 25  GLN 25  25  25  GLN GLN B . n 
B 1 26  ASP 26  26  26  ASP ASP B . n 
B 1 27  ILE 27  27  27  ILE ILE B . n 
B 1 28  ALA 28  28  28  ALA ALA B . n 
B 1 29  ASN 29  29  29  ASN ASN B . n 
B 1 30  LEU 30  30  30  LEU LEU B . n 
B 1 31  THR 31  31  31  THR THR B . n 
B 1 32  SER 32  32  32  SER SER B . n 
B 1 33  ARG 33  33  33  ARG ARG B . n 
B 1 34  MSE 34  34  34  MSE MSE B . n 
B 1 35  LEU 35  35  35  LEU LEU B . n 
B 1 36  ALA 36  36  36  ALA ALA B . n 
B 1 37  ALA 37  37  37  ALA ALA B . n 
B 1 38  ALA 38  38  38  ALA ALA B . n 
B 1 39  ASN 39  39  39  ASN ASN B . n 
B 1 40  ALA 40  40  40  ALA ALA B . n 
B 1 41  SER 41  41  41  SER SER B . n 
B 1 42  ASN 42  42  42  ASN ASN B . n 
B 1 43  TRP 43  43  43  TRP TRP B . n 
B 1 44  ASP 44  44  44  ASP ASP B . n 
B 1 45  LEU 45  45  45  LEU LEU B . n 
B 1 46  VAL 46  46  46  VAL VAL B . n 
B 1 47  LEU 47  47  47  LEU LEU B . n 
B 1 48  ASN 48  48  48  ASN ASN B . n 
B 1 49  HIS 49  49  49  HIS HIS B . n 
B 1 50  GLY 50  50  50  GLY GLY B . n 
B 1 51  GLN 51  51  51  GLN GLN B . n 
B 1 52  GLU 52  52  52  GLU GLU B . n 
B 1 53  TYR 53  53  53  TYR TYR B . n 
B 1 54  VAL 54  54  54  VAL VAL B . n 
B 1 55  CYS 55  55  55  CYS CYS B . n 
B 1 56  LEU 56  56  56  LEU LEU B . n 
B 1 57  VAL 57  57  57  VAL VAL B . n 
B 1 58  GLU 58  58  58  GLU GLU B . n 
B 1 59  ARG 59  59  59  ARG ARG B . n 
B 1 60  LEU 60  60  60  LEU LEU B . n 
B 1 61  ARG 61  61  61  ARG ARG B . n 
B 1 62  GLU 62  62  62  GLU GLU B . n 
B 1 63  LEU 63  63  ?   ?   ?   B . n 
B 1 64  GLU 64  64  ?   ?   ?   B . n 
B 1 65  PRO 65  65  ?   ?   ?   B . n 
B 1 66  GLY 66  66  ?   ?   ?   B . n 
B 1 67  GLU 67  67  ?   ?   ?   B . n 
B 1 68  PRO 68  68  ?   ?   ?   B . n 
B 1 69  LEU 69  69  69  LEU LEU B . n 
B 1 70  ASP 70  70  70  ASP ASP B . n 
B 1 71  GLU 71  71  71  GLU GLU B . n 
B 1 72  ALA 72  72  72  ALA ALA B . n 
B 1 73  ALA 73  73  73  ALA ALA B . n 
B 1 74  ARG 74  74  74  ARG ARG B . n 
B 1 75  GLY 75  75  75  GLY GLY B . n 
B 1 76  MSE 76  76  76  MSE MSE B . n 
B 1 77  LYS 77  77  77  LYS LYS B . n 
B 1 78  PHE 78  78  78  PHE PHE B . n 
B 1 79  ASP 79  79  79  ASP ASP B . n 
B 1 80  LEU 80  80  80  LEU LEU B . n 
B 1 81  LEU 81  81  81  LEU LEU B . n 
B 1 82  VAL 82  82  82  VAL VAL B . n 
B 1 83  ARG 83  83  83  ARG ARG B . n 
B 1 84  ILE 84  84  84  ILE ILE B . n 
B 1 85  LEU 85  85  85  LEU LEU B . n 
B 1 86  GLU 86  86  86  GLU GLU B . n 
B 1 87  ASN 87  87  87  ASN ASN B . n 
B 1 88  ASP 88  88  88  ASP ASP B . n 
B 1 89  ALA 89  89  89  ALA ALA B . n 
B 1 90  ALA 90  90  90  ALA ALA B . n 
B 1 91  VAL 91  91  91  VAL VAL B . n 
B 1 92  ARG 92  92  92  ARG ARG B . n 
B 1 93  ASP 93  93  93  ASP ASP B . n 
B 1 94  LEU 94  94  94  LEU LEU B . n 
B 1 95  ALA 95  95  95  ALA ALA B . n 
B 1 96  LEU 96  96  96  LEU LEU B . n 
B 1 97  PRO 97  97  97  PRO PRO B . n 
B 1 98  GLN 98  98  98  GLN GLN B . n 
B 1 99  LEU 99  99  99  LEU LEU B . n 
B 1 100 ALA 100 100 100 ALA ALA B . n 
B 1 101 ARG 101 101 101 ARG ARG B . n 
B 1 102 LEU 102 102 102 LEU LEU B . n 
B 1 103 SER 103 103 103 SER SER B . n 
B 1 104 ASP 104 104 104 ASP ASP B . n 
B 1 105 LEU 105 105 105 LEU LEU B . n 
B 1 106 LEU 106 106 106 LEU LEU B . n 
B 1 107 GLY 107 107 ?   ?   ?   B . n 
B 1 108 ARG 108 108 ?   ?   ?   B . n 
B 1 109 MSE 109 109 ?   ?   ?   B . n 
B 1 110 LYS 110 110 ?   ?   ?   B . n 
B 1 111 ARG 111 111 ?   ?   ?   B . n 
B 1 112 GLN 112 112 ?   ?   ?   B . n 
B 1 113 GLN 113 113 ?   ?   ?   B . n 
B 1 114 SER 114 114 ?   ?   ?   B . n 
B 1 115 LEU 115 115 ?   ?   ?   B . n 
B 1 116 LEU 116 116 ?   ?   ?   B . n 
B 1 117 ALA 117 117 ?   ?   ?   B . n 
B 1 118 THR 118 118 ?   ?   ?   B . n 
B 1 119 TYR 119 119 ?   ?   ?   B . n 
B 1 120 SER 120 120 ?   ?   ?   B . n 
B 1 121 GLY 121 121 ?   ?   ?   B . n 
B 1 122 LYS 122 122 ?   ?   ?   B . n 
B 1 123 ALA 123 123 ?   ?   ?   B . n 
B 1 124 ASN 124 124 ?   ?   ?   B . n 
B 1 125 GLY 125 125 ?   ?   ?   B . n 
B 1 126 THR 126 126 ?   ?   ?   B . n 
# 
loop_
_pdbx_nonpoly_scheme.asym_id 
_pdbx_nonpoly_scheme.entity_id 
_pdbx_nonpoly_scheme.mon_id 
_pdbx_nonpoly_scheme.ndb_seq_num 
_pdbx_nonpoly_scheme.pdb_seq_num 
_pdbx_nonpoly_scheme.auth_seq_num 
_pdbx_nonpoly_scheme.pdb_mon_id 
_pdbx_nonpoly_scheme.auth_mon_id 
_pdbx_nonpoly_scheme.pdb_strand_id 
_pdbx_nonpoly_scheme.pdb_ins_code 
C 2 UNL 1 127 11 UNL UNK B . 
D 3 HOH 1 127 2  HOH HOH A . 
D 3 HOH 2 128 3  HOH HOH A . 
D 3 HOH 3 129 5  HOH HOH A . 
D 3 HOH 4 130 6  HOH HOH A . 
D 3 HOH 5 131 7  HOH HOH A . 
D 3 HOH 6 132 8  HOH HOH A . 
D 3 HOH 7 133 9  HOH HOH A . 
E 3 HOH 1 128 1  HOH HOH B . 
E 3 HOH 2 129 4  HOH HOH B . 
E 3 HOH 3 130 10 HOH HOH B . 
# 
loop_
_pdbx_unobs_or_zero_occ_atoms.id 
_pdbx_unobs_or_zero_occ_atoms.PDB_model_num 
_pdbx_unobs_or_zero_occ_atoms.polymer_flag 
_pdbx_unobs_or_zero_occ_atoms.occupancy_flag 
_pdbx_unobs_or_zero_occ_atoms.auth_asym_id 
_pdbx_unobs_or_zero_occ_atoms.auth_comp_id 
_pdbx_unobs_or_zero_occ_atoms.auth_seq_id 
_pdbx_unobs_or_zero_occ_atoms.PDB_ins_code 
_pdbx_unobs_or_zero_occ_atoms.auth_atom_id 
_pdbx_unobs_or_zero_occ_atoms.label_alt_id 
_pdbx_unobs_or_zero_occ_atoms.label_asym_id 
_pdbx_unobs_or_zero_occ_atoms.label_comp_id 
_pdbx_unobs_or_zero_occ_atoms.label_seq_id 
_pdbx_unobs_or_zero_occ_atoms.label_atom_id 
1  1 Y 1 A LEU 21  ? CG  ? A LEU 21  CG  
2  1 Y 1 A LEU 21  ? CD1 ? A LEU 21  CD1 
3  1 Y 1 A LEU 21  ? CD2 ? A LEU 21  CD2 
4  1 Y 1 A GLU 22  ? CG  ? A GLU 22  CG  
5  1 Y 1 A GLU 22  ? CD  ? A GLU 22  CD  
6  1 Y 1 A GLU 22  ? OE1 ? A GLU 22  OE1 
7  1 Y 1 A GLU 22  ? OE2 ? A GLU 22  OE2 
8  1 Y 1 A GLN 51  ? CD  ? A GLN 51  CD  
9  1 Y 1 A GLN 51  ? OE1 ? A GLN 51  OE1 
10 1 Y 1 A GLN 51  ? NE2 ? A GLN 51  NE2 
11 1 Y 1 A GLU 58  ? CD  ? A GLU 58  CD  
12 1 Y 1 A GLU 58  ? OE1 ? A GLU 58  OE1 
13 1 Y 1 A GLU 58  ? OE2 ? A GLU 58  OE2 
14 1 Y 1 A ARG 59  ? CD  ? A ARG 59  CD  
15 1 Y 1 A ARG 59  ? NE  ? A ARG 59  NE  
16 1 Y 1 A ARG 59  ? CZ  ? A ARG 59  CZ  
17 1 Y 1 A ARG 59  ? NH1 ? A ARG 59  NH1 
18 1 Y 1 A ARG 59  ? NH2 ? A ARG 59  NH2 
19 1 Y 1 A LEU 63  ? CD1 ? A LEU 63  CD1 
20 1 Y 1 A LEU 63  ? CD2 ? A LEU 63  CD2 
21 1 Y 1 A LEU 69  ? CD1 ? A LEU 69  CD1 
22 1 Y 1 A LEU 69  ? CD2 ? A LEU 69  CD2 
23 1 Y 1 A ASP 70  ? CG  ? A ASP 70  CG  
24 1 Y 1 A ASP 70  ? OD1 ? A ASP 70  OD1 
25 1 Y 1 A ASP 70  ? OD2 ? A ASP 70  OD2 
26 1 Y 1 A GLU 71  ? CD  ? A GLU 71  CD  
27 1 Y 1 A GLU 71  ? OE1 ? A GLU 71  OE1 
28 1 Y 1 A GLU 71  ? OE2 ? A GLU 71  OE2 
29 1 Y 1 A ASP 104 ? OD1 ? A ASP 104 OD1 
30 1 Y 1 A ASP 104 ? OD2 ? A ASP 104 OD2 
31 1 Y 1 B GLU 22  ? CG  ? B GLU 22  CG  
32 1 Y 1 B GLU 22  ? CD  ? B GLU 22  CD  
33 1 Y 1 B GLU 22  ? OE1 ? B GLU 22  OE1 
34 1 Y 1 B GLU 22  ? OE2 ? B GLU 22  OE2 
35 1 Y 1 B GLN 25  ? CD  ? B GLN 25  CD  
36 1 Y 1 B GLN 25  ? OE1 ? B GLN 25  OE1 
37 1 Y 1 B GLN 25  ? NE2 ? B GLN 25  NE2 
38 1 Y 1 B ASN 48  ? OD1 ? B ASN 48  OD1 
39 1 Y 1 B ASN 48  ? ND2 ? B ASN 48  ND2 
40 1 Y 1 B GLN 51  ? CD  ? B GLN 51  CD  
41 1 Y 1 B GLN 51  ? OE1 ? B GLN 51  OE1 
42 1 Y 1 B GLN 51  ? NE2 ? B GLN 51  NE2 
43 1 Y 1 B ARG 59  ? CD  ? B ARG 59  CD  
44 1 Y 1 B ARG 59  ? NE  ? B ARG 59  NE  
45 1 Y 1 B ARG 59  ? CZ  ? B ARG 59  CZ  
46 1 Y 1 B ARG 59  ? NH1 ? B ARG 59  NH1 
47 1 Y 1 B ARG 59  ? NH2 ? B ARG 59  NH2 
48 1 Y 1 B LEU 69  ? CG  ? B LEU 69  CG  
49 1 Y 1 B LEU 69  ? CD1 ? B LEU 69  CD1 
50 1 Y 1 B LEU 69  ? CD2 ? B LEU 69  CD2 
# 
loop_
_software.name 
_software.classification 
_software.version 
_software.citation_id 
_software.pdbx_ordinal 
HKL-3000 'data collection' .        ? 1  
HKL-3000 phasing           .        ? 2  
MLPHARE  phasing           .        ? 3  
DM       'model building'  .        ? 4  
SHELXD   phasing           .        ? 5  
RESOLVE  'model building'  .        ? 6  
REFMAC   refinement        5.5.0089 ? 7  
HKL-3000 'data reduction'  .        ? 8  
HKL-3000 'data scaling'    .        ? 9  
DM       phasing           .        ? 10 
RESOLVE  phasing           .        ? 11 
# 
_cell.entry_id           3H3M 
_cell.length_a           67.751 
_cell.length_b           67.751 
_cell.length_c           82.289 
_cell.angle_alpha        90.00 
_cell.angle_beta         90.00 
_cell.angle_gamma        90.00 
_cell.Z_PDB              16 
_cell.pdbx_unique_axis   ? 
_cell.length_a_esd       ? 
_cell.length_b_esd       ? 
_cell.length_c_esd       ? 
_cell.angle_alpha_esd    ? 
_cell.angle_beta_esd     ? 
_cell.angle_gamma_esd    ? 
# 
_symmetry.entry_id                         3H3M 
_symmetry.space_group_name_H-M             'P 41 21 2' 
_symmetry.pdbx_full_space_group_name_H-M   ? 
_symmetry.cell_setting                     ? 
_symmetry.Int_Tables_number                92 
_symmetry.space_group_name_Hall            ? 
# 
_exptl.entry_id          3H3M 
_exptl.method            'X-RAY DIFFRACTION' 
_exptl.crystals_number   1 
# 
_exptl_crystal.id                    1 
_exptl_crystal.density_meas          ? 
_exptl_crystal.density_Matthews      ? 
_exptl_crystal.density_percent_sol   ? 
_exptl_crystal.description           ? 
_exptl_crystal.F_000                 ? 
_exptl_crystal.preparation           ? 
# 
_exptl_crystal_grow.crystal_id      1 
_exptl_crystal_grow.method          'VAPOR DIFFUSION, HANGING DROP' 
_exptl_crystal_grow.temp            293 
_exptl_crystal_grow.temp_details    ? 
_exptl_crystal_grow.pH              ? 
_exptl_crystal_grow.pdbx_details    '0.2M POTASSIUM THIOCYANATE,30% PEG 2K MME, VAPOR DIFFUSION, HANGING DROP, temperature 293K' 
_exptl_crystal_grow.pdbx_pH_range   ? 
# 
_diffrn.id                     1 
_diffrn.ambient_temp           100.0 
_diffrn.ambient_temp_details   ? 
_diffrn.crystal_id             1 
# 
_diffrn_detector.diffrn_id              1 
_diffrn_detector.detector               CCD 
_diffrn_detector.type                   'ADSC QUANTUM 315r' 
_diffrn_detector.pdbx_collection_date   2009-04-07 
_diffrn_detector.details                MIRROR 
# 
_diffrn_radiation.diffrn_id                        1 
_diffrn_radiation.wavelength_id                    1 
_diffrn_radiation.pdbx_monochromatic_or_laue_m_l   M 
_diffrn_radiation.monochromator                    'SI-111 CHANNEL' 
_diffrn_radiation.pdbx_diffrn_protocol             'SINGLE WAVELENGTH' 
_diffrn_radiation.pdbx_scattering_type             x-ray 
# 
_diffrn_radiation_wavelength.id           1 
_diffrn_radiation_wavelength.wavelength   0.9793 
_diffrn_radiation_wavelength.wt           1.0 
# 
_diffrn_source.diffrn_id                   1 
_diffrn_source.source                      SYNCHROTRON 
_diffrn_source.type                        'APS BEAMLINE 19-ID' 
_diffrn_source.pdbx_synchrotron_site       APS 
_diffrn_source.pdbx_synchrotron_beamline   19-ID 
_diffrn_source.pdbx_wavelength             0.9793 
_diffrn_source.pdbx_wavelength_list        0.9793 
# 
_reflns.entry_id                     3H3M 
_reflns.observed_criterion_sigma_I   -3.000 
_reflns.observed_criterion_sigma_F   ? 
_reflns.d_resolution_low             41.400 
_reflns.d_resolution_high            2.500 
_reflns.number_obs                   6894 
_reflns.number_all                   ? 
_reflns.percent_possible_obs         97.3 
_reflns.pdbx_Rmerge_I_obs            0.10900 
_reflns.pdbx_Rsym_value              0.10900 
_reflns.pdbx_netI_over_sigmaI        18.9390 
_reflns.B_iso_Wilson_estimate        46.2 
_reflns.pdbx_redundancy              9.400 
_reflns.R_free_details               ? 
_reflns.limit_h_max                  ? 
_reflns.limit_h_min                  ? 
_reflns.limit_k_max                  ? 
_reflns.limit_k_min                  ? 
_reflns.limit_l_max                  ? 
_reflns.limit_l_min                  ? 
_reflns.observed_criterion_F_max     ? 
_reflns.observed_criterion_F_min     ? 
_reflns.pdbx_chi_squared             ? 
_reflns.pdbx_scaling_rejects         ? 
_reflns.pdbx_ordinal                 1 
_reflns.pdbx_diffrn_id               1 
# 
_reflns_shell.d_res_high             2.50 
_reflns_shell.d_res_low              2.54 
_reflns_shell.percent_possible_all   98.2 
_reflns_shell.Rmerge_I_obs           0.51200 
_reflns_shell.pdbx_Rsym_value        0.51200 
_reflns_shell.meanI_over_sigI_obs    2.900 
_reflns_shell.pdbx_redundancy        9.30 
_reflns_shell.percent_possible_obs   ? 
_reflns_shell.number_unique_all      ? 
_reflns_shell.number_measured_all    ? 
_reflns_shell.number_measured_obs    ? 
_reflns_shell.number_unique_obs      ? 
_reflns_shell.pdbx_chi_squared       ? 
_reflns_shell.pdbx_ordinal           1 
_reflns_shell.pdbx_diffrn_id         1 
# 
_refine.entry_id                                 3H3M 
_refine.ls_number_reflns_obs                     6875 
_refine.ls_number_reflns_all                     ? 
_refine.pdbx_ls_sigma_I                          ? 
_refine.pdbx_ls_sigma_F                          0.000 
_refine.pdbx_data_cutoff_high_absF               ? 
_refine.pdbx_data_cutoff_low_absF                ? 
_refine.pdbx_data_cutoff_high_rms_absF           ? 
_refine.ls_d_res_low                             41.40 
_refine.ls_d_res_high                            2.50 
_refine.ls_percent_reflns_obs                    97.530 
_refine.ls_R_factor_obs                          0.225 
_refine.ls_R_factor_all                          ? 
_refine.ls_R_factor_R_work                       0.222 
_refine.ls_R_factor_R_free                       0.271 
_refine.ls_R_factor_R_free_error                 ? 
_refine.ls_R_factor_R_free_error_details         ? 
_refine.ls_percent_reflns_R_free                 4.700 
_refine.ls_number_reflns_R_free                  326 
_refine.ls_number_parameters                     ? 
_refine.ls_number_restraints                     ? 
_refine.occupancy_min                            ? 
_refine.occupancy_max                            ? 
_refine.correlation_coeff_Fo_to_Fc               0.928 
_refine.correlation_coeff_Fo_to_Fc_free          0.892 
_refine.B_iso_mean                               10.87 
_refine.aniso_B[1][1]                            -0.29000 
_refine.aniso_B[2][2]                            -0.29000 
_refine.aniso_B[3][3]                            0.57000 
_refine.aniso_B[1][2]                            0.00000 
_refine.aniso_B[1][3]                            0.00000 
_refine.aniso_B[2][3]                            0.00000 
_refine.solvent_model_details                    'BABINET MODEL WITH MASK' 
_refine.solvent_model_param_ksol                 ? 
_refine.solvent_model_param_bsol                 ? 
_refine.pdbx_solvent_vdw_probe_radii             1.40 
_refine.pdbx_solvent_ion_probe_radii             0.80 
_refine.pdbx_solvent_shrinkage_radii             0.80 
_refine.pdbx_ls_cross_valid_method               THROUGHOUT 
_refine.details                                  'HYDROGENS HAVE BEEN ADDED IN THE' 
_refine.pdbx_starting_model                      ? 
_refine.pdbx_method_to_determine_struct          SAD 
_refine.pdbx_isotropic_thermal_model             ? 
_refine.pdbx_stereochemistry_target_values       'MAXIMUM LIKELIHOOD' 
_refine.pdbx_stereochem_target_val_spec_case     ? 
_refine.pdbx_R_Free_selection_details            RANDOM 
_refine.pdbx_overall_ESU_R                       0.566 
_refine.pdbx_overall_ESU_R_Free                  0.310 
_refine.overall_SU_ML                            0.225 
_refine.overall_SU_B                             21.502 
_refine.ls_redundancy_reflns_obs                 ? 
_refine.B_iso_min                                ? 
_refine.B_iso_max                                ? 
_refine.overall_SU_R_Cruickshank_DPI             ? 
_refine.overall_SU_R_free                        ? 
_refine.ls_wR_factor_R_free                      ? 
_refine.ls_wR_factor_R_work                      ? 
_refine.overall_FOM_free_R_set                   ? 
_refine.overall_FOM_work_R_set                   ? 
_refine.pdbx_overall_phase_error                 ? 
_refine.pdbx_refine_id                           'X-RAY DIFFRACTION' 
_refine.pdbx_TLS_residual_ADP_flag               'LIKELY RESIDUAL' 
_refine.pdbx_diffrn_id                           1 
_refine.pdbx_overall_SU_R_free_Cruickshank_DPI   ? 
_refine.pdbx_overall_SU_R_Blow_DPI               ? 
_refine.pdbx_overall_SU_R_free_Blow_DPI          ? 
# 
_refine_hist.pdbx_refine_id                   'X-RAY DIFFRACTION' 
_refine_hist.cycle_id                         LAST 
_refine_hist.pdbx_number_atoms_protein        1295 
_refine_hist.pdbx_number_atoms_nucleic_acid   0 
_refine_hist.pdbx_number_atoms_ligand         1 
_refine_hist.number_atoms_solvent             10 
_refine_hist.number_atoms_total               1306 
_refine_hist.d_res_high                       2.50 
_refine_hist.d_res_low                        41.40 
# 
loop_
_refine_ls_restr.type 
_refine_ls_restr.dev_ideal 
_refine_ls_restr.dev_ideal_target 
_refine_ls_restr.weight 
_refine_ls_restr.number 
_refine_ls_restr.pdbx_refine_id 
_refine_ls_restr.pdbx_restraint_function 
r_bond_refined_d       0.019  0.022  ? 1310 'X-RAY DIFFRACTION' ? 
r_bond_other_d         0.004  0.020  ? 861  'X-RAY DIFFRACTION' ? 
r_angle_refined_deg    1.651  1.989  ? 1779 'X-RAY DIFFRACTION' ? 
r_angle_other_deg      1.029  3.000  ? 2101 'X-RAY DIFFRACTION' ? 
r_dihedral_angle_1_deg 6.068  5.000  ? 168  'X-RAY DIFFRACTION' ? 
r_dihedral_angle_2_deg 33.443 23.929 ? 56   'X-RAY DIFFRACTION' ? 
r_dihedral_angle_3_deg 21.307 15.000 ? 220  'X-RAY DIFFRACTION' ? 
r_dihedral_angle_4_deg 28.352 15.000 ? 12   'X-RAY DIFFRACTION' ? 
r_chiral_restr         0.084  0.200  ? 217  'X-RAY DIFFRACTION' ? 
r_gen_planes_refined   0.007  0.020  ? 1455 'X-RAY DIFFRACTION' ? 
r_gen_planes_other     0.001  0.020  ? 251  'X-RAY DIFFRACTION' ? 
r_mcbond_it            0.871  1.500  ? 853  'X-RAY DIFFRACTION' ? 
r_mcbond_other         0.145  1.500  ? 342  'X-RAY DIFFRACTION' ? 
r_mcangle_it           1.675  2.000  ? 1353 'X-RAY DIFFRACTION' ? 
r_scbond_it            2.726  3.000  ? 457  'X-RAY DIFFRACTION' ? 
r_scangle_it           4.138  4.500  ? 426  'X-RAY DIFFRACTION' ? 
# 
_refine_ls_shell.pdbx_total_number_of_bins_used   20 
_refine_ls_shell.d_res_high                       2.50 
_refine_ls_shell.d_res_low                        2.57 
_refine_ls_shell.number_reflns_R_work             469 
_refine_ls_shell.R_factor_R_work                  0.2290 
_refine_ls_shell.percent_reflns_obs               98.20 
_refine_ls_shell.R_factor_R_free                  0.3520 
_refine_ls_shell.R_factor_R_free_error            ? 
_refine_ls_shell.percent_reflns_R_free            ? 
_refine_ls_shell.number_reflns_R_free             21 
_refine_ls_shell.number_reflns_all                ? 
_refine_ls_shell.R_factor_all                     ? 
_refine_ls_shell.number_reflns_obs                ? 
_refine_ls_shell.redundancy_reflns_obs            ? 
_refine_ls_shell.pdbx_refine_id                   'X-RAY DIFFRACTION' 
# 
_struct.entry_id                  3H3M 
_struct.title                     'Crystal structure of flagellar protein FliT from Bordetella bronchiseptica' 
_struct.pdbx_model_details        ? 
_struct.pdbx_CASP_flag            ? 
_struct.pdbx_model_type_details   ? 
# 
_struct_keywords.entry_id        3H3M 
_struct_keywords.pdbx_keywords   'STRUCTURAL GENOMICS' 
_struct_keywords.text            
'structural genomics, PSI-2, Protein Structure Initiative, Midwest Center for Structural Genomics, MCSG, Flagellum' 
# 
loop_
_struct_asym.id 
_struct_asym.pdbx_blank_PDB_chainid_flag 
_struct_asym.pdbx_modified 
_struct_asym.entity_id 
_struct_asym.details 
A N N 1 ? 
B N N 1 ? 
C N N 2 ? 
D N N 3 ? 
E N N 3 ? 
# 
_struct_ref.id                         1 
_struct_ref.db_name                    UNP 
_struct_ref.db_code                    Q7WJA6_BORBR 
_struct_ref.pdbx_db_accession          Q7WJA6 
_struct_ref.entity_id                  1 
_struct_ref.pdbx_seq_one_letter_code   
;MSSRPQREKSMTALTQHAPVLEIYQDIANLTSRMLAAANASNWDLVLNHGQEYVCLVERLRELEPGEPLDEAARGMKFDL
LVRILENDAAVRDLALPQLARLSDLLGRMKRQQSLLATYSGKANGT
;
_struct_ref.pdbx_align_begin           1 
_struct_ref.pdbx_db_isoform            ? 
# 
loop_
_struct_ref_seq.align_id 
_struct_ref_seq.ref_id 
_struct_ref_seq.pdbx_PDB_id_code 
_struct_ref_seq.pdbx_strand_id 
_struct_ref_seq.seq_align_beg 
_struct_ref_seq.pdbx_seq_align_beg_ins_code 
_struct_ref_seq.seq_align_end 
_struct_ref_seq.pdbx_seq_align_end_ins_code 
_struct_ref_seq.pdbx_db_accession 
_struct_ref_seq.db_align_beg 
_struct_ref_seq.pdbx_db_align_beg_ins_code 
_struct_ref_seq.db_align_end 
_struct_ref_seq.pdbx_db_align_end_ins_code 
_struct_ref_seq.pdbx_auth_seq_align_beg 
_struct_ref_seq.pdbx_auth_seq_align_end 
1 1 3H3M A 1 ? 126 ? Q7WJA6 1 ? 126 ? 1 126 
2 1 3H3M B 1 ? 126 ? Q7WJA6 1 ? 126 ? 1 126 
# 
_pdbx_struct_assembly.id                   1 
_pdbx_struct_assembly.details              author_and_software_defined_assembly 
_pdbx_struct_assembly.method_details       PISA 
_pdbx_struct_assembly.oligomeric_details   dimeric 
_pdbx_struct_assembly.oligomeric_count     2 
# 
loop_
_pdbx_struct_assembly_prop.biol_id 
_pdbx_struct_assembly_prop.type 
_pdbx_struct_assembly_prop.value 
_pdbx_struct_assembly_prop.details 
1 'ABSA (A^2)' 3480 ? 
1 MORE         -32  ? 
1 'SSA (A^2)'  8470 ? 
# 
_pdbx_struct_assembly_gen.assembly_id       1 
_pdbx_struct_assembly_gen.oper_expression   1 
_pdbx_struct_assembly_gen.asym_id_list      A,B,C,D,E 
# 
_pdbx_struct_oper_list.id                   1 
_pdbx_struct_oper_list.type                 'identity operation' 
_pdbx_struct_oper_list.name                 1_555 
_pdbx_struct_oper_list.symmetry_operation   x,y,z 
_pdbx_struct_oper_list.matrix[1][1]         1.0000000000 
_pdbx_struct_oper_list.matrix[1][2]         0.0000000000 
_pdbx_struct_oper_list.matrix[1][3]         0.0000000000 
_pdbx_struct_oper_list.vector[1]            0.0000000000 
_pdbx_struct_oper_list.matrix[2][1]         0.0000000000 
_pdbx_struct_oper_list.matrix[2][2]         1.0000000000 
_pdbx_struct_oper_list.matrix[2][3]         0.0000000000 
_pdbx_struct_oper_list.vector[2]            0.0000000000 
_pdbx_struct_oper_list.matrix[3][1]         0.0000000000 
_pdbx_struct_oper_list.matrix[3][2]         0.0000000000 
_pdbx_struct_oper_list.matrix[3][3]         1.0000000000 
_pdbx_struct_oper_list.vector[3]            0.0000000000 
# 
_struct_biol.id   1 
# 
loop_
_struct_conf.conf_type_id 
_struct_conf.id 
_struct_conf.pdbx_PDB_helix_id 
_struct_conf.beg_label_comp_id 
_struct_conf.beg_label_asym_id 
_struct_conf.beg_label_seq_id 
_struct_conf.pdbx_beg_PDB_ins_code 
_struct_conf.end_label_comp_id 
_struct_conf.end_label_asym_id 
_struct_conf.end_label_seq_id 
_struct_conf.pdbx_end_PDB_ins_code 
_struct_conf.beg_auth_comp_id 
_struct_conf.beg_auth_asym_id 
_struct_conf.beg_auth_seq_id 
_struct_conf.end_auth_comp_id 
_struct_conf.end_auth_asym_id 
_struct_conf.end_auth_seq_id 
_struct_conf.pdbx_PDB_helix_class 
_struct_conf.details 
_struct_conf.pdbx_PDB_helix_length 
HELX_P HELX_P1 1 PRO A 19 ? ALA A 40  ? PRO A 19 ALA A 40  1 ? 22 
HELX_P HELX_P2 2 ASN A 42 ? GLU A 64  ? ASN A 42 GLU A 64  1 ? 23 
HELX_P HELX_P3 3 GLU A 71 ? LEU A 106 ? GLU A 71 LEU A 106 1 ? 36 
HELX_P HELX_P4 4 VAL B 20 ? ALA B 40  ? VAL B 20 ALA B 40  1 ? 21 
HELX_P HELX_P5 5 ASN B 42 ? ARG B 61  ? ASN B 42 ARG B 61  1 ? 20 
HELX_P HELX_P6 6 ASP B 70 ? LEU B 106 ? ASP B 70 LEU B 106 1 ? 37 
# 
_struct_conf_type.id          HELX_P 
_struct_conf_type.criteria    ? 
_struct_conf_type.reference   ? 
# 
loop_
_struct_conn.id 
_struct_conn.conn_type_id 
_struct_conn.pdbx_leaving_atom_flag 
_struct_conn.pdbx_PDB_id 
_struct_conn.ptnr1_label_asym_id 
_struct_conn.ptnr1_label_comp_id 
_struct_conn.ptnr1_label_seq_id 
_struct_conn.ptnr1_label_atom_id 
_struct_conn.pdbx_ptnr1_label_alt_id 
_struct_conn.pdbx_ptnr1_PDB_ins_code 
_struct_conn.pdbx_ptnr1_standard_comp_id 
_struct_conn.ptnr1_symmetry 
_struct_conn.ptnr2_label_asym_id 
_struct_conn.ptnr2_label_comp_id 
_struct_conn.ptnr2_label_seq_id 
_struct_conn.ptnr2_label_atom_id 
_struct_conn.pdbx_ptnr2_label_alt_id 
_struct_conn.pdbx_ptnr2_PDB_ins_code 
_struct_conn.ptnr1_auth_asym_id 
_struct_conn.ptnr1_auth_comp_id 
_struct_conn.ptnr1_auth_seq_id 
_struct_conn.ptnr2_auth_asym_id 
_struct_conn.ptnr2_auth_comp_id 
_struct_conn.ptnr2_auth_seq_id 
_struct_conn.ptnr2_symmetry 
_struct_conn.pdbx_ptnr3_label_atom_id 
_struct_conn.pdbx_ptnr3_label_seq_id 
_struct_conn.pdbx_ptnr3_label_comp_id 
_struct_conn.pdbx_ptnr3_label_asym_id 
_struct_conn.pdbx_ptnr3_label_alt_id 
_struct_conn.pdbx_ptnr3_PDB_ins_code 
_struct_conn.details 
_struct_conn.pdbx_dist_value 
_struct_conn.pdbx_value_order 
_struct_conn.pdbx_role 
covale1 covale both ? A ARG 33 C ? ? ? 1_555 A MSE 34 N ? ? A ARG 33 A MSE 34 1_555 ? ? ? ? ? ? ? 1.332 ? ? 
covale2 covale both ? A MSE 34 C ? ? ? 1_555 A LEU 35 N ? ? A MSE 34 A LEU 35 1_555 ? ? ? ? ? ? ? 1.324 ? ? 
covale3 covale both ? A GLY 75 C ? ? ? 1_555 A MSE 76 N ? ? A GLY 75 A MSE 76 1_555 ? ? ? ? ? ? ? 1.331 ? ? 
covale4 covale both ? A MSE 76 C ? ? ? 1_555 A LYS 77 N ? ? A MSE 76 A LYS 77 1_555 ? ? ? ? ? ? ? 1.332 ? ? 
covale5 covale both ? B ARG 33 C ? ? ? 1_555 B MSE 34 N ? ? B ARG 33 B MSE 34 1_555 ? ? ? ? ? ? ? 1.332 ? ? 
covale6 covale both ? B MSE 34 C ? ? ? 1_555 B LEU 35 N ? ? B MSE 34 B LEU 35 1_555 ? ? ? ? ? ? ? 1.340 ? ? 
covale7 covale both ? B GLY 75 C ? ? ? 1_555 B MSE 76 N ? ? B GLY 75 B MSE 76 1_555 ? ? ? ? ? ? ? 1.317 ? ? 
covale8 covale both ? B MSE 76 C ? ? ? 1_555 B LYS 77 N ? ? B MSE 76 B LYS 77 1_555 ? ? ? ? ? ? ? 1.335 ? ? 
# 
_struct_conn_type.id          covale 
_struct_conn_type.criteria    ? 
_struct_conn_type.reference   ? 
# 
loop_
_pdbx_modification_feature.ordinal 
_pdbx_modification_feature.label_comp_id 
_pdbx_modification_feature.label_asym_id 
_pdbx_modification_feature.label_seq_id 
_pdbx_modification_feature.label_alt_id 
_pdbx_modification_feature.modified_residue_label_comp_id 
_pdbx_modification_feature.modified_residue_label_asym_id 
_pdbx_modification_feature.modified_residue_label_seq_id 
_pdbx_modification_feature.modified_residue_label_alt_id 
_pdbx_modification_feature.auth_comp_id 
_pdbx_modification_feature.auth_asym_id 
_pdbx_modification_feature.auth_seq_id 
_pdbx_modification_feature.PDB_ins_code 
_pdbx_modification_feature.symmetry 
_pdbx_modification_feature.modified_residue_auth_comp_id 
_pdbx_modification_feature.modified_residue_auth_asym_id 
_pdbx_modification_feature.modified_residue_auth_seq_id 
_pdbx_modification_feature.modified_residue_PDB_ins_code 
_pdbx_modification_feature.modified_residue_symmetry 
_pdbx_modification_feature.comp_id_linking_atom 
_pdbx_modification_feature.modified_residue_id_linking_atom 
_pdbx_modification_feature.modified_residue_id 
_pdbx_modification_feature.ref_pcm_id 
_pdbx_modification_feature.ref_comp_id 
_pdbx_modification_feature.type 
_pdbx_modification_feature.category 
1 MSE A 34 ? . . . . MSE A 34 ? 1_555 . . . . . . . MET 1 MSE Selenomethionine 'Named protein modification' 
2 MSE A 76 ? . . . . MSE A 76 ? 1_555 . . . . . . . MET 1 MSE Selenomethionine 'Named protein modification' 
3 MSE B 34 ? . . . . MSE B 34 ? 1_555 . . . . . . . MET 1 MSE Selenomethionine 'Named protein modification' 
4 MSE B 76 ? . . . . MSE B 76 ? 1_555 . . . . . . . MET 1 MSE Selenomethionine 'Named protein modification' 
# 
loop_
_struct_mon_prot_cis.pdbx_id 
_struct_mon_prot_cis.label_comp_id 
_struct_mon_prot_cis.label_seq_id 
_struct_mon_prot_cis.label_asym_id 
_struct_mon_prot_cis.label_alt_id 
_struct_mon_prot_cis.pdbx_PDB_ins_code 
_struct_mon_prot_cis.auth_comp_id 
_struct_mon_prot_cis.auth_seq_id 
_struct_mon_prot_cis.auth_asym_id 
_struct_mon_prot_cis.pdbx_label_comp_id_2 
_struct_mon_prot_cis.pdbx_label_seq_id_2 
_struct_mon_prot_cis.pdbx_label_asym_id_2 
_struct_mon_prot_cis.pdbx_PDB_ins_code_2 
_struct_mon_prot_cis.pdbx_auth_comp_id_2 
_struct_mon_prot_cis.pdbx_auth_seq_id_2 
_struct_mon_prot_cis.pdbx_auth_asym_id_2 
_struct_mon_prot_cis.pdbx_PDB_model_num 
_struct_mon_prot_cis.pdbx_omega_angle 
1 GLU 64 A . ? GLU 64 A PRO 65 A ? PRO 65 A 1 -0.50  
2 GLY 66 A . ? GLY 66 A GLU 67 A ? GLU 67 A 1 -22.59 
# 
_pdbx_entry_details.entry_id                   3H3M 
_pdbx_entry_details.compound_details           ? 
_pdbx_entry_details.source_details             ? 
_pdbx_entry_details.nonpolymer_details         ? 
_pdbx_entry_details.sequence_details           ? 
_pdbx_entry_details.has_ligand_of_interest     ? 
_pdbx_entry_details.has_protein_modification   Y 
# 
loop_
_pdbx_validate_torsion.id 
_pdbx_validate_torsion.PDB_model_num 
_pdbx_validate_torsion.auth_comp_id 
_pdbx_validate_torsion.auth_asym_id 
_pdbx_validate_torsion.auth_seq_id 
_pdbx_validate_torsion.PDB_ins_code 
_pdbx_validate_torsion.label_alt_id 
_pdbx_validate_torsion.phi 
_pdbx_validate_torsion.psi 
1 1 GLU A 67 ? ? -67.37 -174.53 
2 1 PRO A 68 ? ? -55.78 -179.14 
3 1 GLU A 71 ? ? 75.47  -51.28  
4 1 ARG B 61 ? ? -53.86 63.15   
# 
_pdbx_SG_project.id                    1 
_pdbx_SG_project.project_name          'PSI, Protein Structure Initiative' 
_pdbx_SG_project.full_name_of_center   'Midwest Center for Structural Genomics' 
_pdbx_SG_project.initial_of_center     MCSG 
# 
loop_
_pdbx_struct_mod_residue.id 
_pdbx_struct_mod_residue.label_asym_id 
_pdbx_struct_mod_residue.label_comp_id 
_pdbx_struct_mod_residue.label_seq_id 
_pdbx_struct_mod_residue.auth_asym_id 
_pdbx_struct_mod_residue.auth_comp_id 
_pdbx_struct_mod_residue.auth_seq_id 
_pdbx_struct_mod_residue.PDB_ins_code 
_pdbx_struct_mod_residue.parent_comp_id 
_pdbx_struct_mod_residue.details 
1 A MSE 34 A MSE 34 ? MET SELENOMETHIONINE 
2 A MSE 76 A MSE 76 ? MET SELENOMETHIONINE 
3 B MSE 34 B MSE 34 ? MET SELENOMETHIONINE 
4 B MSE 76 B MSE 76 ? MET SELENOMETHIONINE 
# 
loop_
_pdbx_refine_tls.id 
_pdbx_refine_tls.details 
_pdbx_refine_tls.method 
_pdbx_refine_tls.origin_x 
_pdbx_refine_tls.origin_y 
_pdbx_refine_tls.origin_z 
_pdbx_refine_tls.T[1][1] 
_pdbx_refine_tls.T[2][2] 
_pdbx_refine_tls.T[3][3] 
_pdbx_refine_tls.T[1][2] 
_pdbx_refine_tls.T[1][3] 
_pdbx_refine_tls.T[2][3] 
_pdbx_refine_tls.L[1][1] 
_pdbx_refine_tls.L[2][2] 
_pdbx_refine_tls.L[3][3] 
_pdbx_refine_tls.L[1][2] 
_pdbx_refine_tls.L[1][3] 
_pdbx_refine_tls.L[2][3] 
_pdbx_refine_tls.S[1][1] 
_pdbx_refine_tls.S[1][2] 
_pdbx_refine_tls.S[1][3] 
_pdbx_refine_tls.S[2][1] 
_pdbx_refine_tls.S[2][2] 
_pdbx_refine_tls.S[2][3] 
_pdbx_refine_tls.S[3][1] 
_pdbx_refine_tls.S[3][2] 
_pdbx_refine_tls.S[3][3] 
_pdbx_refine_tls.pdbx_refine_id 
1 ? refined 8.5326  -0.0675 -3.5081 0.4017 0.3276 0.3105 0.0327 -0.0529 -0.0160 0.7207 1.2153  3.2806 0.0853 -0.7787 0.2435 -0.1099 -0.1062 0.1994 0.3288  0.0152  -0.1819 -0.2910 0.5687  0.0948 'X-RAY DIFFRACTION' 
2 ? refined -2.4226 1.4293  -4.3377 0.2789 0.2165 0.1738 0.0623 0.0711  0.0324  7.1399 14.9674 5.0728 5.4837 2.7800  5.5305 -0.0511 -0.0826 0.4660 -0.1307 -0.1660 0.8917  -0.5049 -0.2202 0.2171 'X-RAY DIFFRACTION' 
3 ? refined -9.0150 -0.1692 3.7289  0.3836 0.3799 0.2404 0.0486 0.0211  0.0316  3.7477 2.4925  4.8855 0.9447 0.5086  1.4576 -0.2346 0.1301  0.3126 -0.4960 0.0686  0.3627  -0.5733 -0.5054 0.1660 'X-RAY DIFFRACTION' 
4 ? refined 0.7059  -4.3869 2.5641  0.1047 0.1474 0.1139 0.0014 0.0155  0.0335  2.0262 11.4385 7.2029 1.9141 1.5525  6.4129 -0.1477 -0.0066 0.0281 0.3664  0.0084  0.2122  0.1352  0.2611  0.1394 'X-RAY DIFFRACTION' 
# 
loop_
_pdbx_refine_tls_group.id 
_pdbx_refine_tls_group.refine_tls_id 
_pdbx_refine_tls_group.beg_auth_asym_id 
_pdbx_refine_tls_group.beg_auth_seq_id 
_pdbx_refine_tls_group.beg_label_asym_id 
_pdbx_refine_tls_group.beg_label_seq_id 
_pdbx_refine_tls_group.end_auth_asym_id 
_pdbx_refine_tls_group.end_auth_seq_id 
_pdbx_refine_tls_group.end_label_asym_id 
_pdbx_refine_tls_group.end_label_seq_id 
_pdbx_refine_tls_group.selection 
_pdbx_refine_tls_group.selection_details 
_pdbx_refine_tls_group.pdbx_refine_id 
1 1 A 19 ? ? A 64  ? ? ? ? 'X-RAY DIFFRACTION' 
2 2 A 69 ? ? A 106 ? ? ? ? 'X-RAY DIFFRACTION' 
3 3 B 19 ? ? B 62  ? ? ? ? 'X-RAY DIFFRACTION' 
4 4 B 69 ? ? B 106 ? ? ? ? 'X-RAY DIFFRACTION' 
# 
loop_
_pdbx_unobs_or_zero_occ_residues.id 
_pdbx_unobs_or_zero_occ_residues.PDB_model_num 
_pdbx_unobs_or_zero_occ_residues.polymer_flag 
_pdbx_unobs_or_zero_occ_residues.occupancy_flag 
_pdbx_unobs_or_zero_occ_residues.auth_asym_id 
_pdbx_unobs_or_zero_occ_residues.auth_comp_id 
_pdbx_unobs_or_zero_occ_residues.auth_seq_id 
_pdbx_unobs_or_zero_occ_residues.PDB_ins_code 
_pdbx_unobs_or_zero_occ_residues.label_asym_id 
_pdbx_unobs_or_zero_occ_residues.label_comp_id 
_pdbx_unobs_or_zero_occ_residues.label_seq_id 
1  1 Y 1 A MSE 1   ? A MSE 1   
2  1 Y 1 A SER 2   ? A SER 2   
3  1 Y 1 A SER 3   ? A SER 3   
4  1 Y 1 A ARG 4   ? A ARG 4   
5  1 Y 1 A PRO 5   ? A PRO 5   
6  1 Y 1 A GLN 6   ? A GLN 6   
7  1 Y 1 A ARG 7   ? A ARG 7   
8  1 Y 1 A GLU 8   ? A GLU 8   
9  1 Y 1 A LYS 9   ? A LYS 9   
10 1 Y 1 A SER 10  ? A SER 10  
11 1 Y 1 A MSE 11  ? A MSE 11  
12 1 Y 1 A THR 12  ? A THR 12  
13 1 Y 1 A ALA 13  ? A ALA 13  
14 1 Y 1 A LEU 14  ? A LEU 14  
15 1 Y 1 A THR 15  ? A THR 15  
16 1 Y 1 A GLN 16  ? A GLN 16  
17 1 Y 1 A HIS 17  ? A HIS 17  
18 1 Y 1 A GLY 107 ? A GLY 107 
19 1 Y 1 A ARG 108 ? A ARG 108 
20 1 Y 1 A MSE 109 ? A MSE 109 
21 1 Y 1 A LYS 110 ? A LYS 110 
22 1 Y 1 A ARG 111 ? A ARG 111 
23 1 Y 1 A GLN 112 ? A GLN 112 
24 1 Y 1 A GLN 113 ? A GLN 113 
25 1 Y 1 A SER 114 ? A SER 114 
26 1 Y 1 A LEU 115 ? A LEU 115 
27 1 Y 1 A LEU 116 ? A LEU 116 
28 1 Y 1 A ALA 117 ? A ALA 117 
29 1 Y 1 A THR 118 ? A THR 118 
30 1 Y 1 A TYR 119 ? A TYR 119 
31 1 Y 1 A SER 120 ? A SER 120 
32 1 Y 1 A GLY 121 ? A GLY 121 
33 1 Y 1 A LYS 122 ? A LYS 122 
34 1 Y 1 A ALA 123 ? A ALA 123 
35 1 Y 1 A ASN 124 ? A ASN 124 
36 1 Y 1 A GLY 125 ? A GLY 125 
37 1 Y 1 A THR 126 ? A THR 126 
38 1 Y 1 B MSE 1   ? B MSE 1   
39 1 Y 1 B SER 2   ? B SER 2   
40 1 Y 1 B SER 3   ? B SER 3   
41 1 Y 1 B ARG 4   ? B ARG 4   
42 1 Y 1 B PRO 5   ? B PRO 5   
43 1 Y 1 B GLN 6   ? B GLN 6   
44 1 Y 1 B ARG 7   ? B ARG 7   
45 1 Y 1 B GLU 8   ? B GLU 8   
46 1 Y 1 B LYS 9   ? B LYS 9   
47 1 Y 1 B SER 10  ? B SER 10  
48 1 Y 1 B MSE 11  ? B MSE 11  
49 1 Y 1 B THR 12  ? B THR 12  
50 1 Y 1 B ALA 13  ? B ALA 13  
51 1 Y 1 B LEU 14  ? B LEU 14  
52 1 Y 1 B THR 15  ? B THR 15  
53 1 Y 1 B GLN 16  ? B GLN 16  
54 1 Y 1 B HIS 17  ? B HIS 17  
55 1 Y 1 B ALA 18  ? B ALA 18  
56 1 Y 1 B LEU 63  ? B LEU 63  
57 1 Y 1 B GLU 64  ? B GLU 64  
58 1 Y 1 B PRO 65  ? B PRO 65  
59 1 Y 1 B GLY 66  ? B GLY 66  
60 1 Y 1 B GLU 67  ? B GLU 67  
61 1 Y 1 B PRO 68  ? B PRO 68  
62 1 Y 1 B GLY 107 ? B GLY 107 
63 1 Y 1 B ARG 108 ? B ARG 108 
64 1 Y 1 B MSE 109 ? B MSE 109 
65 1 Y 1 B LYS 110 ? B LYS 110 
66 1 Y 1 B ARG 111 ? B ARG 111 
67 1 Y 1 B GLN 112 ? B GLN 112 
68 1 Y 1 B GLN 113 ? B GLN 113 
69 1 Y 1 B SER 114 ? B SER 114 
70 1 Y 1 B LEU 115 ? B LEU 115 
71 1 Y 1 B LEU 116 ? B LEU 116 
72 1 Y 1 B ALA 117 ? B ALA 117 
73 1 Y 1 B THR 118 ? B THR 118 
74 1 Y 1 B TYR 119 ? B TYR 119 
75 1 Y 1 B SER 120 ? B SER 120 
76 1 Y 1 B GLY 121 ? B GLY 121 
77 1 Y 1 B LYS 122 ? B LYS 122 
78 1 Y 1 B ALA 123 ? B ALA 123 
79 1 Y 1 B ASN 124 ? B ASN 124 
80 1 Y 1 B GLY 125 ? B GLY 125 
81 1 Y 1 B THR 126 ? B THR 126 
# 
loop_
_chem_comp_atom.comp_id 
_chem_comp_atom.atom_id 
_chem_comp_atom.type_symbol 
_chem_comp_atom.pdbx_aromatic_flag 
_chem_comp_atom.pdbx_stereo_config 
_chem_comp_atom.pdbx_ordinal 
ALA N    N  N N 1   
ALA CA   C  N S 2   
ALA C    C  N N 3   
ALA O    O  N N 4   
ALA CB   C  N N 5   
ALA OXT  O  N N 6   
ALA H    H  N N 7   
ALA H2   H  N N 8   
ALA HA   H  N N 9   
ALA HB1  H  N N 10  
ALA HB2  H  N N 11  
ALA HB3  H  N N 12  
ALA HXT  H  N N 13  
ARG N    N  N N 14  
ARG CA   C  N S 15  
ARG C    C  N N 16  
ARG O    O  N N 17  
ARG CB   C  N N 18  
ARG CG   C  N N 19  
ARG CD   C  N N 20  
ARG NE   N  N N 21  
ARG CZ   C  N N 22  
ARG NH1  N  N N 23  
ARG NH2  N  N N 24  
ARG OXT  O  N N 25  
ARG H    H  N N 26  
ARG H2   H  N N 27  
ARG HA   H  N N 28  
ARG HB2  H  N N 29  
ARG HB3  H  N N 30  
ARG HG2  H  N N 31  
ARG HG3  H  N N 32  
ARG HD2  H  N N 33  
ARG HD3  H  N N 34  
ARG HE   H  N N 35  
ARG HH11 H  N N 36  
ARG HH12 H  N N 37  
ARG HH21 H  N N 38  
ARG HH22 H  N N 39  
ARG HXT  H  N N 40  
ASN N    N  N N 41  
ASN CA   C  N S 42  
ASN C    C  N N 43  
ASN O    O  N N 44  
ASN CB   C  N N 45  
ASN CG   C  N N 46  
ASN OD1  O  N N 47  
ASN ND2  N  N N 48  
ASN OXT  O  N N 49  
ASN H    H  N N 50  
ASN H2   H  N N 51  
ASN HA   H  N N 52  
ASN HB2  H  N N 53  
ASN HB3  H  N N 54  
ASN HD21 H  N N 55  
ASN HD22 H  N N 56  
ASN HXT  H  N N 57  
ASP N    N  N N 58  
ASP CA   C  N S 59  
ASP C    C  N N 60  
ASP O    O  N N 61  
ASP CB   C  N N 62  
ASP CG   C  N N 63  
ASP OD1  O  N N 64  
ASP OD2  O  N N 65  
ASP OXT  O  N N 66  
ASP H    H  N N 67  
ASP H2   H  N N 68  
ASP HA   H  N N 69  
ASP HB2  H  N N 70  
ASP HB3  H  N N 71  
ASP HD2  H  N N 72  
ASP HXT  H  N N 73  
CYS N    N  N N 74  
CYS CA   C  N R 75  
CYS C    C  N N 76  
CYS O    O  N N 77  
CYS CB   C  N N 78  
CYS SG   S  N N 79  
CYS OXT  O  N N 80  
CYS H    H  N N 81  
CYS H2   H  N N 82  
CYS HA   H  N N 83  
CYS HB2  H  N N 84  
CYS HB3  H  N N 85  
CYS HG   H  N N 86  
CYS HXT  H  N N 87  
GLN N    N  N N 88  
GLN CA   C  N S 89  
GLN C    C  N N 90  
GLN O    O  N N 91  
GLN CB   C  N N 92  
GLN CG   C  N N 93  
GLN CD   C  N N 94  
GLN OE1  O  N N 95  
GLN NE2  N  N N 96  
GLN OXT  O  N N 97  
GLN H    H  N N 98  
GLN H2   H  N N 99  
GLN HA   H  N N 100 
GLN HB2  H  N N 101 
GLN HB3  H  N N 102 
GLN HG2  H  N N 103 
GLN HG3  H  N N 104 
GLN HE21 H  N N 105 
GLN HE22 H  N N 106 
GLN HXT  H  N N 107 
GLU N    N  N N 108 
GLU CA   C  N S 109 
GLU C    C  N N 110 
GLU O    O  N N 111 
GLU CB   C  N N 112 
GLU CG   C  N N 113 
GLU CD   C  N N 114 
GLU OE1  O  N N 115 
GLU OE2  O  N N 116 
GLU OXT  O  N N 117 
GLU H    H  N N 118 
GLU H2   H  N N 119 
GLU HA   H  N N 120 
GLU HB2  H  N N 121 
GLU HB3  H  N N 122 
GLU HG2  H  N N 123 
GLU HG3  H  N N 124 
GLU HE2  H  N N 125 
GLU HXT  H  N N 126 
GLY N    N  N N 127 
GLY CA   C  N N 128 
GLY C    C  N N 129 
GLY O    O  N N 130 
GLY OXT  O  N N 131 
GLY H    H  N N 132 
GLY H2   H  N N 133 
GLY HA2  H  N N 134 
GLY HA3  H  N N 135 
GLY HXT  H  N N 136 
HIS N    N  N N 137 
HIS CA   C  N S 138 
HIS C    C  N N 139 
HIS O    O  N N 140 
HIS CB   C  N N 141 
HIS CG   C  Y N 142 
HIS ND1  N  Y N 143 
HIS CD2  C  Y N 144 
HIS CE1  C  Y N 145 
HIS NE2  N  Y N 146 
HIS OXT  O  N N 147 
HIS H    H  N N 148 
HIS H2   H  N N 149 
HIS HA   H  N N 150 
HIS HB2  H  N N 151 
HIS HB3  H  N N 152 
HIS HD1  H  N N 153 
HIS HD2  H  N N 154 
HIS HE1  H  N N 155 
HIS HE2  H  N N 156 
HIS HXT  H  N N 157 
HOH O    O  N N 158 
HOH H1   H  N N 159 
HOH H2   H  N N 160 
ILE N    N  N N 161 
ILE CA   C  N S 162 
ILE C    C  N N 163 
ILE O    O  N N 164 
ILE CB   C  N S 165 
ILE CG1  C  N N 166 
ILE CG2  C  N N 167 
ILE CD1  C  N N 168 
ILE OXT  O  N N 169 
ILE H    H  N N 170 
ILE H2   H  N N 171 
ILE HA   H  N N 172 
ILE HB   H  N N 173 
ILE HG12 H  N N 174 
ILE HG13 H  N N 175 
ILE HG21 H  N N 176 
ILE HG22 H  N N 177 
ILE HG23 H  N N 178 
ILE HD11 H  N N 179 
ILE HD12 H  N N 180 
ILE HD13 H  N N 181 
ILE HXT  H  N N 182 
LEU N    N  N N 183 
LEU CA   C  N S 184 
LEU C    C  N N 185 
LEU O    O  N N 186 
LEU CB   C  N N 187 
LEU CG   C  N N 188 
LEU CD1  C  N N 189 
LEU CD2  C  N N 190 
LEU OXT  O  N N 191 
LEU H    H  N N 192 
LEU H2   H  N N 193 
LEU HA   H  N N 194 
LEU HB2  H  N N 195 
LEU HB3  H  N N 196 
LEU HG   H  N N 197 
LEU HD11 H  N N 198 
LEU HD12 H  N N 199 
LEU HD13 H  N N 200 
LEU HD21 H  N N 201 
LEU HD22 H  N N 202 
LEU HD23 H  N N 203 
LEU HXT  H  N N 204 
LYS N    N  N N 205 
LYS CA   C  N S 206 
LYS C    C  N N 207 
LYS O    O  N N 208 
LYS CB   C  N N 209 
LYS CG   C  N N 210 
LYS CD   C  N N 211 
LYS CE   C  N N 212 
LYS NZ   N  N N 213 
LYS OXT  O  N N 214 
LYS H    H  N N 215 
LYS H2   H  N N 216 
LYS HA   H  N N 217 
LYS HB2  H  N N 218 
LYS HB3  H  N N 219 
LYS HG2  H  N N 220 
LYS HG3  H  N N 221 
LYS HD2  H  N N 222 
LYS HD3  H  N N 223 
LYS HE2  H  N N 224 
LYS HE3  H  N N 225 
LYS HZ1  H  N N 226 
LYS HZ2  H  N N 227 
LYS HZ3  H  N N 228 
LYS HXT  H  N N 229 
MSE N    N  N N 230 
MSE CA   C  N S 231 
MSE C    C  N N 232 
MSE O    O  N N 233 
MSE OXT  O  N N 234 
MSE CB   C  N N 235 
MSE CG   C  N N 236 
MSE SE   SE N N 237 
MSE CE   C  N N 238 
MSE H    H  N N 239 
MSE H2   H  N N 240 
MSE HA   H  N N 241 
MSE HXT  H  N N 242 
MSE HB2  H  N N 243 
MSE HB3  H  N N 244 
MSE HG2  H  N N 245 
MSE HG3  H  N N 246 
MSE HE1  H  N N 247 
MSE HE2  H  N N 248 
MSE HE3  H  N N 249 
PHE N    N  N N 250 
PHE CA   C  N S 251 
PHE C    C  N N 252 
PHE O    O  N N 253 
PHE CB   C  N N 254 
PHE CG   C  Y N 255 
PHE CD1  C  Y N 256 
PHE CD2  C  Y N 257 
PHE CE1  C  Y N 258 
PHE CE2  C  Y N 259 
PHE CZ   C  Y N 260 
PHE OXT  O  N N 261 
PHE H    H  N N 262 
PHE H2   H  N N 263 
PHE HA   H  N N 264 
PHE HB2  H  N N 265 
PHE HB3  H  N N 266 
PHE HD1  H  N N 267 
PHE HD2  H  N N 268 
PHE HE1  H  N N 269 
PHE HE2  H  N N 270 
PHE HZ   H  N N 271 
PHE HXT  H  N N 272 
PRO N    N  N N 273 
PRO CA   C  N S 274 
PRO C    C  N N 275 
PRO O    O  N N 276 
PRO CB   C  N N 277 
PRO CG   C  N N 278 
PRO CD   C  N N 279 
PRO OXT  O  N N 280 
PRO H    H  N N 281 
PRO HA   H  N N 282 
PRO HB2  H  N N 283 
PRO HB3  H  N N 284 
PRO HG2  H  N N 285 
PRO HG3  H  N N 286 
PRO HD2  H  N N 287 
PRO HD3  H  N N 288 
PRO HXT  H  N N 289 
SER N    N  N N 290 
SER CA   C  N S 291 
SER C    C  N N 292 
SER O    O  N N 293 
SER CB   C  N N 294 
SER OG   O  N N 295 
SER OXT  O  N N 296 
SER H    H  N N 297 
SER H2   H  N N 298 
SER HA   H  N N 299 
SER HB2  H  N N 300 
SER HB3  H  N N 301 
SER HG   H  N N 302 
SER HXT  H  N N 303 
THR N    N  N N 304 
THR CA   C  N S 305 
THR C    C  N N 306 
THR O    O  N N 307 
THR CB   C  N R 308 
THR OG1  O  N N 309 
THR CG2  C  N N 310 
THR OXT  O  N N 311 
THR H    H  N N 312 
THR H2   H  N N 313 
THR HA   H  N N 314 
THR HB   H  N N 315 
THR HG1  H  N N 316 
THR HG21 H  N N 317 
THR HG22 H  N N 318 
THR HG23 H  N N 319 
THR HXT  H  N N 320 
TRP N    N  N N 321 
TRP CA   C  N S 322 
TRP C    C  N N 323 
TRP O    O  N N 324 
TRP CB   C  N N 325 
TRP CG   C  Y N 326 
TRP CD1  C  Y N 327 
TRP CD2  C  Y N 328 
TRP NE1  N  Y N 329 
TRP CE2  C  Y N 330 
TRP CE3  C  Y N 331 
TRP CZ2  C  Y N 332 
TRP CZ3  C  Y N 333 
TRP CH2  C  Y N 334 
TRP OXT  O  N N 335 
TRP H    H  N N 336 
TRP H2   H  N N 337 
TRP HA   H  N N 338 
TRP HB2  H  N N 339 
TRP HB3  H  N N 340 
TRP HD1  H  N N 341 
TRP HE1  H  N N 342 
TRP HE3  H  N N 343 
TRP HZ2  H  N N 344 
TRP HZ3  H  N N 345 
TRP HH2  H  N N 346 
TRP HXT  H  N N 347 
TYR N    N  N N 348 
TYR CA   C  N S 349 
TYR C    C  N N 350 
TYR O    O  N N 351 
TYR CB   C  N N 352 
TYR CG   C  Y N 353 
TYR CD1  C  Y N 354 
TYR CD2  C  Y N 355 
TYR CE1  C  Y N 356 
TYR CE2  C  Y N 357 
TYR CZ   C  Y N 358 
TYR OH   O  N N 359 
TYR OXT  O  N N 360 
TYR H    H  N N 361 
TYR H2   H  N N 362 
TYR HA   H  N N 363 
TYR HB2  H  N N 364 
TYR HB3  H  N N 365 
TYR HD1  H  N N 366 
TYR HD2  H  N N 367 
TYR HE1  H  N N 368 
TYR HE2  H  N N 369 
TYR HH   H  N N 370 
TYR HXT  H  N N 371 
VAL N    N  N N 372 
VAL CA   C  N S 373 
VAL C    C  N N 374 
VAL O    O  N N 375 
VAL CB   C  N N 376 
VAL CG1  C  N N 377 
VAL CG2  C  N N 378 
VAL OXT  O  N N 379 
VAL H    H  N N 380 
VAL H2   H  N N 381 
VAL HA   H  N N 382 
VAL HB   H  N N 383 
VAL HG11 H  N N 384 
VAL HG12 H  N N 385 
VAL HG13 H  N N 386 
VAL HG21 H  N N 387 
VAL HG22 H  N N 388 
VAL HG23 H  N N 389 
VAL HXT  H  N N 390 
# 
loop_
_chem_comp_bond.comp_id 
_chem_comp_bond.atom_id_1 
_chem_comp_bond.atom_id_2 
_chem_comp_bond.value_order 
_chem_comp_bond.pdbx_aromatic_flag 
_chem_comp_bond.pdbx_stereo_config 
_chem_comp_bond.pdbx_ordinal 
ALA N   CA   sing N N 1   
ALA N   H    sing N N 2   
ALA N   H2   sing N N 3   
ALA CA  C    sing N N 4   
ALA CA  CB   sing N N 5   
ALA CA  HA   sing N N 6   
ALA C   O    doub N N 7   
ALA C   OXT  sing N N 8   
ALA CB  HB1  sing N N 9   
ALA CB  HB2  sing N N 10  
ALA CB  HB3  sing N N 11  
ALA OXT HXT  sing N N 12  
ARG N   CA   sing N N 13  
ARG N   H    sing N N 14  
ARG N   H2   sing N N 15  
ARG CA  C    sing N N 16  
ARG CA  CB   sing N N 17  
ARG CA  HA   sing N N 18  
ARG C   O    doub N N 19  
ARG C   OXT  sing N N 20  
ARG CB  CG   sing N N 21  
ARG CB  HB2  sing N N 22  
ARG CB  HB3  sing N N 23  
ARG CG  CD   sing N N 24  
ARG CG  HG2  sing N N 25  
ARG CG  HG3  sing N N 26  
ARG CD  NE   sing N N 27  
ARG CD  HD2  sing N N 28  
ARG CD  HD3  sing N N 29  
ARG NE  CZ   sing N N 30  
ARG NE  HE   sing N N 31  
ARG CZ  NH1  sing N N 32  
ARG CZ  NH2  doub N N 33  
ARG NH1 HH11 sing N N 34  
ARG NH1 HH12 sing N N 35  
ARG NH2 HH21 sing N N 36  
ARG NH2 HH22 sing N N 37  
ARG OXT HXT  sing N N 38  
ASN N   CA   sing N N 39  
ASN N   H    sing N N 40  
ASN N   H2   sing N N 41  
ASN CA  C    sing N N 42  
ASN CA  CB   sing N N 43  
ASN CA  HA   sing N N 44  
ASN C   O    doub N N 45  
ASN C   OXT  sing N N 46  
ASN CB  CG   sing N N 47  
ASN CB  HB2  sing N N 48  
ASN CB  HB3  sing N N 49  
ASN CG  OD1  doub N N 50  
ASN CG  ND2  sing N N 51  
ASN ND2 HD21 sing N N 52  
ASN ND2 HD22 sing N N 53  
ASN OXT HXT  sing N N 54  
ASP N   CA   sing N N 55  
ASP N   H    sing N N 56  
ASP N   H2   sing N N 57  
ASP CA  C    sing N N 58  
ASP CA  CB   sing N N 59  
ASP CA  HA   sing N N 60  
ASP C   O    doub N N 61  
ASP C   OXT  sing N N 62  
ASP CB  CG   sing N N 63  
ASP CB  HB2  sing N N 64  
ASP CB  HB3  sing N N 65  
ASP CG  OD1  doub N N 66  
ASP CG  OD2  sing N N 67  
ASP OD2 HD2  sing N N 68  
ASP OXT HXT  sing N N 69  
CYS N   CA   sing N N 70  
CYS N   H    sing N N 71  
CYS N   H2   sing N N 72  
CYS CA  C    sing N N 73  
CYS CA  CB   sing N N 74  
CYS CA  HA   sing N N 75  
CYS C   O    doub N N 76  
CYS C   OXT  sing N N 77  
CYS CB  SG   sing N N 78  
CYS CB  HB2  sing N N 79  
CYS CB  HB3  sing N N 80  
CYS SG  HG   sing N N 81  
CYS OXT HXT  sing N N 82  
GLN N   CA   sing N N 83  
GLN N   H    sing N N 84  
GLN N   H2   sing N N 85  
GLN CA  C    sing N N 86  
GLN CA  CB   sing N N 87  
GLN CA  HA   sing N N 88  
GLN C   O    doub N N 89  
GLN C   OXT  sing N N 90  
GLN CB  CG   sing N N 91  
GLN CB  HB2  sing N N 92  
GLN CB  HB3  sing N N 93  
GLN CG  CD   sing N N 94  
GLN CG  HG2  sing N N 95  
GLN CG  HG3  sing N N 96  
GLN CD  OE1  doub N N 97  
GLN CD  NE2  sing N N 98  
GLN NE2 HE21 sing N N 99  
GLN NE2 HE22 sing N N 100 
GLN OXT HXT  sing N N 101 
GLU N   CA   sing N N 102 
GLU N   H    sing N N 103 
GLU N   H2   sing N N 104 
GLU CA  C    sing N N 105 
GLU CA  CB   sing N N 106 
GLU CA  HA   sing N N 107 
GLU C   O    doub N N 108 
GLU C   OXT  sing N N 109 
GLU CB  CG   sing N N 110 
GLU CB  HB2  sing N N 111 
GLU CB  HB3  sing N N 112 
GLU CG  CD   sing N N 113 
GLU CG  HG2  sing N N 114 
GLU CG  HG3  sing N N 115 
GLU CD  OE1  doub N N 116 
GLU CD  OE2  sing N N 117 
GLU OE2 HE2  sing N N 118 
GLU OXT HXT  sing N N 119 
GLY N   CA   sing N N 120 
GLY N   H    sing N N 121 
GLY N   H2   sing N N 122 
GLY CA  C    sing N N 123 
GLY CA  HA2  sing N N 124 
GLY CA  HA3  sing N N 125 
GLY C   O    doub N N 126 
GLY C   OXT  sing N N 127 
GLY OXT HXT  sing N N 128 
HIS N   CA   sing N N 129 
HIS N   H    sing N N 130 
HIS N   H2   sing N N 131 
HIS CA  C    sing N N 132 
HIS CA  CB   sing N N 133 
HIS CA  HA   sing N N 134 
HIS C   O    doub N N 135 
HIS C   OXT  sing N N 136 
HIS CB  CG   sing N N 137 
HIS CB  HB2  sing N N 138 
HIS CB  HB3  sing N N 139 
HIS CG  ND1  sing Y N 140 
HIS CG  CD2  doub Y N 141 
HIS ND1 CE1  doub Y N 142 
HIS ND1 HD1  sing N N 143 
HIS CD2 NE2  sing Y N 144 
HIS CD2 HD2  sing N N 145 
HIS CE1 NE2  sing Y N 146 
HIS CE1 HE1  sing N N 147 
HIS NE2 HE2  sing N N 148 
HIS OXT HXT  sing N N 149 
HOH O   H1   sing N N 150 
HOH O   H2   sing N N 151 
ILE N   CA   sing N N 152 
ILE N   H    sing N N 153 
ILE N   H2   sing N N 154 
ILE CA  C    sing N N 155 
ILE CA  CB   sing N N 156 
ILE CA  HA   sing N N 157 
ILE C   O    doub N N 158 
ILE C   OXT  sing N N 159 
ILE CB  CG1  sing N N 160 
ILE CB  CG2  sing N N 161 
ILE CB  HB   sing N N 162 
ILE CG1 CD1  sing N N 163 
ILE CG1 HG12 sing N N 164 
ILE CG1 HG13 sing N N 165 
ILE CG2 HG21 sing N N 166 
ILE CG2 HG22 sing N N 167 
ILE CG2 HG23 sing N N 168 
ILE CD1 HD11 sing N N 169 
ILE CD1 HD12 sing N N 170 
ILE CD1 HD13 sing N N 171 
ILE OXT HXT  sing N N 172 
LEU N   CA   sing N N 173 
LEU N   H    sing N N 174 
LEU N   H2   sing N N 175 
LEU CA  C    sing N N 176 
LEU CA  CB   sing N N 177 
LEU CA  HA   sing N N 178 
LEU C   O    doub N N 179 
LEU C   OXT  sing N N 180 
LEU CB  CG   sing N N 181 
LEU CB  HB2  sing N N 182 
LEU CB  HB3  sing N N 183 
LEU CG  CD1  sing N N 184 
LEU CG  CD2  sing N N 185 
LEU CG  HG   sing N N 186 
LEU CD1 HD11 sing N N 187 
LEU CD1 HD12 sing N N 188 
LEU CD1 HD13 sing N N 189 
LEU CD2 HD21 sing N N 190 
LEU CD2 HD22 sing N N 191 
LEU CD2 HD23 sing N N 192 
LEU OXT HXT  sing N N 193 
LYS N   CA   sing N N 194 
LYS N   H    sing N N 195 
LYS N   H2   sing N N 196 
LYS CA  C    sing N N 197 
LYS CA  CB   sing N N 198 
LYS CA  HA   sing N N 199 
LYS C   O    doub N N 200 
LYS C   OXT  sing N N 201 
LYS CB  CG   sing N N 202 
LYS CB  HB2  sing N N 203 
LYS CB  HB3  sing N N 204 
LYS CG  CD   sing N N 205 
LYS CG  HG2  sing N N 206 
LYS CG  HG3  sing N N 207 
LYS CD  CE   sing N N 208 
LYS CD  HD2  sing N N 209 
LYS CD  HD3  sing N N 210 
LYS CE  NZ   sing N N 211 
LYS CE  HE2  sing N N 212 
LYS CE  HE3  sing N N 213 
LYS NZ  HZ1  sing N N 214 
LYS NZ  HZ2  sing N N 215 
LYS NZ  HZ3  sing N N 216 
LYS OXT HXT  sing N N 217 
MSE N   CA   sing N N 218 
MSE N   H    sing N N 219 
MSE N   H2   sing N N 220 
MSE CA  C    sing N N 221 
MSE CA  CB   sing N N 222 
MSE CA  HA   sing N N 223 
MSE C   O    doub N N 224 
MSE C   OXT  sing N N 225 
MSE OXT HXT  sing N N 226 
MSE CB  CG   sing N N 227 
MSE CB  HB2  sing N N 228 
MSE CB  HB3  sing N N 229 
MSE CG  SE   sing N N 230 
MSE CG  HG2  sing N N 231 
MSE CG  HG3  sing N N 232 
MSE SE  CE   sing N N 233 
MSE CE  HE1  sing N N 234 
MSE CE  HE2  sing N N 235 
MSE CE  HE3  sing N N 236 
PHE N   CA   sing N N 237 
PHE N   H    sing N N 238 
PHE N   H2   sing N N 239 
PHE CA  C    sing N N 240 
PHE CA  CB   sing N N 241 
PHE CA  HA   sing N N 242 
PHE C   O    doub N N 243 
PHE C   OXT  sing N N 244 
PHE CB  CG   sing N N 245 
PHE CB  HB2  sing N N 246 
PHE CB  HB3  sing N N 247 
PHE CG  CD1  doub Y N 248 
PHE CG  CD2  sing Y N 249 
PHE CD1 CE1  sing Y N 250 
PHE CD1 HD1  sing N N 251 
PHE CD2 CE2  doub Y N 252 
PHE CD2 HD2  sing N N 253 
PHE CE1 CZ   doub Y N 254 
PHE CE1 HE1  sing N N 255 
PHE CE2 CZ   sing Y N 256 
PHE CE2 HE2  sing N N 257 
PHE CZ  HZ   sing N N 258 
PHE OXT HXT  sing N N 259 
PRO N   CA   sing N N 260 
PRO N   CD   sing N N 261 
PRO N   H    sing N N 262 
PRO CA  C    sing N N 263 
PRO CA  CB   sing N N 264 
PRO CA  HA   sing N N 265 
PRO C   O    doub N N 266 
PRO C   OXT  sing N N 267 
PRO CB  CG   sing N N 268 
PRO CB  HB2  sing N N 269 
PRO CB  HB3  sing N N 270 
PRO CG  CD   sing N N 271 
PRO CG  HG2  sing N N 272 
PRO CG  HG3  sing N N 273 
PRO CD  HD2  sing N N 274 
PRO CD  HD3  sing N N 275 
PRO OXT HXT  sing N N 276 
SER N   CA   sing N N 277 
SER N   H    sing N N 278 
SER N   H2   sing N N 279 
SER CA  C    sing N N 280 
SER CA  CB   sing N N 281 
SER CA  HA   sing N N 282 
SER C   O    doub N N 283 
SER C   OXT  sing N N 284 
SER CB  OG   sing N N 285 
SER CB  HB2  sing N N 286 
SER CB  HB3  sing N N 287 
SER OG  HG   sing N N 288 
SER OXT HXT  sing N N 289 
THR N   CA   sing N N 290 
THR N   H    sing N N 291 
THR N   H2   sing N N 292 
THR CA  C    sing N N 293 
THR CA  CB   sing N N 294 
THR CA  HA   sing N N 295 
THR C   O    doub N N 296 
THR C   OXT  sing N N 297 
THR CB  OG1  sing N N 298 
THR CB  CG2  sing N N 299 
THR CB  HB   sing N N 300 
THR OG1 HG1  sing N N 301 
THR CG2 HG21 sing N N 302 
THR CG2 HG22 sing N N 303 
THR CG2 HG23 sing N N 304 
THR OXT HXT  sing N N 305 
TRP N   CA   sing N N 306 
TRP N   H    sing N N 307 
TRP N   H2   sing N N 308 
TRP CA  C    sing N N 309 
TRP CA  CB   sing N N 310 
TRP CA  HA   sing N N 311 
TRP C   O    doub N N 312 
TRP C   OXT  sing N N 313 
TRP CB  CG   sing N N 314 
TRP CB  HB2  sing N N 315 
TRP CB  HB3  sing N N 316 
TRP CG  CD1  doub Y N 317 
TRP CG  CD2  sing Y N 318 
TRP CD1 NE1  sing Y N 319 
TRP CD1 HD1  sing N N 320 
TRP CD2 CE2  doub Y N 321 
TRP CD2 CE3  sing Y N 322 
TRP NE1 CE2  sing Y N 323 
TRP NE1 HE1  sing N N 324 
TRP CE2 CZ2  sing Y N 325 
TRP CE3 CZ3  doub Y N 326 
TRP CE3 HE3  sing N N 327 
TRP CZ2 CH2  doub Y N 328 
TRP CZ2 HZ2  sing N N 329 
TRP CZ3 CH2  sing Y N 330 
TRP CZ3 HZ3  sing N N 331 
TRP CH2 HH2  sing N N 332 
TRP OXT HXT  sing N N 333 
TYR N   CA   sing N N 334 
TYR N   H    sing N N 335 
TYR N   H2   sing N N 336 
TYR CA  C    sing N N 337 
TYR CA  CB   sing N N 338 
TYR CA  HA   sing N N 339 
TYR C   O    doub N N 340 
TYR C   OXT  sing N N 341 
TYR CB  CG   sing N N 342 
TYR CB  HB2  sing N N 343 
TYR CB  HB3  sing N N 344 
TYR CG  CD1  doub Y N 345 
TYR CG  CD2  sing Y N 346 
TYR CD1 CE1  sing Y N 347 
TYR CD1 HD1  sing N N 348 
TYR CD2 CE2  doub Y N 349 
TYR CD2 HD2  sing N N 350 
TYR CE1 CZ   doub Y N 351 
TYR CE1 HE1  sing N N 352 
TYR CE2 CZ   sing Y N 353 
TYR CE2 HE2  sing N N 354 
TYR CZ  OH   sing N N 355 
TYR OH  HH   sing N N 356 
TYR OXT HXT  sing N N 357 
VAL N   CA   sing N N 358 
VAL N   H    sing N N 359 
VAL N   H2   sing N N 360 
VAL CA  C    sing N N 361 
VAL CA  CB   sing N N 362 
VAL CA  HA   sing N N 363 
VAL C   O    doub N N 364 
VAL C   OXT  sing N N 365 
VAL CB  CG1  sing N N 366 
VAL CB  CG2  sing N N 367 
VAL CB  HB   sing N N 368 
VAL CG1 HG11 sing N N 369 
VAL CG1 HG12 sing N N 370 
VAL CG1 HG13 sing N N 371 
VAL CG2 HG21 sing N N 372 
VAL CG2 HG22 sing N N 373 
VAL CG2 HG23 sing N N 374 
VAL OXT HXT  sing N N 375 
# 
_atom_sites.entry_id                    3H3M 
_atom_sites.fract_transf_matrix[1][1]   0.00122502 
_atom_sites.fract_transf_matrix[1][2]   -0.00915780 
_atom_sites.fract_transf_matrix[1][3]   -0.01151050 
_atom_sites.fract_transf_matrix[2][1]   -0.01466489 
_atom_sites.fract_transf_matrix[2][2]   0.00013424 
_atom_sites.fract_transf_matrix[2][3]   -0.00166754 
_atom_sites.fract_transf_matrix[3][1]   0.00093784 
_atom_sites.fract_transf_matrix[3][2]   0.00952798 
_atom_sites.fract_transf_matrix[3][3]   -0.00748068 
_atom_sites.fract_transf_vector[1]      0.454522 
_atom_sites.fract_transf_vector[2]      0.821083 
_atom_sites.fract_transf_vector[3]      0.486528 
# 
loop_
_atom_type.symbol 
C  
N  
O  
S  
SE 
# 
loop_
_atom_site.group_PDB 
_atom_site.id 
_atom_site.type_symbol 
_atom_site.label_atom_id 
_atom_site.label_alt_id 
_atom_site.label_comp_id 
_atom_site.label_asym_id 
_atom_site.label_entity_id 
_atom_site.label_seq_id 
_atom_site.pdbx_PDB_ins_code 
_atom_site.Cartn_x 
_atom_site.Cartn_y 
_atom_site.Cartn_z 
_atom_site.occupancy 
_atom_site.B_iso_or_equiv 
_atom_site.pdbx_formal_charge 
_atom_site.auth_seq_id 
_atom_site.auth_comp_id 
_atom_site.auth_asym_id 
_atom_site.auth_atom_id 
_atom_site.pdbx_PDB_model_num 
ATOM   1    N  N   . ALA A 1 18  ? 15.582  17.713  2.244   1.00 45.73 ? 18  ALA A N   1 
ATOM   2    C  CA  . ALA A 1 18  ? 15.910  16.764  3.368   1.00 44.94 ? 18  ALA A CA  1 
ATOM   3    C  C   . ALA A 1 18  ? 15.962  15.295  2.835   1.00 44.38 ? 18  ALA A C   1 
ATOM   4    O  O   . ALA A 1 18  ? 15.428  14.996  1.718   1.00 45.11 ? 18  ALA A O   1 
ATOM   5    C  CB  . ALA A 1 18  ? 14.886  16.911  4.528   1.00 44.76 ? 18  ALA A CB  1 
ATOM   6    N  N   . PRO A 1 19  ? 16.615  14.385  3.605   1.00 41.48 ? 19  PRO A N   1 
ATOM   7    C  CA  . PRO A 1 19  ? 16.894  13.025  3.108   1.00 39.30 ? 19  PRO A CA  1 
ATOM   8    C  C   . PRO A 1 19  ? 15.745  12.016  3.215   1.00 36.85 ? 19  PRO A C   1 
ATOM   9    O  O   . PRO A 1 19  ? 15.692  11.076  2.413   1.00 36.65 ? 19  PRO A O   1 
ATOM   10   C  CB  . PRO A 1 19  ? 18.093  12.572  3.972   1.00 39.65 ? 19  PRO A CB  1 
ATOM   11   C  CG  . PRO A 1 19  ? 18.597  13.835  4.666   1.00 40.44 ? 19  PRO A CG  1 
ATOM   12   C  CD  . PRO A 1 19  ? 17.359  14.655  4.851   1.00 41.46 ? 19  PRO A CD  1 
ATOM   13   N  N   . VAL A 1 20  ? 14.845  12.188  4.184   1.00 33.79 ? 20  VAL A N   1 
ATOM   14   C  CA  . VAL A 1 20  ? 13.696  11.275  4.332   1.00 31.17 ? 20  VAL A CA  1 
ATOM   15   C  C   . VAL A 1 20  ? 12.691  11.452  3.207   1.00 29.00 ? 20  VAL A C   1 
ATOM   16   O  O   . VAL A 1 20  ? 11.973  10.512  2.851   1.00 28.19 ? 20  VAL A O   1 
ATOM   17   C  CB  . VAL A 1 20  ? 12.992  11.414  5.717   1.00 31.30 ? 20  VAL A CB  1 
ATOM   18   C  CG1 . VAL A 1 20  ? 11.527  11.841  5.579   1.00 30.64 ? 20  VAL A CG1 1 
ATOM   19   C  CG2 . VAL A 1 20  ? 13.093  10.124  6.467   1.00 30.96 ? 20  VAL A CG2 1 
ATOM   20   N  N   . LEU A 1 21  ? 12.648  12.656  2.647   1.00 26.52 ? 21  LEU A N   1 
ATOM   21   C  CA  . LEU A 1 21  ? 11.896  12.893  1.436   1.00 24.87 ? 21  LEU A CA  1 
ATOM   22   C  C   . LEU A 1 21  ? 12.447  11.984  0.309   1.00 23.43 ? 21  LEU A C   1 
ATOM   23   O  O   . LEU A 1 21  ? 11.688  11.559  -0.561  1.00 22.90 ? 21  LEU A O   1 
ATOM   24   C  CB  . LEU A 1 21  ? 11.901  14.385  1.059   1.00 24.30 ? 21  LEU A CB  1 
ATOM   25   N  N   . GLU A 1 22  ? 13.746  11.651  0.343   1.00 21.92 ? 22  GLU A N   1 
ATOM   26   C  CA  . GLU A 1 22  ? 14.369  10.848  -0.730  1.00 20.54 ? 22  GLU A CA  1 
ATOM   27   C  C   . GLU A 1 22  ? 13.773  9.460   -0.748  1.00 19.28 ? 22  GLU A C   1 
ATOM   28   O  O   . GLU A 1 22  ? 13.530  8.914   -1.825  1.00 19.50 ? 22  GLU A O   1 
ATOM   29   C  CB  . GLU A 1 22  ? 15.896  10.760  -0.594  1.00 20.16 ? 22  GLU A CB  1 
ATOM   30   N  N   . ILE A 1 23  ? 13.531  8.901   0.442   1.00 17.63 ? 23  ILE A N   1 
ATOM   31   C  CA  . ILE A 1 23  ? 12.970  7.544   0.560   1.00 16.19 ? 23  ILE A CA  1 
ATOM   32   C  C   . ILE A 1 23  ? 11.484  7.475   0.178   1.00 14.46 ? 23  ILE A C   1 
ATOM   33   O  O   . ILE A 1 23  ? 11.062  6.504   -0.436  1.00 14.53 ? 23  ILE A O   1 
ATOM   34   C  CB  . ILE A 1 23  ? 13.207  6.932   1.974   1.00 16.35 ? 23  ILE A CB  1 
ATOM   35   C  CG1 . ILE A 1 23  ? 14.718  6.826   2.278   1.00 17.55 ? 23  ILE A CG1 1 
ATOM   36   C  CG2 . ILE A 1 23  ? 12.535  5.574   2.107   1.00 14.84 ? 23  ILE A CG2 1 
ATOM   37   C  CD1 . ILE A 1 23  ? 15.594  6.057   1.200   1.00 18.63 ? 23  ILE A CD1 1 
ATOM   38   N  N   . TYR A 1 24  ? 10.695  8.480   0.523   1.00 12.38 ? 24  TYR A N   1 
ATOM   39   C  CA  . TYR A 1 24  ? 9.327   8.484   0.077   1.00 11.80 ? 24  TYR A CA  1 
ATOM   40   C  C   . TYR A 1 24  ? 9.265   8.509   -1.450  1.00 10.99 ? 24  TYR A C   1 
ATOM   41   O  O   . TYR A 1 24  ? 8.418   7.874   -2.065  1.00 9.25  ? 24  TYR A O   1 
ATOM   42   C  CB  . TYR A 1 24  ? 8.555   9.668   0.637   1.00 11.91 ? 24  TYR A CB  1 
ATOM   43   C  CG  . TYR A 1 24  ? 8.104   9.505   2.077   1.00 12.92 ? 24  TYR A CG  1 
ATOM   44   C  CD1 . TYR A 1 24  ? 8.602   10.328  3.070   1.00 13.76 ? 24  TYR A CD1 1 
ATOM   45   C  CD2 . TYR A 1 24  ? 7.176   8.534   2.442   1.00 13.88 ? 24  TYR A CD2 1 
ATOM   46   C  CE1 . TYR A 1 24  ? 8.202   10.185  4.388   1.00 14.78 ? 24  TYR A CE1 1 
ATOM   47   C  CE2 . TYR A 1 24  ? 6.773   8.386   3.768   1.00 14.21 ? 24  TYR A CE2 1 
ATOM   48   C  CZ  . TYR A 1 24  ? 7.284   9.222   4.734   1.00 14.65 ? 24  TYR A CZ  1 
ATOM   49   O  OH  . TYR A 1 24  ? 6.911   9.119   6.060   1.00 14.76 ? 24  TYR A OH  1 
ATOM   50   N  N   . GLN A 1 25  ? 10.163  9.270   -2.058  1.00 10.51 ? 25  GLN A N   1 
ATOM   51   C  CA  . GLN A 1 25  ? 10.208  9.361   -3.513  1.00 9.91  ? 25  GLN A CA  1 
ATOM   52   C  C   . GLN A 1 25  ? 10.498  7.978   -4.093  1.00 8.19  ? 25  GLN A C   1 
ATOM   53   O  O   . GLN A 1 25  ? 9.789   7.515   -4.964  1.00 7.77  ? 25  GLN A O   1 
ATOM   54   C  CB  . GLN A 1 25  ? 11.260  10.394  -3.937  1.00 10.40 ? 25  GLN A CB  1 
ATOM   55   C  CG  . GLN A 1 25  ? 11.404  10.536  -5.427  1.00 12.94 ? 25  GLN A CG  1 
ATOM   56   C  CD  . GLN A 1 25  ? 10.210  11.179  -6.038  1.00 15.80 ? 25  GLN A CD  1 
ATOM   57   O  OE1 . GLN A 1 25  ? 9.996   12.376  -5.841  1.00 19.72 ? 25  GLN A OE1 1 
ATOM   58   N  NE2 . GLN A 1 25  ? 9.416   10.410  -6.798  1.00 17.98 ? 25  GLN A NE2 1 
ATOM   59   N  N   . ASP A 1 26  ? 11.516  7.314   -3.562  1.00 7.15  ? 26  ASP A N   1 
ATOM   60   C  CA  . ASP A 1 26  ? 11.906  5.989   -4.030  1.00 7.04  ? 26  ASP A CA  1 
ATOM   61   C  C   . ASP A 1 26  ? 10.816  4.970   -3.907  1.00 5.95  ? 26  ASP A C   1 
ATOM   62   O  O   . ASP A 1 26  ? 10.733  4.084   -4.753  1.00 6.18  ? 26  ASP A O   1 
ATOM   63   C  CB  . ASP A 1 26  ? 13.159  5.479   -3.298  1.00 7.58  ? 26  ASP A CB  1 
ATOM   64   C  CG  . ASP A 1 26  ? 14.391  6.315   -3.595  1.00 10.38 ? 26  ASP A CG  1 
ATOM   65   O  OD1 . ASP A 1 26  ? 14.587  6.707   -4.767  1.00 14.00 ? 26  ASP A OD1 1 
ATOM   66   O  OD2 . ASP A 1 26  ? 15.154  6.615   -2.655  1.00 14.23 ? 26  ASP A OD2 1 
ATOM   67   N  N   . ILE A 1 27  ? 10.026  5.052   -2.833  1.00 5.58  ? 27  ILE A N   1 
ATOM   68   C  CA  . ILE A 1 27  ? 8.879   4.140   -2.621  1.00 5.56  ? 27  ILE A CA  1 
ATOM   69   C  C   . ILE A 1 27  ? 7.740   4.436   -3.595  1.00 5.13  ? 27  ILE A C   1 
ATOM   70   O  O   . ILE A 1 27  ? 7.097   3.507   -4.118  1.00 6.04  ? 27  ILE A O   1 
ATOM   71   C  CB  . ILE A 1 27  ? 8.307   4.169   -1.147  1.00 6.24  ? 27  ILE A CB  1 
ATOM   72   C  CG1 . ILE A 1 27  ? 9.322   3.594   -0.137  1.00 5.67  ? 27  ILE A CG1 1 
ATOM   73   C  CG2 . ILE A 1 27  ? 6.958   3.374   -1.064  1.00 5.45  ? 27  ILE A CG2 1 
ATOM   74   C  CD1 . ILE A 1 27  ? 9.017   3.885   1.326   1.00 6.63  ? 27  ILE A CD1 1 
ATOM   75   N  N   . ALA A 1 28  ? 7.491   5.715   -3.831  1.00 3.66  ? 28  ALA A N   1 
ATOM   76   C  CA  . ALA A 1 28  ? 6.590   6.114   -4.868  1.00 3.49  ? 28  ALA A CA  1 
ATOM   77   C  C   . ALA A 1 28  ? 7.092   5.582   -6.215  1.00 3.25  ? 28  ALA A C   1 
ATOM   78   O  O   . ALA A 1 28  ? 6.326   5.038   -7.000  1.00 3.24  ? 28  ALA A O   1 
ATOM   79   C  CB  . ALA A 1 28  ? 6.424   7.637   -4.883  1.00 3.00  ? 28  ALA A CB  1 
ATOM   80   N  N   . ASN A 1 29  ? 8.387   5.674   -6.489  1.00 3.17  ? 29  ASN A N   1 
ATOM   81   C  CA  . ASN A 1 29  ? 8.851   5.233   -7.817  1.00 3.00  ? 29  ASN A CA  1 
ATOM   82   C  C   . ASN A 1 29  ? 8.677   3.733   -7.945  1.00 2.00  ? 29  ASN A C   1 
ATOM   83   O  O   . ASN A 1 29  ? 8.177   3.229   -8.968  1.00 2.00  ? 29  ASN A O   1 
ATOM   84   C  CB  . ASN A 1 29  ? 10.303  5.685   -8.108  1.00 3.46  ? 29  ASN A CB  1 
ATOM   85   C  CG  . ASN A 1 29  ? 10.428  7.222   -8.216  1.00 5.63  ? 29  ASN A CG  1 
ATOM   86   O  OD1 . ASN A 1 29  ? 9.441   7.918   -8.533  1.00 2.29  ? 29  ASN A OD1 1 
ATOM   87   N  ND2 . ASN A 1 29  ? 11.639  7.751   -7.940  1.00 6.21  ? 29  ASN A ND2 1 
ATOM   88   N  N   . LEU A 1 30  ? 9.040   3.037   -6.874  1.00 2.00  ? 30  LEU A N   1 
ATOM   89   C  CA  . LEU A 1 30  ? 8.931   1.603   -6.825  1.00 2.00  ? 30  LEU A CA  1 
ATOM   90   C  C   . LEU A 1 30  ? 7.488   1.137   -6.959  1.00 2.00  ? 30  LEU A C   1 
ATOM   91   O  O   . LEU A 1 30  ? 7.212   0.230   -7.708  1.00 2.00  ? 30  LEU A O   1 
ATOM   92   C  CB  . LEU A 1 30  ? 9.523   1.084   -5.532  1.00 2.00  ? 30  LEU A CB  1 
ATOM   93   C  CG  . LEU A 1 30  ? 9.459   -0.424  -5.441  1.00 2.00  ? 30  LEU A CG  1 
ATOM   94   C  CD1 . LEU A 1 30  ? 10.168  -1.120  -6.590  1.00 2.00  ? 30  LEU A CD1 1 
ATOM   95   C  CD2 . LEU A 1 30  ? 10.023  -0.839  -4.114  1.00 2.00  ? 30  LEU A CD2 1 
ATOM   96   N  N   . THR A 1 31  ? 6.569   1.793   -6.252  1.00 2.00  ? 31  THR A N   1 
ATOM   97   C  CA  . THR A 1 31  ? 5.143   1.433   -6.313  1.00 2.00  ? 31  THR A CA  1 
ATOM   98   C  C   . THR A 1 31  ? 4.556   1.699   -7.699  1.00 2.04  ? 31  THR A C   1 
ATOM   99   O  O   . THR A 1 31  ? 3.635   0.998   -8.116  1.00 2.00  ? 31  THR A O   1 
ATOM   100  C  CB  . THR A 1 31  ? 4.318   2.115   -5.185  1.00 2.00  ? 31  THR A CB  1 
ATOM   101  O  OG1 . THR A 1 31  ? 4.481   3.534   -5.262  1.00 2.00  ? 31  THR A OG1 1 
ATOM   102  C  CG2 . THR A 1 31  ? 4.770   1.626   -3.835  1.00 2.00  ? 31  THR A CG2 1 
ATOM   103  N  N   . SER A 1 32  ? 5.124   2.677   -8.420  1.00 2.85  ? 32  SER A N   1 
ATOM   104  C  CA  . SER A 1 32  ? 4.736   2.943   -9.805  1.00 3.38  ? 32  SER A CA  1 
ATOM   105  C  C   . SER A 1 32  ? 5.237   1.817   -10.744 1.00 3.62  ? 32  SER A C   1 
ATOM   106  O  O   . SER A 1 32  ? 4.531   1.392   -11.673 1.00 2.60  ? 32  SER A O   1 
ATOM   107  C  CB  . SER A 1 32  ? 5.245   4.321   -10.268 1.00 3.89  ? 32  SER A CB  1 
ATOM   108  O  OG  . SER A 1 32  ? 4.577   5.408   -9.606  1.00 5.28  ? 32  SER A OG  1 
ATOM   109  N  N   . ARG A 1 33  ? 6.449   1.328   -10.504 1.00 3.98  ? 33  ARG A N   1 
ATOM   110  C  CA  . ARG A 1 33  ? 6.924   0.125   -11.201 1.00 3.98  ? 33  ARG A CA  1 
ATOM   111  C  C   . ARG A 1 33  ? 6.021   -1.059  -10.871 1.00 3.34  ? 33  ARG A C   1 
ATOM   112  O  O   . ARG A 1 33  ? 5.666   -1.845  -11.761 1.00 3.02  ? 33  ARG A O   1 
ATOM   113  C  CB  . ARG A 1 33  ? 8.388   -0.189  -10.835 1.00 5.18  ? 33  ARG A CB  1 
ATOM   114  C  CG  . ARG A 1 33  ? 9.410   0.524   -11.740 1.00 7.70  ? 33  ARG A CG  1 
ATOM   115  C  CD  . ARG A 1 33  ? 10.817  0.333   -11.263 1.00 11.27 ? 33  ARG A CD  1 
ATOM   116  N  NE  . ARG A 1 33  ? 11.126  1.356   -10.269 1.00 15.94 ? 33  ARG A NE  1 
ATOM   117  C  CZ  . ARG A 1 33  ? 12.000  1.249   -9.256  1.00 18.25 ? 33  ARG A CZ  1 
ATOM   118  N  NH1 . ARG A 1 33  ? 12.721  0.125   -9.064  1.00 17.43 ? 33  ARG A NH1 1 
ATOM   119  N  NH2 . ARG A 1 33  ? 12.148  2.299   -8.415  1.00 17.60 ? 33  ARG A NH2 1 
HETATM 120  N  N   . MSE A 1 34  ? 5.588   -1.190  -9.618  1.00 2.55  ? 34  MSE A N   1 
HETATM 121  C  CA  . MSE A 1 34  ? 4.729   -2.342  -9.301  1.00 2.80  ? 34  MSE A CA  1 
HETATM 122  C  C   . MSE A 1 34  ? 3.453   -2.248  -10.094 1.00 2.00  ? 34  MSE A C   1 
HETATM 123  O  O   . MSE A 1 34  ? 2.974   -3.249  -10.627 1.00 2.00  ? 34  MSE A O   1 
HETATM 124  C  CB  . MSE A 1 34  ? 4.356   -2.436  -7.846  1.00 2.77  ? 34  MSE A CB  1 
HETATM 125  C  CG  . MSE A 1 34  ? 5.493   -2.556  -6.966  1.00 7.96  ? 34  MSE A CG  1 
HETATM 126  SE SE  . MSE A 1 34  ? 4.811   -2.971  -5.182  1.00 19.50 ? 34  MSE A SE  1 
HETATM 127  C  CE  . MSE A 1 34  ? 3.815   -1.288  -4.809  1.00 14.22 ? 34  MSE A CE  1 
ATOM   128  N  N   . LEU A 1 35  ? 2.905   -1.043  -10.137 1.00 2.00  ? 35  LEU A N   1 
ATOM   129  C  CA  . LEU A 1 35  ? 1.688   -0.767  -10.946 1.00 2.00  ? 35  LEU A CA  1 
ATOM   130  C  C   . LEU A 1 35  ? 1.848   -1.137  -12.426 1.00 2.00  ? 35  LEU A C   1 
ATOM   131  O  O   . LEU A 1 35  ? 0.955   -1.746  -12.969 1.00 2.46  ? 35  LEU A O   1 
ATOM   132  C  CB  . LEU A 1 35  ? 1.250   0.683   -10.835 1.00 2.00  ? 35  LEU A CB  1 
ATOM   133  C  CG  . LEU A 1 35  ? -0.120  1.050   -11.420 1.00 2.51  ? 35  LEU A CG  1 
ATOM   134  C  CD1 . LEU A 1 35  ? -1.193  0.001   -11.087 1.00 4.08  ? 35  LEU A CD1 1 
ATOM   135  C  CD2 . LEU A 1 35  ? -0.556  2.464   -10.963 1.00 2.00  ? 35  LEU A CD2 1 
ATOM   136  N  N   . ALA A 1 36  ? 2.970   -0.769  -13.048 1.00 2.08  ? 36  ALA A N   1 
ATOM   137  C  CA  . ALA A 1 36  ? 3.245   -1.163  -14.427 1.00 3.34  ? 36  ALA A CA  1 
ATOM   138  C  C   . ALA A 1 36  ? 3.271   -2.701  -14.637 1.00 3.65  ? 36  ALA A C   1 
ATOM   139  O  O   . ALA A 1 36  ? 2.678   -3.195  -15.575 1.00 5.41  ? 36  ALA A O   1 
ATOM   140  C  CB  . ALA A 1 36  ? 4.580   -0.488  -14.960 1.00 2.52  ? 36  ALA A CB  1 
ATOM   141  N  N   . ALA A 1 37  ? 3.966   -3.442  -13.790 1.00 3.16  ? 37  ALA A N   1 
ATOM   142  C  CA  . ALA A 1 37  ? 3.894   -4.900  -13.797 1.00 2.61  ? 37  ALA A CA  1 
ATOM   143  C  C   . ALA A 1 37  ? 2.474   -5.464  -13.621 1.00 2.46  ? 37  ALA A C   1 
ATOM   144  O  O   . ALA A 1 37  ? 2.064   -6.382  -14.318 1.00 3.49  ? 37  ALA A O   1 
ATOM   145  C  CB  . ALA A 1 37  ? 4.815   -5.475  -12.679 1.00 2.03  ? 37  ALA A CB  1 
ATOM   146  N  N   . ALA A 1 38  ? 1.763   -4.991  -12.623 1.00 2.00  ? 38  ALA A N   1 
ATOM   147  C  CA  . ALA A 1 38  ? 0.365   -5.391  -12.409 1.00 2.00  ? 38  ALA A CA  1 
ATOM   148  C  C   . ALA A 1 38  ? -0.495  -5.132  -13.661 1.00 2.00  ? 38  ALA A C   1 
ATOM   149  O  O   . ALA A 1 38  ? -1.304  -5.956  -14.080 1.00 2.26  ? 38  ALA A O   1 
ATOM   150  C  CB  . ALA A 1 38  ? -0.199  -4.622  -11.234 1.00 2.00  ? 38  ALA A CB  1 
ATOM   151  N  N   . ASN A 1 39  ? -0.326  -3.965  -14.237 1.00 2.00  ? 39  ASN A N   1 
ATOM   152  C  CA  . ASN A 1 39  ? -0.920  -3.641  -15.502 1.00 2.00  ? 39  ASN A CA  1 
ATOM   153  C  C   . ASN A 1 39  ? -0.687  -4.723  -16.603 1.00 2.00  ? 39  ASN A C   1 
ATOM   154  O  O   . ASN A 1 39  ? -1.568  -4.954  -17.431 1.00 2.00  ? 39  ASN A O   1 
ATOM   155  C  CB  . ASN A 1 39  ? -0.405  -2.266  -15.986 1.00 2.00  ? 39  ASN A CB  1 
ATOM   156  C  CG  . ASN A 1 39  ? -1.297  -1.660  -17.055 1.00 3.44  ? 39  ASN A CG  1 
ATOM   157  O  OD1 . ASN A 1 39  ? -2.294  -2.273  -17.449 1.00 2.07  ? 39  ASN A OD1 1 
ATOM   158  N  ND2 . ASN A 1 39  ? -0.958  -0.439  -17.520 1.00 4.74  ? 39  ASN A ND2 1 
ATOM   159  N  N   . ALA A 1 40  ? 0.491   -5.352  -16.589 1.00 2.00  ? 40  ALA A N   1 
ATOM   160  C  CA  . ALA A 1 40  ? 0.908   -6.302  -17.615 1.00 2.00  ? 40  ALA A CA  1 
ATOM   161  C  C   . ALA A 1 40  ? 0.657   -7.697  -17.094 1.00 2.00  ? 40  ALA A C   1 
ATOM   162  O  O   . ALA A 1 40  ? 1.140   -8.643  -17.685 1.00 2.00  ? 40  ALA A O   1 
ATOM   163  C  CB  . ALA A 1 40  ? 2.428   -6.158  -17.943 1.00 2.00  ? 40  ALA A CB  1 
ATOM   164  N  N   . SER A 1 41  ? -0.029  -7.807  -15.969 1.00 2.00  ? 41  SER A N   1 
ATOM   165  C  CA  . SER A 1 41  ? -0.287  -9.096  -15.320 1.00 2.59  ? 41  SER A CA  1 
ATOM   166  C  C   . SER A 1 41  ? 0.969   -9.885  -14.963 1.00 2.59  ? 41  SER A C   1 
ATOM   167  O  O   . SER A 1 41  ? 0.975   -11.105 -14.995 1.00 3.04  ? 41  SER A O   1 
ATOM   168  C  CB  . SER A 1 41  ? -1.243  -9.962  -16.166 1.00 3.39  ? 41  SER A CB  1 
ATOM   169  O  OG  . SER A 1 41  ? -2.541  -9.340  -16.299 1.00 3.87  ? 41  SER A OG  1 
ATOM   170  N  N   . ASN A 1 42  ? 2.021   -9.188  -14.586 1.00 2.51  ? 42  ASN A N   1 
ATOM   171  C  CA  . ASN A 1 42  ? 3.276   -9.860  -14.291 1.00 2.95  ? 42  ASN A CA  1 
ATOM   172  C  C   . ASN A 1 42  ? 3.335   -9.887  -12.791 1.00 2.68  ? 42  ASN A C   1 
ATOM   173  O  O   . ASN A 1 42  ? 3.931   -9.038  -12.124 1.00 3.49  ? 42  ASN A O   1 
ATOM   174  C  CB  . ASN A 1 42  ? 4.481   -9.167  -14.940 1.00 2.32  ? 42  ASN A CB  1 
ATOM   175  C  CG  . ASN A 1 42  ? 5.703   -10.043 -14.969 1.00 3.80  ? 42  ASN A CG  1 
ATOM   176  O  OD1 . ASN A 1 42  ? 5.943   -10.834 -14.032 1.00 4.46  ? 42  ASN A OD1 1 
ATOM   177  N  ND2 . ASN A 1 42  ? 6.522   -9.911  -16.038 1.00 3.89  ? 42  ASN A ND2 1 
ATOM   178  N  N   . TRP A 1 43  ? 2.637   -10.865 -12.269 1.00 2.25  ? 43  TRP A N   1 
ATOM   179  C  CA  . TRP A 1 43  ? 2.465   -10.992 -10.837 1.00 2.00  ? 43  TRP A CA  1 
ATOM   180  C  C   . TRP A 1 43  ? 3.793   -11.240 -10.166 1.00 2.00  ? 43  TRP A C   1 
ATOM   181  O  O   . TRP A 1 43  ? 4.069   -10.636 -9.157  1.00 2.00  ? 43  TRP A O   1 
ATOM   182  C  CB  . TRP A 1 43  ? 1.425   -12.072 -10.549 1.00 2.00  ? 43  TRP A CB  1 
ATOM   183  C  CG  . TRP A 1 43  ? 0.207   -11.850 -11.417 1.00 2.00  ? 43  TRP A CG  1 
ATOM   184  C  CD1 . TRP A 1 43  ? -0.323  -12.704 -12.335 1.00 2.55  ? 43  TRP A CD1 1 
ATOM   185  C  CD2 . TRP A 1 43  ? -0.592  -10.658 -11.478 1.00 2.00  ? 43  TRP A CD2 1 
ATOM   186  N  NE1 . TRP A 1 43  ? -1.416  -12.133 -12.935 1.00 2.00  ? 43  TRP A NE1 1 
ATOM   187  C  CE2 . TRP A 1 43  ? -1.598  -10.878 -12.432 1.00 2.00  ? 43  TRP A CE2 1 
ATOM   188  C  CE3 . TRP A 1 43  ? -0.550  -9.445  -10.814 1.00 2.00  ? 43  TRP A CE3 1 
ATOM   189  C  CZ2 . TRP A 1 43  ? -2.564  -9.950  -12.722 1.00 2.00  ? 43  TRP A CZ2 1 
ATOM   190  C  CZ3 . TRP A 1 43  ? -1.481  -8.498  -11.139 1.00 3.70  ? 43  TRP A CZ3 1 
ATOM   191  C  CH2 . TRP A 1 43  ? -2.489  -8.763  -12.085 1.00 2.22  ? 43  TRP A CH2 1 
ATOM   192  N  N   . ASP A 1 44  ? 4.651   -12.006 -10.804 1.00 2.00  ? 44  ASP A N   1 
ATOM   193  C  CA  . ASP A 1 44  ? 5.953   -12.392 -10.229 1.00 2.00  ? 44  ASP A CA  1 
ATOM   194  C  C   . ASP A 1 44  ? 6.954   -11.238 -10.168 1.00 2.00  ? 44  ASP A C   1 
ATOM   195  O  O   . ASP A 1 44  ? 7.774   -11.176 -9.246  1.00 2.00  ? 44  ASP A O   1 
ATOM   196  C  CB  . ASP A 1 44  ? 6.565   -13.591 -10.990 1.00 2.00  ? 44  ASP A CB  1 
ATOM   197  C  CG  . ASP A 1 44  ? 6.014   -14.926 -10.507 1.00 3.01  ? 44  ASP A CG  1 
ATOM   198  O  OD1 . ASP A 1 44  ? 5.569   -14.993 -9.319  1.00 6.28  ? 44  ASP A OD1 1 
ATOM   199  O  OD2 . ASP A 1 44  ? 6.001   -15.903 -11.288 1.00 4.28  ? 44  ASP A OD2 1 
ATOM   200  N  N   . LEU A 1 45  ? 6.851   -10.320 -11.109 1.00 2.00  ? 45  LEU A N   1 
ATOM   201  C  CA  . LEU A 1 45  ? 7.609   -9.103  -11.070 1.00 2.00  ? 45  LEU A CA  1 
ATOM   202  C  C   . LEU A 1 45  ? 7.095   -8.236  -9.947  1.00 2.00  ? 45  LEU A C   1 
ATOM   203  O  O   . LEU A 1 45  ? 7.882   -7.732  -9.113  1.00 2.08  ? 45  LEU A O   1 
ATOM   204  C  CB  . LEU A 1 45  ? 7.546   -8.366  -12.436 1.00 2.00  ? 45  LEU A CB  1 
ATOM   205  C  CG  . LEU A 1 45  ? 8.279   -7.039  -12.539 1.00 2.00  ? 45  LEU A CG  1 
ATOM   206  C  CD1 . LEU A 1 45  ? 9.720   -7.087  -11.945 1.00 2.00  ? 45  LEU A CD1 1 
ATOM   207  C  CD2 . LEU A 1 45  ? 8.241   -6.598  -13.993 1.00 2.00  ? 45  LEU A CD2 1 
ATOM   208  N  N   . VAL A 1 46  ? 5.777   -8.096  -9.853  1.00 2.00  ? 46  VAL A N   1 
ATOM   209  C  CA  . VAL A 1 46  ? 5.204   -7.267  -8.786  1.00 2.00  ? 46  VAL A CA  1 
ATOM   210  C  C   . VAL A 1 46  ? 5.772   -7.746  -7.461  1.00 2.00  ? 46  VAL A C   1 
ATOM   211  O  O   . VAL A 1 46  ? 6.243   -6.930  -6.661  1.00 2.00  ? 46  VAL A O   1 
ATOM   212  C  CB  . VAL A 1 46  ? 3.668   -7.340  -8.748  1.00 2.00  ? 46  VAL A CB  1 
ATOM   213  C  CG1 . VAL A 1 46  ? 3.152   -6.707  -7.492  1.00 2.00  ? 46  VAL A CG1 1 
ATOM   214  C  CG2 . VAL A 1 46  ? 3.071   -6.690  -9.998  1.00 2.00  ? 46  VAL A CG2 1 
ATOM   215  N  N   . LEU A 1 47  ? 5.742   -9.072  -7.241  1.00 2.00  ? 47  LEU A N   1 
ATOM   216  C  CA  . LEU A 1 47  ? 6.297   -9.670  -6.021  1.00 2.00  ? 47  LEU A CA  1 
ATOM   217  C  C   . LEU A 1 47  ? 7.793   -9.421  -5.880  1.00 2.04  ? 47  LEU A C   1 
ATOM   218  O  O   . LEU A 1 47  ? 8.293   -9.213  -4.798  1.00 2.00  ? 47  LEU A O   1 
ATOM   219  C  CB  . LEU A 1 47  ? 6.114   -11.184 -6.036  1.00 2.66  ? 47  LEU A CB  1 
ATOM   220  C  CG  . LEU A 1 47  ? 4.903   -11.766 -5.316  1.00 4.67  ? 47  LEU A CG  1 
ATOM   221  C  CD1 . LEU A 1 47  ? 5.021   -13.296 -5.382  1.00 5.13  ? 47  LEU A CD1 1 
ATOM   222  C  CD2 . LEU A 1 47  ? 4.738   -11.230 -3.881  1.00 2.00  ? 47  LEU A CD2 1 
ATOM   223  N  N   . ASN A 1 48  ? 8.515   -9.501  -6.998  1.00 2.11  ? 48  ASN A N   1 
ATOM   224  C  CA  . ASN A 1 48  ? 9.936   -9.278  -6.933  1.00 2.36  ? 48  ASN A CA  1 
ATOM   225  C  C   . ASN A 1 48  ? 10.250  -7.842  -6.505  1.00 2.18  ? 48  ASN A C   1 
ATOM   226  O  O   . ASN A 1 48  ? 11.182  -7.619  -5.755  1.00 2.00  ? 48  ASN A O   1 
ATOM   227  C  CB  . ASN A 1 48  ? 10.604  -9.597  -8.244  1.00 2.27  ? 48  ASN A CB  1 
ATOM   228  C  CG  . ASN A 1 48  ? 12.032  -9.186  -8.237  1.00 4.67  ? 48  ASN A CG  1 
ATOM   229  O  OD1 . ASN A 1 48  ? 12.877  -9.853  -7.658  1.00 5.99  ? 48  ASN A OD1 1 
ATOM   230  N  ND2 . ASN A 1 48  ? 12.313  -8.046  -8.841  1.00 6.42  ? 48  ASN A ND2 1 
ATOM   231  N  N   . HIS A 1 49  ? 9.431   -6.885  -6.963  1.00 2.96  ? 49  HIS A N   1 
ATOM   232  C  CA  . HIS A 1 49  ? 9.549   -5.464  -6.533  1.00 2.77  ? 49  HIS A CA  1 
ATOM   233  C  C   . HIS A 1 49  ? 9.305   -5.282  -5.028  1.00 3.61  ? 49  HIS A C   1 
ATOM   234  O  O   . HIS A 1 49  ? 9.825   -4.365  -4.415  1.00 3.32  ? 49  HIS A O   1 
ATOM   235  C  CB  . HIS A 1 49  ? 8.543   -4.599  -7.257  1.00 2.46  ? 49  HIS A CB  1 
ATOM   236  C  CG  . HIS A 1 49  ? 8.881   -4.320  -8.669  1.00 2.00  ? 49  HIS A CG  1 
ATOM   237  N  ND1 . HIS A 1 49  ? 10.127  -3.895  -9.060  1.00 3.54  ? 49  HIS A ND1 1 
ATOM   238  C  CD2 . HIS A 1 49  ? 8.111   -4.300  -9.780  1.00 2.31  ? 49  HIS A CD2 1 
ATOM   239  C  CE1 . HIS A 1 49  ? 10.123  -3.666  -10.364 1.00 2.00  ? 49  HIS A CE1 1 
ATOM   240  N  NE2 . HIS A 1 49  ? 8.914   -3.917  -10.831 1.00 2.00  ? 49  HIS A NE2 1 
ATOM   241  N  N   . GLY A 1 50  ? 8.494   -6.150  -4.437  1.00 5.17  ? 50  GLY A N   1 
ATOM   242  C  CA  . GLY A 1 50  ? 8.283   -6.144  -2.999  1.00 6.37  ? 50  GLY A CA  1 
ATOM   243  C  C   . GLY A 1 50  ? 9.547   -6.341  -2.185  1.00 8.11  ? 50  GLY A C   1 
ATOM   244  O  O   . GLY A 1 50  ? 9.598   -5.970  -1.000  1.00 8.50  ? 50  GLY A O   1 
ATOM   245  N  N   . GLN A 1 51  ? 10.583  -6.928  -2.780  1.00 10.45 ? 51  GLN A N   1 
ATOM   246  C  CA  . GLN A 1 51  ? 11.824  -7.129  -2.011  1.00 11.86 ? 51  GLN A CA  1 
ATOM   247  C  C   . GLN A 1 51  ? 12.504  -5.799  -1.708  1.00 12.67 ? 51  GLN A C   1 
ATOM   248  O  O   . GLN A 1 51  ? 12.856  -5.495  -0.561  1.00 12.68 ? 51  GLN A O   1 
ATOM   249  C  CB  . GLN A 1 51  ? 12.762  -8.088  -2.722  1.00 12.55 ? 51  GLN A CB  1 
ATOM   250  C  CG  . GLN A 1 51  ? 12.320  -9.569  -2.547  1.00 14.06 ? 51  GLN A CG  1 
ATOM   251  N  N   . GLU A 1 52  ? 12.639  -4.984  -2.742  1.00 13.73 ? 52  GLU A N   1 
ATOM   252  C  CA  . GLU A 1 52  ? 13.141  -3.626  -2.597  1.00 13.82 ? 52  GLU A CA  1 
ATOM   253  C  C   . GLU A 1 52  ? 12.234  -2.845  -1.657  1.00 13.59 ? 52  GLU A C   1 
ATOM   254  O  O   . GLU A 1 52  ? 12.710  -2.122  -0.790  1.00 14.16 ? 52  GLU A O   1 
ATOM   255  C  CB  . GLU A 1 52  ? 13.177  -2.960  -3.974  1.00 14.72 ? 52  GLU A CB  1 
ATOM   256  C  CG  . GLU A 1 52  ? 14.199  -1.828  -4.125  1.00 17.05 ? 52  GLU A CG  1 
ATOM   257  C  CD  . GLU A 1 52  ? 14.110  -1.140  -5.476  1.00 20.29 ? 52  GLU A CD  1 
ATOM   258  O  OE1 . GLU A 1 52  ? 13.907  -1.841  -6.501  1.00 21.57 ? 52  GLU A OE1 1 
ATOM   259  O  OE2 . GLU A 1 52  ? 14.244  0.110   -5.510  1.00 23.75 ? 52  GLU A OE2 1 
ATOM   260  N  N   . TYR A 1 53  ? 10.925  -3.027  -1.816  1.00 13.74 ? 53  TYR A N   1 
ATOM   261  C  CA  . TYR A 1 53  ? 9.903   -2.294  -1.059  1.00 14.16 ? 53  TYR A CA  1 
ATOM   262  C  C   . TYR A 1 53  ? 10.129  -2.393  0.429   1.00 13.59 ? 53  TYR A C   1 
ATOM   263  O  O   . TYR A 1 53  ? 10.023  -1.415  1.122   1.00 13.34 ? 53  TYR A O   1 
ATOM   264  C  CB  . TYR A 1 53  ? 8.517   -2.826  -1.433  1.00 14.16 ? 53  TYR A CB  1 
ATOM   265  C  CG  . TYR A 1 53  ? 7.305   -2.094  -0.876  1.00 17.60 ? 53  TYR A CG  1 
ATOM   266  C  CD1 . TYR A 1 53  ? 6.619   -1.115  -1.627  1.00 20.25 ? 53  TYR A CD1 1 
ATOM   267  C  CD2 . TYR A 1 53  ? 6.797   -2.422  0.381   1.00 21.29 ? 53  TYR A CD2 1 
ATOM   268  C  CE1 . TYR A 1 53  ? 5.466   -0.474  -1.117  1.00 21.85 ? 53  TYR A CE1 1 
ATOM   269  C  CE2 . TYR A 1 53  ? 5.652   -1.794  0.889   1.00 23.68 ? 53  TYR A CE2 1 
ATOM   270  C  CZ  . TYR A 1 53  ? 4.988   -0.821  0.137   1.00 23.90 ? 53  TYR A CZ  1 
ATOM   271  O  OH  . TYR A 1 53  ? 3.850   -0.241  0.678   1.00 25.38 ? 53  TYR A OH  1 
ATOM   272  N  N   . VAL A 1 54  ? 10.472  -3.581  0.901   1.00 14.15 ? 54  VAL A N   1 
ATOM   273  C  CA  . VAL A 1 54  ? 10.650  -3.843  2.335   1.00 14.31 ? 54  VAL A CA  1 
ATOM   274  C  C   . VAL A 1 54  ? 11.954  -3.247  2.852   1.00 14.04 ? 54  VAL A C   1 
ATOM   275  O  O   . VAL A 1 54  ? 12.049  -2.795  4.003   1.00 13.39 ? 54  VAL A O   1 
ATOM   276  C  CB  . VAL A 1 54  ? 10.591  -5.368  2.593   1.00 14.66 ? 54  VAL A CB  1 
ATOM   277  C  CG1 . VAL A 1 54  ? 11.182  -5.762  3.960   1.00 14.97 ? 54  VAL A CG1 1 
ATOM   278  C  CG2 . VAL A 1 54  ? 9.137   -5.844  2.456   1.00 15.04 ? 54  VAL A CG2 1 
ATOM   279  N  N   . CYS A 1 55  ? 12.949  -3.235  1.975   1.00 14.01 ? 55  CYS A N   1 
ATOM   280  C  CA  . CYS A 1 55  ? 14.218  -2.550  2.234   1.00 14.54 ? 55  CYS A CA  1 
ATOM   281  C  C   . CYS A 1 55  ? 14.007  -1.069  2.493   1.00 12.34 ? 55  CYS A C   1 
ATOM   282  O  O   . CYS A 1 55  ? 14.580  -0.496  3.406   1.00 12.12 ? 55  CYS A O   1 
ATOM   283  C  CB  . CYS A 1 55  ? 15.143  -2.674  1.011   1.00 14.99 ? 55  CYS A CB  1 
ATOM   284  S  SG  . CYS A 1 55  ? 16.515  -3.775  1.234   1.00 23.15 ? 55  CYS A SG  1 
ATOM   285  N  N   . LEU A 1 56  ? 13.185  -0.486  1.622   1.00 10.43 ? 56  LEU A N   1 
ATOM   286  C  CA  . LEU A 1 56  ? 12.920  0.940   1.552   1.00 8.46  ? 56  LEU A CA  1 
ATOM   287  C  C   . LEU A 1 56  ? 12.105  1.376   2.776   1.00 7.24  ? 56  LEU A C   1 
ATOM   288  O  O   . LEU A 1 56  ? 12.325  2.445   3.326   1.00 7.06  ? 56  LEU A O   1 
ATOM   289  C  CB  . LEU A 1 56  ? 12.201  1.261   0.218   1.00 7.70  ? 56  LEU A CB  1 
ATOM   290  C  CG  . LEU A 1 56  ? 12.834  2.188   -0.861  1.00 7.47  ? 56  LEU A CG  1 
ATOM   291  C  CD1 . LEU A 1 56  ? 14.391  2.207   -0.918  1.00 2.87  ? 56  LEU A CD1 1 
ATOM   292  C  CD2 . LEU A 1 56  ? 12.220  1.949   -2.279  1.00 2.00  ? 56  LEU A CD2 1 
ATOM   293  N  N   . VAL A 1 57  ? 11.194  0.519   3.214   1.00 6.14  ? 57  VAL A N   1 
ATOM   294  C  CA  . VAL A 1 57  ? 10.381  0.774   4.394   1.00 5.52  ? 57  VAL A CA  1 
ATOM   295  C  C   . VAL A 1 57  ? 11.238  0.684   5.651   1.00 4.72  ? 57  VAL A C   1 
ATOM   296  O  O   . VAL A 1 57  ? 11.113  1.525   6.513   1.00 3.85  ? 57  VAL A O   1 
ATOM   297  C  CB  . VAL A 1 57  ? 9.133   -0.157  4.407   1.00 5.81  ? 57  VAL A CB  1 
ATOM   298  C  CG1 . VAL A 1 57  ? 8.455   -0.207  5.785   1.00 5.72  ? 57  VAL A CG1 1 
ATOM   299  C  CG2 . VAL A 1 57  ? 8.146   0.281   3.277   1.00 3.83  ? 57  VAL A CG2 1 
ATOM   300  N  N   . GLU A 1 58  ? 12.142  -0.287  5.719   1.00 5.35  ? 58  GLU A N   1 
ATOM   301  C  CA  . GLU A 1 58  ? 13.084  -0.376  6.827   1.00 6.41  ? 58  GLU A CA  1 
ATOM   302  C  C   . GLU A 1 58  ? 13.902  0.920   6.919   1.00 7.16  ? 58  GLU A C   1 
ATOM   303  O  O   . GLU A 1 58  ? 14.027  1.516   8.018   1.00 6.06  ? 58  GLU A O   1 
ATOM   304  C  CB  . GLU A 1 58  ? 14.019  -1.602  6.705   1.00 7.06  ? 58  GLU A CB  1 
ATOM   305  C  CG  . GLU A 1 58  ? 13.329  -3.002  6.831   1.00 8.32  ? 58  GLU A CG  1 
ATOM   306  N  N   . ARG A 1 59  ? 14.423  1.378   5.775   1.00 7.57  ? 59  ARG A N   1 
ATOM   307  C  CA  . ARG A 1 59  ? 15.308  2.553   5.767   1.00 8.58  ? 59  ARG A CA  1 
ATOM   308  C  C   . ARG A 1 59  ? 14.526  3.774   6.186   1.00 8.47  ? 59  ARG A C   1 
ATOM   309  O  O   . ARG A 1 59  ? 15.013  4.605   6.928   1.00 8.91  ? 59  ARG A O   1 
ATOM   310  C  CB  . ARG A 1 59  ? 15.945  2.794   4.386   1.00 9.01  ? 59  ARG A CB  1 
ATOM   311  C  CG  . ARG A 1 59  ? 17.401  3.340   4.484   1.00 10.67 ? 59  ARG A CG  1 
ATOM   312  N  N   . LEU A 1 60  ? 13.299  3.856   5.699   1.00 8.74  ? 60  LEU A N   1 
ATOM   313  C  CA  . LEU A 1 60  ? 12.351  4.865   6.121   1.00 9.21  ? 60  LEU A CA  1 
ATOM   314  C  C   . LEU A 1 60  ? 12.199  4.834   7.620   1.00 9.74  ? 60  LEU A C   1 
ATOM   315  O  O   . LEU A 1 60  ? 12.119  5.868   8.267   1.00 9.35  ? 60  LEU A O   1 
ATOM   316  C  CB  . LEU A 1 60  ? 10.967  4.594   5.514   1.00 9.09  ? 60  LEU A CB  1 
ATOM   317  C  CG  . LEU A 1 60  ? 10.098  5.806   5.175   1.00 8.58  ? 60  LEU A CG  1 
ATOM   318  C  CD1 . LEU A 1 60  ? 8.597   5.460   5.152   1.00 6.78  ? 60  LEU A CD1 1 
ATOM   319  C  CD2 . LEU A 1 60  ? 10.373  6.874   6.140   1.00 7.63  ? 60  LEU A CD2 1 
ATOM   320  N  N   . ARG A 1 61  ? 12.122  3.630   8.159   1.00 10.44 ? 61  ARG A N   1 
ATOM   321  C  CA  . ARG A 1 61  ? 11.857  3.460   9.564   1.00 11.74 ? 61  ARG A CA  1 
ATOM   322  C  C   . ARG A 1 61  ? 13.013  3.931   10.487  1.00 13.29 ? 61  ARG A C   1 
ATOM   323  O  O   . ARG A 1 61  ? 12.789  4.338   11.633  1.00 13.12 ? 61  ARG A O   1 
ATOM   324  C  CB  . ARG A 1 61  ? 11.433  2.009   9.821   1.00 11.73 ? 61  ARG A CB  1 
ATOM   325  C  CG  . ARG A 1 61  ? 10.005  1.946   10.288  1.00 11.51 ? 61  ARG A CG  1 
ATOM   326  C  CD  . ARG A 1 61  ? 9.168   0.907   9.634   1.00 10.24 ? 61  ARG A CD  1 
ATOM   327  N  NE  . ARG A 1 61  ? 9.311   -0.461  10.121  1.00 9.70  ? 61  ARG A NE  1 
ATOM   328  C  CZ  . ARG A 1 61  ? 9.179   -0.907  11.364  1.00 9.52  ? 61  ARG A CZ  1 
ATOM   329  N  NH1 . ARG A 1 61  ? 8.971   -0.106  12.393  1.00 9.29  ? 61  ARG A NH1 1 
ATOM   330  N  NH2 . ARG A 1 61  ? 9.321   -2.213  11.574  1.00 11.58 ? 61  ARG A NH2 1 
ATOM   331  N  N   . GLU A 1 62  ? 14.228  3.945   9.947   1.00 15.32 ? 62  GLU A N   1 
ATOM   332  C  CA  . GLU A 1 62  ? 15.417  4.431   10.663  1.00 16.80 ? 62  GLU A CA  1 
ATOM   333  C  C   . GLU A 1 62  ? 15.468  5.978   10.746  1.00 18.81 ? 62  GLU A C   1 
ATOM   334  O  O   . GLU A 1 62  ? 15.804  6.517   11.790  1.00 19.33 ? 62  GLU A O   1 
ATOM   335  C  CB  . GLU A 1 62  ? 16.680  3.820   10.037  1.00 16.07 ? 62  GLU A CB  1 
ATOM   336  C  CG  . GLU A 1 62  ? 16.427  2.379   9.631   1.00 15.58 ? 62  GLU A CG  1 
ATOM   337  C  CD  . GLU A 1 62  ? 17.657  1.512   9.442   1.00 15.27 ? 62  GLU A CD  1 
ATOM   338  O  OE1 . GLU A 1 62  ? 18.160  0.970   10.458  1.00 14.56 ? 62  GLU A OE1 1 
ATOM   339  O  OE2 . GLU A 1 62  ? 18.074  1.324   8.270   1.00 12.01 ? 62  GLU A OE2 1 
ATOM   340  N  N   . LEU A 1 63  ? 15.100  6.674   9.668   1.00 21.64 ? 63  LEU A N   1 
ATOM   341  C  CA  . LEU A 1 63  ? 15.001  8.158   9.642   1.00 24.05 ? 63  LEU A CA  1 
ATOM   342  C  C   . LEU A 1 63  ? 13.764  8.744   10.385  1.00 26.32 ? 63  LEU A C   1 
ATOM   343  O  O   . LEU A 1 63  ? 13.791  9.881   10.890  1.00 26.16 ? 63  LEU A O   1 
ATOM   344  C  CB  . LEU A 1 63  ? 14.968  8.667   8.180   1.00 24.24 ? 63  LEU A CB  1 
ATOM   345  C  CG  . LEU A 1 63  ? 16.238  8.819   7.321   1.00 24.36 ? 63  LEU A CG  1 
ATOM   346  N  N   . GLU A 1 64  ? 12.680  7.980   10.434  1.00 29.11 ? 64  GLU A N   1 
ATOM   347  C  CA  . GLU A 1 64  ? 11.412  8.519   10.884  1.00 31.65 ? 64  GLU A CA  1 
ATOM   348  C  C   . GLU A 1 64  ? 10.975  7.918   12.221  1.00 34.56 ? 64  GLU A C   1 
ATOM   349  O  O   . GLU A 1 64  ? 11.268  6.749   12.500  1.00 34.39 ? 64  GLU A O   1 
ATOM   350  C  CB  . GLU A 1 64  ? 10.337  8.269   9.816   1.00 31.43 ? 64  GLU A CB  1 
ATOM   351  C  CG  . GLU A 1 64  ? 10.390  9.221   8.635   1.00 30.45 ? 64  GLU A CG  1 
ATOM   352  C  CD  . GLU A 1 64  ? 9.519   10.460  8.820   1.00 30.36 ? 64  GLU A CD  1 
ATOM   353  O  OE1 . GLU A 1 64  ? 9.559   11.077  9.903   1.00 29.35 ? 64  GLU A OE1 1 
ATOM   354  O  OE2 . GLU A 1 64  ? 8.788   10.821  7.875   1.00 28.62 ? 64  GLU A OE2 1 
ATOM   355  N  N   . PRO A 1 65  ? 10.237  8.709   13.038  1.00 38.45 ? 65  PRO A N   1 
ATOM   356  C  CA  . PRO A 1 65  ? 9.850   10.103  12.711  1.00 40.68 ? 65  PRO A CA  1 
ATOM   357  C  C   . PRO A 1 65  ? 10.844  11.216  13.103  1.00 43.05 ? 65  PRO A C   1 
ATOM   358  O  O   . PRO A 1 65  ? 11.991  10.956  13.595  1.00 43.14 ? 65  PRO A O   1 
ATOM   359  C  CB  . PRO A 1 65  ? 8.518   10.311  13.474  1.00 40.27 ? 65  PRO A CB  1 
ATOM   360  C  CG  . PRO A 1 65  ? 8.312   9.110   14.313  1.00 40.33 ? 65  PRO A CG  1 
ATOM   361  C  CD  . PRO A 1 65  ? 9.614   8.293   14.306  1.00 38.95 ? 65  PRO A CD  1 
ATOM   362  N  N   . GLY A 1 66  ? 10.371  12.441  12.843  1.00 45.49 ? 66  GLY A N   1 
ATOM   363  C  CA  . GLY A 1 66  ? 11.098  13.668  13.147  1.00 47.49 ? 66  GLY A CA  1 
ATOM   364  C  C   . GLY A 1 66  ? 12.131  13.985  12.073  1.00 48.86 ? 66  GLY A C   1 
ATOM   365  O  O   . GLY A 1 66  ? 12.179  13.305  11.005  1.00 49.31 ? 66  GLY A O   1 
ATOM   366  N  N   . GLU A 1 67  ? 12.887  15.077  12.289  1.00 50.02 ? 67  GLU A N   1 
ATOM   367  C  CA  . GLU A 1 67  ? 12.463  16.182  13.175  1.00 50.37 ? 67  GLU A CA  1 
ATOM   368  C  C   . GLU A 1 67  ? 11.270  16.756  12.380  1.00 50.49 ? 67  GLU A C   1 
ATOM   369  O  O   . GLU A 1 67  ? 10.907  16.129  11.341  1.00 50.03 ? 67  GLU A O   1 
ATOM   370  C  CB  . GLU A 1 67  ? 13.636  17.181  13.341  1.00 51.24 ? 67  GLU A CB  1 
ATOM   371  C  CG  . GLU A 1 67  ? 14.977  16.569  13.937  1.00 52.02 ? 67  GLU A CG  1 
ATOM   372  C  CD  . GLU A 1 67  ? 15.209  16.876  15.472  1.00 55.07 ? 67  GLU A CD  1 
ATOM   373  O  OE1 . GLU A 1 67  ? 14.205  17.031  16.268  1.00 52.16 ? 67  GLU A OE1 1 
ATOM   374  O  OE2 . GLU A 1 67  ? 16.418  16.967  15.876  1.00 56.04 ? 67  GLU A OE2 1 
ATOM   375  N  N   . PRO A 1 68  ? 10.639  17.906  12.819  1.00 49.97 ? 68  PRO A N   1 
ATOM   376  C  CA  . PRO A 1 68  ? 9.452   18.387  12.042  1.00 49.25 ? 68  PRO A CA  1 
ATOM   377  C  C   . PRO A 1 68  ? 9.838   18.584  10.578  1.00 47.99 ? 68  PRO A C   1 
ATOM   378  O  O   . PRO A 1 68  ? 11.009  18.314  10.252  1.00 48.93 ? 68  PRO A O   1 
ATOM   379  C  CB  . PRO A 1 68  ? 9.079   19.748  12.703  1.00 49.87 ? 68  PRO A CB  1 
ATOM   380  C  CG  . PRO A 1 68  ? 9.958   19.885  13.972  1.00 49.67 ? 68  PRO A CG  1 
ATOM   381  C  CD  . PRO A 1 68  ? 11.171  18.976  13.696  1.00 50.40 ? 68  PRO A CD  1 
ATOM   382  N  N   . LEU A 1 69  ? 8.908   19.031  9.722   1.00 45.75 ? 69  LEU A N   1 
ATOM   383  C  CA  . LEU A 1 69  ? 9.195   19.271  8.291   1.00 43.93 ? 69  LEU A CA  1 
ATOM   384  C  C   . LEU A 1 69  ? 8.741   20.678  7.831   1.00 42.36 ? 69  LEU A C   1 
ATOM   385  O  O   . LEU A 1 69  ? 7.890   21.296  8.465   1.00 41.79 ? 69  LEU A O   1 
ATOM   386  C  CB  . LEU A 1 69  ? 8.588   18.160  7.407   1.00 43.71 ? 69  LEU A CB  1 
ATOM   387  C  CG  . LEU A 1 69  ? 9.494   16.976  7.047   1.00 43.27 ? 69  LEU A CG  1 
ATOM   388  N  N   . ASP A 1 70  ? 9.286   21.118  6.689   1.00 40.63 ? 70  ASP A N   1 
ATOM   389  C  CA  . ASP A 1 70  ? 9.368   22.535  6.264   1.00 39.27 ? 70  ASP A CA  1 
ATOM   390  C  C   . ASP A 1 70  ? 8.138   23.294  5.683   1.00 38.07 ? 70  ASP A C   1 
ATOM   391  O  O   . ASP A 1 70  ? 8.301   24.425  5.204   1.00 38.15 ? 70  ASP A O   1 
ATOM   392  C  CB  . ASP A 1 70  ? 10.523  22.664  5.251   1.00 39.05 ? 70  ASP A CB  1 
ATOM   393  N  N   . GLU A 1 71  ? 6.938   22.705  5.727   1.00 36.54 ? 71  GLU A N   1 
ATOM   394  C  CA  . GLU A 1 71  ? 5.719   23.245  5.057   1.00 35.28 ? 71  GLU A CA  1 
ATOM   395  C  C   . GLU A 1 71  ? 5.744   23.020  3.547   1.00 34.15 ? 71  GLU A C   1 
ATOM   396  O  O   . GLU A 1 71  ? 4.771   22.514  2.976   1.00 33.63 ? 71  GLU A O   1 
ATOM   397  C  CB  . GLU A 1 71  ? 5.455   24.725  5.361   1.00 35.38 ? 71  GLU A CB  1 
ATOM   398  C  CG  . GLU A 1 71  ? 4.086   25.232  4.883   1.00 35.62 ? 71  GLU A CG  1 
ATOM   399  N  N   . ALA A 1 72  ? 6.846   23.418  2.912   1.00 32.80 ? 72  ALA A N   1 
ATOM   400  C  CA  . ALA A 1 72  ? 7.123   23.069  1.523   1.00 31.62 ? 72  ALA A CA  1 
ATOM   401  C  C   . ALA A 1 72  ? 7.337   21.560  1.408   1.00 30.57 ? 72  ALA A C   1 
ATOM   402  O  O   . ALA A 1 72  ? 6.738   20.894  0.556   1.00 30.06 ? 72  ALA A O   1 
ATOM   403  C  CB  . ALA A 1 72  ? 8.351   23.825  1.014   1.00 31.42 ? 72  ALA A CB  1 
ATOM   404  N  N   . ALA A 1 73  ? 8.192   21.030  2.279   1.00 29.44 ? 73  ALA A N   1 
ATOM   405  C  CA  . ALA A 1 73  ? 8.481   19.598  2.315   1.00 28.69 ? 73  ALA A CA  1 
ATOM   406  C  C   . ALA A 1 73  ? 7.377   18.749  2.985   1.00 28.00 ? 73  ALA A C   1 
ATOM   407  O  O   . ALA A 1 73  ? 7.462   17.534  2.965   1.00 27.94 ? 73  ALA A O   1 
ATOM   408  C  CB  . ALA A 1 73  ? 9.830   19.353  2.992   1.00 28.58 ? 73  ALA A CB  1 
ATOM   409  N  N   . ARG A 1 74  ? 6.359   19.380  3.577   1.00 27.63 ? 74  ARG A N   1 
ATOM   410  C  CA  . ARG A 1 74  ? 5.212   18.672  4.175   1.00 27.07 ? 74  ARG A CA  1 
ATOM   411  C  C   . ARG A 1 74  ? 4.225   18.281  3.075   1.00 26.52 ? 74  ARG A C   1 
ATOM   412  O  O   . ARG A 1 74  ? 3.853   17.107  2.939   1.00 26.85 ? 74  ARG A O   1 
ATOM   413  C  CB  . ARG A 1 74  ? 4.510   19.551  5.229   1.00 27.32 ? 74  ARG A CB  1 
ATOM   414  C  CG  . ARG A 1 74  ? 4.068   18.795  6.496   1.00 27.94 ? 74  ARG A CG  1 
ATOM   415  C  CD  . ARG A 1 74  ? 3.317   19.688  7.487   1.00 27.46 ? 74  ARG A CD  1 
ATOM   416  N  NE  . ARG A 1 74  ? 4.189   20.717  8.070   1.00 29.22 ? 74  ARG A NE  1 
ATOM   417  C  CZ  . ARG A 1 74  ? 4.156   22.029  7.796   1.00 30.12 ? 74  ARG A CZ  1 
ATOM   418  N  NH1 . ARG A 1 74  ? 3.285   22.542  6.921   1.00 30.40 ? 74  ARG A NH1 1 
ATOM   419  N  NH2 . ARG A 1 74  ? 5.009   22.850  8.411   1.00 30.36 ? 74  ARG A NH2 1 
ATOM   420  N  N   . GLY A 1 75  ? 3.824   19.265  2.283   1.00 25.73 ? 75  GLY A N   1 
ATOM   421  C  CA  . GLY A 1 75  ? 2.942   19.054  1.147   1.00 25.52 ? 75  GLY A CA  1 
ATOM   422  C  C   . GLY A 1 75  ? 3.503   18.101  0.105   1.00 25.25 ? 75  GLY A C   1 
ATOM   423  O  O   . GLY A 1 75  ? 2.742   17.427  -0.571  1.00 24.96 ? 75  GLY A O   1 
HETATM 424  N  N   . MSE A 1 76  ? 4.828   18.048  -0.021  1.00 25.09 ? 76  MSE A N   1 
HETATM 425  C  CA  . MSE A 1 76  ? 5.499   17.133  -0.941  1.00 25.69 ? 76  MSE A CA  1 
HETATM 426  C  C   . MSE A 1 76  ? 5.377   15.670  -0.473  1.00 24.00 ? 76  MSE A C   1 
HETATM 427  O  O   . MSE A 1 76  ? 5.126   14.760  -1.276  1.00 23.53 ? 76  MSE A O   1 
HETATM 428  C  CB  . MSE A 1 76  ? 6.978   17.496  -1.022  1.00 27.05 ? 76  MSE A CB  1 
HETATM 429  C  CG  . MSE A 1 76  ? 7.680   17.132  -2.331  1.00 32.80 ? 76  MSE A CG  1 
HETATM 430  SE SE  . MSE A 1 76  ? 9.228   18.403  -2.645  1.00 50.94 ? 76  MSE A SE  1 
HETATM 431  C  CE  . MSE A 1 76  ? 8.539   20.153  -2.013  1.00 43.11 ? 76  MSE A CE  1 
ATOM   432  N  N   . LYS A 1 77  ? 5.589   15.454  0.824   1.00 21.88 ? 77  LYS A N   1 
ATOM   433  C  CA  . LYS A 1 77  ? 5.537   14.109  1.403   1.00 20.52 ? 77  LYS A CA  1 
ATOM   434  C  C   . LYS A 1 77  ? 4.097   13.656  1.324   1.00 18.73 ? 77  LYS A C   1 
ATOM   435  O  O   . LYS A 1 77  ? 3.821   12.589  0.824   1.00 18.83 ? 77  LYS A O   1 
ATOM   436  C  CB  . LYS A 1 77  ? 6.088   14.097  2.840   1.00 20.33 ? 77  LYS A CB  1 
ATOM   437  C  CG  . LYS A 1 77  ? 5.716   12.909  3.706   1.00 20.80 ? 77  LYS A CG  1 
ATOM   438  C  CD  . LYS A 1 77  ? 6.378   13.040  5.106   1.00 22.59 ? 77  LYS A CD  1 
ATOM   439  C  CE  . LYS A 1 77  ? 5.542   12.437  6.245   1.00 23.09 ? 77  LYS A CE  1 
ATOM   440  N  NZ  . LYS A 1 77  ? 4.884   13.501  7.071   1.00 23.87 ? 77  LYS A NZ  1 
ATOM   441  N  N   . PHE A 1 78  ? 3.186   14.505  1.767   1.00 16.83 ? 78  PHE A N   1 
ATOM   442  C  CA  . PHE A 1 78  ? 1.767   14.234  1.669   1.00 15.73 ? 78  PHE A CA  1 
ATOM   443  C  C   . PHE A 1 78  ? 1.378   13.755  0.277   1.00 13.45 ? 78  PHE A C   1 
ATOM   444  O  O   . PHE A 1 78  ? 0.652   12.777  0.165   1.00 12.56 ? 78  PHE A O   1 
ATOM   445  C  CB  . PHE A 1 78  ? 1.001   15.499  2.029   1.00 16.61 ? 78  PHE A CB  1 
ATOM   446  C  CG  . PHE A 1 78  ? -0.477  15.313  2.126   1.00 20.00 ? 78  PHE A CG  1 
ATOM   447  C  CD1 . PHE A 1 78  ? -1.104  15.352  3.367   1.00 24.10 ? 78  PHE A CD1 1 
ATOM   448  C  CD2 . PHE A 1 78  ? -1.253  15.141  0.978   1.00 22.19 ? 78  PHE A CD2 1 
ATOM   449  C  CE1 . PHE A 1 78  ? -2.479  15.210  3.461   1.00 25.52 ? 78  PHE A CE1 1 
ATOM   450  C  CE2 . PHE A 1 78  ? -2.616  14.988  1.061   1.00 23.25 ? 78  PHE A CE2 1 
ATOM   451  C  CZ  . PHE A 1 78  ? -3.234  15.023  2.299   1.00 25.39 ? 78  PHE A CZ  1 
ATOM   452  N  N   . ASP A 1 79  ? 1.855   14.454  -0.756  1.00 11.58 ? 79  ASP A N   1 
ATOM   453  C  CA  . ASP A 1 79  ? 1.665   14.068  -2.165  1.00 11.04 ? 79  ASP A CA  1 
ATOM   454  C  C   . ASP A 1 79  ? 2.227   12.691  -2.475  1.00 10.04 ? 79  ASP A C   1 
ATOM   455  O  O   . ASP A 1 79  ? 1.538   11.821  -3.029  1.00 9.34  ? 79  ASP A O   1 
ATOM   456  C  CB  . ASP A 1 79  ? 2.378   15.052  -3.106  1.00 11.50 ? 79  ASP A CB  1 
ATOM   457  C  CG  . ASP A 1 79  ? 1.563   16.304  -3.412  1.00 12.31 ? 79  ASP A CG  1 
ATOM   458  O  OD1 . ASP A 1 79  ? 0.631   16.684  -2.666  1.00 10.56 ? 79  ASP A OD1 1 
ATOM   459  O  OD2 . ASP A 1 79  ? 1.884   16.925  -4.439  1.00 17.75 ? 79  ASP A OD2 1 
ATOM   460  N  N   . LEU A 1 80  ? 3.498   12.508  -2.129  1.00 8.97  ? 80  LEU A N   1 
ATOM   461  C  CA  . LEU A 1 80  ? 4.154   11.203  -2.273  1.00 8.41  ? 80  LEU A CA  1 
ATOM   462  C  C   . LEU A 1 80  ? 3.361   10.060  -1.646  1.00 8.23  ? 80  LEU A C   1 
ATOM   463  O  O   . LEU A 1 80  ? 3.142   9.028   -2.289  1.00 9.11  ? 80  LEU A O   1 
ATOM   464  C  CB  . LEU A 1 80  ? 5.567   11.263  -1.712  1.00 8.02  ? 80  LEU A CB  1 
ATOM   465  C  CG  . LEU A 1 80  ? 6.472   12.115  -2.602  1.00 6.22  ? 80  LEU A CG  1 
ATOM   466  C  CD1 . LEU A 1 80  ? 7.895   12.163  -2.047  1.00 5.35  ? 80  LEU A CD1 1 
ATOM   467  C  CD2 . LEU A 1 80  ? 6.441   11.593  -4.047  1.00 3.38  ? 80  LEU A CD2 1 
ATOM   468  N  N   . LEU A 1 81  ? 2.863   10.273  -0.436  1.00 7.98  ? 81  LEU A N   1 
ATOM   469  C  CA  . LEU A 1 81  ? 2.017   9.298   0.210   1.00 8.51  ? 81  LEU A CA  1 
ATOM   470  C  C   . LEU A 1 81  ? 0.727   9.039   -0.564  1.00 8.14  ? 81  LEU A C   1 
ATOM   471  O  O   . LEU A 1 81  ? 0.361   7.909   -0.816  1.00 7.40  ? 81  LEU A O   1 
ATOM   472  C  CB  . LEU A 1 81  ? 1.690   9.739   1.631   1.00 8.93  ? 81  LEU A CB  1 
ATOM   473  C  CG  . LEU A 1 81  ? 2.896   9.708   2.570   1.00 11.19 ? 81  LEU A CG  1 
ATOM   474  C  CD1 . LEU A 1 81  ? 2.462   9.923   4.056   1.00 14.50 ? 81  LEU A CD1 1 
ATOM   475  C  CD2 . LEU A 1 81  ? 3.625   8.392   2.404   1.00 13.10 ? 81  LEU A CD2 1 
ATOM   476  N  N   . VAL A 1 82  ? 0.024   10.092  -0.942  1.00 8.32  ? 82  VAL A N   1 
ATOM   477  C  CA  . VAL A 1 82  ? -1.206  9.894   -1.706  1.00 7.89  ? 82  VAL A CA  1 
ATOM   478  C  C   . VAL A 1 82  ? -0.900  9.038   -2.925  1.00 8.04  ? 82  VAL A C   1 
ATOM   479  O  O   . VAL A 1 82  ? -1.652  8.131   -3.253  1.00 7.57  ? 82  VAL A O   1 
ATOM   480  C  CB  . VAL A 1 82  ? -1.802  11.202  -2.160  1.00 7.42  ? 82  VAL A CB  1 
ATOM   481  C  CG1 . VAL A 1 82  ? -2.653  10.964  -3.351  1.00 6.19  ? 82  VAL A CG1 1 
ATOM   482  C  CG2 . VAL A 1 82  ? -2.596  11.830  -1.022  1.00 5.45  ? 82  VAL A CG2 1 
ATOM   483  N  N   . ARG A 1 83  ? 0.228   9.326   -3.566  1.00 8.11  ? 83  ARG A N   1 
ATOM   484  C  CA  . ARG A 1 83  ? 0.669   8.575   -4.743  1.00 8.15  ? 83  ARG A CA  1 
ATOM   485  C  C   . ARG A 1 83  ? 1.007   7.100   -4.434  1.00 7.71  ? 83  ARG A C   1 
ATOM   486  O  O   . ARG A 1 83  ? 0.650   6.203   -5.228  1.00 6.64  ? 83  ARG A O   1 
ATOM   487  C  CB  . ARG A 1 83  ? 1.874   9.253   -5.369  1.00 8.11  ? 83  ARG A CB  1 
ATOM   488  C  CG  . ARG A 1 83  ? 2.502   8.475   -6.557  1.00 11.34 ? 83  ARG A CG  1 
ATOM   489  C  CD  . ARG A 1 83  ? 1.502   8.206   -7.776  1.00 13.57 ? 83  ARG A CD  1 
ATOM   490  N  NE  . ARG A 1 83  ? 0.757   9.410   -8.217  1.00 15.01 ? 83  ARG A NE  1 
ATOM   491  C  CZ  . ARG A 1 83  ? 1.118   10.250  -9.206  1.00 15.29 ? 83  ARG A CZ  1 
ATOM   492  N  NH1 . ARG A 1 83  ? 2.226   10.047  -9.916  1.00 14.54 ? 83  ARG A NH1 1 
ATOM   493  N  NH2 . ARG A 1 83  ? 0.358   11.305  -9.501  1.00 13.08 ? 83  ARG A NH2 1 
ATOM   494  N  N   . ILE A 1 84  ? 1.709   6.867   -3.316  1.00 6.53  ? 84  ILE A N   1 
ATOM   495  C  CA  . ILE A 1 84  ? 2.078   5.501   -2.901  1.00 5.90  ? 84  ILE A CA  1 
ATOM   496  C  C   . ILE A 1 84  ? 0.814   4.716   -2.578  1.00 6.02  ? 84  ILE A C   1 
ATOM   497  O  O   . ILE A 1 84  ? 0.644   3.573   -2.995  1.00 5.27  ? 84  ILE A O   1 
ATOM   498  C  CB  . ILE A 1 84  ? 2.956   5.508   -1.608  1.00 5.65  ? 84  ILE A CB  1 
ATOM   499  C  CG1 . ILE A 1 84  ? 4.339   6.139   -1.831  1.00 5.32  ? 84  ILE A CG1 1 
ATOM   500  C  CG2 . ILE A 1 84  ? 3.142   4.107   -1.027  1.00 4.56  ? 84  ILE A CG2 1 
ATOM   501  C  CD1 . ILE A 1 84  ? 5.005   6.577   -0.524  1.00 2.00  ? 84  ILE A CD1 1 
ATOM   502  N  N   . LEU A 1 85  ? -0.066  5.314   -1.786  1.00 6.41  ? 85  LEU A N   1 
ATOM   503  C  CA  . LEU A 1 85  ? -1.320  4.655   -1.465  1.00 6.96  ? 85  LEU A CA  1 
ATOM   504  C  C   . LEU A 1 85  ? -2.181  4.398   -2.729  1.00 8.36  ? 85  LEU A C   1 
ATOM   505  O  O   . LEU A 1 85  ? -2.734  3.313   -2.888  1.00 9.68  ? 85  LEU A O   1 
ATOM   506  C  CB  . LEU A 1 85  ? -2.100  5.455   -0.427  1.00 6.75  ? 85  LEU A CB  1 
ATOM   507  C  CG  . LEU A 1 85  ? -1.483  5.635   0.992   1.00 6.25  ? 85  LEU A CG  1 
ATOM   508  C  CD1 . LEU A 1 85  ? -2.376  6.579   1.866   1.00 2.71  ? 85  LEU A CD1 1 
ATOM   509  C  CD2 . LEU A 1 85  ? -1.154  4.311   1.709   1.00 2.00  ? 85  LEU A CD2 1 
ATOM   510  N  N   . GLU A 1 86  ? -2.313  5.385   -3.613  1.00 8.99  ? 86  GLU A N   1 
ATOM   511  C  CA  . GLU A 1 86  ? -3.067  5.202   -4.865  1.00 9.67  ? 86  GLU A CA  1 
ATOM   512  C  C   . GLU A 1 86  ? -2.486  4.060   -5.713  1.00 9.84  ? 86  GLU A C   1 
ATOM   513  O  O   . GLU A 1 86  ? -3.215  3.272   -6.338  1.00 10.34 ? 86  GLU A O   1 
ATOM   514  C  CB  . GLU A 1 86  ? -3.045  6.471   -5.716  1.00 9.82  ? 86  GLU A CB  1 
ATOM   515  C  CG  . GLU A 1 86  ? -3.959  7.577   -5.279  1.00 10.68 ? 86  GLU A CG  1 
ATOM   516  C  CD  . GLU A 1 86  ? -3.951  8.773   -6.260  1.00 11.64 ? 86  GLU A CD  1 
ATOM   517  O  OE1 . GLU A 1 86  ? -2.979  8.925   -7.045  1.00 12.03 ? 86  GLU A OE1 1 
ATOM   518  O  OE2 . GLU A 1 86  ? -4.935  9.555   -6.226  1.00 11.32 ? 86  GLU A OE2 1 
ATOM   519  N  N   . ASN A 1 87  ? -1.164  3.972   -5.737  1.00 9.74  ? 87  ASN A N   1 
ATOM   520  C  CA  . ASN A 1 87  ? -0.500  2.882   -6.451  1.00 9.31  ? 87  ASN A CA  1 
ATOM   521  C  C   . ASN A 1 87  ? -0.757  1.531   -5.853  1.00 8.72  ? 87  ASN A C   1 
ATOM   522  O  O   . ASN A 1 87  ? -1.013  0.553   -6.570  1.00 10.24 ? 87  ASN A O   1 
ATOM   523  C  CB  . ASN A 1 87  ? 0.983   3.154   -6.554  1.00 8.92  ? 87  ASN A CB  1 
ATOM   524  C  CG  . ASN A 1 87  ? 1.303   4.143   -7.627  1.00 8.88  ? 87  ASN A CG  1 
ATOM   525  O  OD1 . ASN A 1 87  ? 0.466   4.402   -8.524  1.00 7.61  ? 87  ASN A OD1 1 
ATOM   526  N  ND2 . ASN A 1 87  ? 2.529   4.709   -7.575  1.00 8.98  ? 87  ASN A ND2 1 
ATOM   527  N  N   . ASP A 1 88  ? -0.751  1.486   -4.542  1.00 8.46  ? 88  ASP A N   1 
ATOM   528  C  CA  . ASP A 1 88  ? -1.015  0.266   -3.802  1.00 7.50  ? 88  ASP A CA  1 
ATOM   529  C  C   . ASP A 1 88  ? -2.433  -0.180  -4.099  1.00 7.08  ? 88  ASP A C   1 
ATOM   530  O  O   . ASP A 1 88  ? -2.685  -1.348  -4.406  1.00 6.84  ? 88  ASP A O   1 
ATOM   531  C  CB  . ASP A 1 88  ? -0.799  0.527   -2.307  1.00 8.23  ? 88  ASP A CB  1 
ATOM   532  C  CG  . ASP A 1 88  ? 0.658   0.258   -1.839  1.00 10.59 ? 88  ASP A CG  1 
ATOM   533  O  OD1 . ASP A 1 88  ? 1.545   0.105   -2.701  1.00 15.13 ? 88  ASP A OD1 1 
ATOM   534  O  OD2 . ASP A 1 88  ? 0.911   0.145   -0.591  1.00 15.53 ? 88  ASP A OD2 1 
ATOM   535  N  N   . ALA A 1 89  ? -3.375  0.761   -4.053  1.00 6.89  ? 89  ALA A N   1 
ATOM   536  C  CA  . ALA A 1 89  ? -4.795  0.431   -4.336  1.00 5.79  ? 89  ALA A CA  1 
ATOM   537  C  C   . ALA A 1 89  ? -4.975  -0.065  -5.771  1.00 4.81  ? 89  ALA A C   1 
ATOM   538  O  O   . ALA A 1 89  ? -5.713  -1.004  -6.028  1.00 4.20  ? 89  ALA A O   1 
ATOM   539  C  CB  . ALA A 1 89  ? -5.683  1.612   -4.063  1.00 4.55  ? 89  ALA A CB  1 
ATOM   540  N  N   . ALA A 1 90  ? -4.270  0.579   -6.700  1.00 4.84  ? 90  ALA A N   1 
ATOM   541  C  CA  . ALA A 1 90  ? -4.435  0.307   -8.128  1.00 4.15  ? 90  ALA A CA  1 
ATOM   542  C  C   . ALA A 1 90  ? -3.925  -1.115  -8.458  1.00 4.48  ? 90  ALA A C   1 
ATOM   543  O  O   . ALA A 1 90  ? -4.553  -1.817  -9.248  1.00 4.55  ? 90  ALA A O   1 
ATOM   544  C  CB  . ALA A 1 90  ? -3.765  1.380   -8.973  1.00 2.00  ? 90  ALA A CB  1 
ATOM   545  N  N   . VAL A 1 91  ? -2.826  -1.537  -7.827  1.00 5.62  ? 91  VAL A N   1 
ATOM   546  C  CA  . VAL A 1 91  ? -2.295  -2.921  -7.980  1.00 6.59  ? 91  VAL A CA  1 
ATOM   547  C  C   . VAL A 1 91  ? -3.332  -3.954  -7.537  1.00 6.92  ? 91  VAL A C   1 
ATOM   548  O  O   . VAL A 1 91  ? -3.649  -4.909  -8.243  1.00 7.11  ? 91  VAL A O   1 
ATOM   549  C  CB  . VAL A 1 91  ? -0.912  -3.162  -7.201  1.00 7.05  ? 91  VAL A CB  1 
ATOM   550  C  CG1 . VAL A 1 91  ? -0.596  -4.652  -7.128  1.00 8.60  ? 91  VAL A CG1 1 
ATOM   551  C  CG2 . VAL A 1 91  ? 0.324   -2.415  -7.887  1.00 4.86  ? 91  VAL A CG2 1 
ATOM   552  N  N   . ARG A 1 92  ? -3.873  -3.740  -6.364  1.00 6.74  ? 92  ARG A N   1 
ATOM   553  C  CA  . ARG A 1 92  ? -4.878  -4.614  -5.832  1.00 7.05  ? 92  ARG A CA  1 
ATOM   554  C  C   . ARG A 1 92  ? -6.093  -4.672  -6.767  1.00 7.16  ? 92  ARG A C   1 
ATOM   555  O  O   . ARG A 1 92  ? -6.691  -5.726  -6.979  1.00 7.07  ? 92  ARG A O   1 
ATOM   556  C  CB  . ARG A 1 92  ? -5.275  -4.020  -4.511  1.00 7.61  ? 92  ARG A CB  1 
ATOM   557  C  CG  . ARG A 1 92  ? -6.037  -4.857  -3.576  1.00 9.85  ? 92  ARG A CG  1 
ATOM   558  C  CD  . ARG A 1 92  ? -5.699  -4.393  -2.167  1.00 10.19 ? 92  ARG A CD  1 
ATOM   559  N  NE  . ARG A 1 92  ? -6.169  -3.044  -1.990  1.00 14.06 ? 92  ARG A NE  1 
ATOM   560  C  CZ  . ARG A 1 92  ? -5.573  -2.099  -1.255  1.00 18.07 ? 92  ARG A CZ  1 
ATOM   561  N  NH1 . ARG A 1 92  ? -4.427  -2.349  -0.603  1.00 16.67 ? 92  ARG A NH1 1 
ATOM   562  N  NH2 . ARG A 1 92  ? -6.157  -0.891  -1.164  1.00 16.74 ? 92  ARG A NH2 1 
ATOM   563  N  N   . ASP A 1 93  ? -6.469  -3.525  -7.321  1.00 6.85  ? 93  ASP A N   1 
ATOM   564  C  CA  . ASP A 1 93  ? -7.681  -3.424  -8.126  1.00 6.68  ? 93  ASP A CA  1 
ATOM   565  C  C   . ASP A 1 93  ? -7.473  -4.032  -9.520  1.00 6.38  ? 93  ASP A C   1 
ATOM   566  O  O   . ASP A 1 93  ? -8.428  -4.187  -10.268 1.00 6.78  ? 93  ASP A O   1 
ATOM   567  C  CB  . ASP A 1 93  ? -8.110  -1.955  -8.284  1.00 7.44  ? 93  ASP A CB  1 
ATOM   568  C  CG  . ASP A 1 93  ? -8.945  -1.422  -7.093  1.00 9.60  ? 93  ASP A CG  1 
ATOM   569  O  OD1 . ASP A 1 93  ? -9.254  -2.216  -6.181  1.00 15.92 ? 93  ASP A OD1 1 
ATOM   570  O  OD2 . ASP A 1 93  ? -9.283  -0.213  -7.072  1.00 8.25  ? 93  ASP A OD2 1 
ATOM   571  N  N   . LEU A 1 94  ? -6.226  -4.319  -9.891  1.00 5.65  ? 94  LEU A N   1 
ATOM   572  C  CA  . LEU A 1 94  ? -5.951  -4.985  -11.162 1.00 5.32  ? 94  LEU A CA  1 
ATOM   573  C  C   . LEU A 1 94  ? -5.937  -6.488  -10.976 1.00 4.57  ? 94  LEU A C   1 
ATOM   574  O  O   . LEU A 1 94  ? -6.469  -7.225  -11.797 1.00 3.95  ? 94  LEU A O   1 
ATOM   575  C  CB  . LEU A 1 94  ? -4.622  -4.477  -11.780 1.00 5.09  ? 94  LEU A CB  1 
ATOM   576  C  CG  . LEU A 1 94  ? -4.776  -3.063  -12.325 1.00 4.42  ? 94  LEU A CG  1 
ATOM   577  C  CD1 . LEU A 1 94  ? -3.459  -2.429  -12.640 1.00 5.58  ? 94  LEU A CD1 1 
ATOM   578  C  CD2 . LEU A 1 94  ? -5.628  -3.094  -13.527 1.00 2.14  ? 94  LEU A CD2 1 
ATOM   579  N  N   . ALA A 1 95  ? -5.375  -6.906  -9.847  1.00 4.97  ? 95  ALA A N   1 
ATOM   580  C  CA  . ALA A 1 95  ? -5.077  -8.304  -9.559  1.00 5.64  ? 95  ALA A CA  1 
ATOM   581  C  C   . ALA A 1 95  ? -6.250  -9.070  -8.980  1.00 5.80  ? 95  ALA A C   1 
ATOM   582  O  O   . ALA A 1 95  ? -6.551  -10.209 -9.369  1.00 6.39  ? 95  ALA A O   1 
ATOM   583  C  CB  . ALA A 1 95  ? -3.842  -8.389  -8.586  1.00 4.83  ? 95  ALA A CB  1 
ATOM   584  N  N   . LEU A 1 96  ? -6.907  -8.463  -8.020  1.00 6.11  ? 96  LEU A N   1 
ATOM   585  C  CA  . LEU A 1 96  ? -7.837  -9.226  -7.218  1.00 6.89  ? 96  LEU A CA  1 
ATOM   586  C  C   . LEU A 1 96  ? -9.082  -9.642  -7.998  1.00 7.12  ? 96  LEU A C   1 
ATOM   587  O  O   . LEU A 1 96  ? -9.640  -10.732 -7.722  1.00 7.44  ? 96  LEU A O   1 
ATOM   588  C  CB  . LEU A 1 96  ? -8.168  -8.499  -5.887  1.00 7.37  ? 96  LEU A CB  1 
ATOM   589  C  CG  . LEU A 1 96  ? -7.055  -8.379  -4.796  1.00 7.02  ? 96  LEU A CG  1 
ATOM   590  C  CD1 . LEU A 1 96  ? -7.643  -7.904  -3.495  1.00 5.48  ? 96  LEU A CD1 1 
ATOM   591  C  CD2 . LEU A 1 96  ? -6.258  -9.697  -4.614  1.00 5.25  ? 96  LEU A CD2 1 
ATOM   592  N  N   . PRO A 1 97  ? -9.531  -8.826  -8.973  1.00 6.85  ? 97  PRO A N   1 
ATOM   593  C  CA  . PRO A 1 97  ? -10.716 -9.340  -9.683  1.00 6.97  ? 97  PRO A CA  1 
ATOM   594  C  C   . PRO A 1 97  ? -10.369 -10.585 -10.495 1.00 7.32  ? 97  PRO A C   1 
ATOM   595  O  O   . PRO A 1 97  ? -11.153 -11.513 -10.576 1.00 7.22  ? 97  PRO A O   1 
ATOM   596  C  CB  . PRO A 1 97  ? -11.133 -8.164  -10.557 1.00 6.44  ? 97  PRO A CB  1 
ATOM   597  C  CG  . PRO A 1 97  ? -10.551 -6.986  -9.894  1.00 6.24  ? 97  PRO A CG  1 
ATOM   598  C  CD  . PRO A 1 97  ? -9.246  -7.440  -9.363  1.00 6.96  ? 97  PRO A CD  1 
ATOM   599  N  N   . GLN A 1 98  ? -9.150  -10.638 -11.017 1.00 8.09  ? 98  GLN A N   1 
ATOM   600  C  CA  . GLN A 1 98  ? -8.666  -11.858 -11.688 1.00 7.98  ? 98  GLN A CA  1 
ATOM   601  C  C   . GLN A 1 98  ? -8.488  -13.041 -10.740 1.00 7.11  ? 98  GLN A C   1 
ATOM   602  O  O   . GLN A 1 98  ? -8.777  -14.182 -11.100 1.00 6.72  ? 98  GLN A O   1 
ATOM   603  C  CB  . GLN A 1 98  ? -7.341  -11.594 -12.398 1.00 8.21  ? 98  GLN A CB  1 
ATOM   604  C  CG  . GLN A 1 98  ? -7.439  -10.557 -13.494 1.00 11.73 ? 98  GLN A CG  1 
ATOM   605  C  CD  . GLN A 1 98  ? -6.064  -10.234 -14.126 1.00 16.04 ? 98  GLN A CD  1 
ATOM   606  O  OE1 . GLN A 1 98  ? -5.353  -11.136 -14.651 1.00 14.09 ? 98  GLN A OE1 1 
ATOM   607  N  NE2 . GLN A 1 98  ? -5.699  -8.933  -14.097 1.00 15.67 ? 98  GLN A NE2 1 
ATOM   608  N  N   . LEU A 1 99  ? -7.980  -12.777 -9.542  1.00 6.44  ? 99  LEU A N   1 
ATOM   609  C  CA  . LEU A 1 99  ? -7.802  -13.843 -8.546  1.00 5.76  ? 99  LEU A CA  1 
ATOM   610  C  C   . LEU A 1 99  ? -9.150  -14.397 -8.147  1.00 5.51  ? 99  LEU A C   1 
ATOM   611  O  O   . LEU A 1 99  ? -9.357  -15.595 -8.259  1.00 5.74  ? 99  LEU A O   1 
ATOM   612  C  CB  . LEU A 1 99  ? -7.084  -13.300 -7.316  1.00 5.25  ? 99  LEU A CB  1 
ATOM   613  C  CG  . LEU A 1 99  ? -6.671  -14.282 -6.242  1.00 4.50  ? 99  LEU A CG  1 
ATOM   614  C  CD1 . LEU A 1 99  ? -6.362  -15.716 -6.778  1.00 2.00  ? 99  LEU A CD1 1 
ATOM   615  C  CD2 . LEU A 1 99  ? -5.481  -13.624 -5.548  1.00 2.00  ? 99  LEU A CD2 1 
ATOM   616  N  N   . ALA A 1 100 ? -10.058 -13.522 -7.714  1.00 5.22  ? 100 ALA A N   1 
ATOM   617  C  CA  . ALA A 1 100 ? -11.428 -13.911 -7.334  1.00 6.58  ? 100 ALA A CA  1 
ATOM   618  C  C   . ALA A 1 100 ? -12.075 -14.816 -8.374  1.00 7.51  ? 100 ALA A C   1 
ATOM   619  O  O   . ALA A 1 100 ? -12.539 -15.911 -8.062  1.00 7.35  ? 100 ALA A O   1 
ATOM   620  C  CB  . ALA A 1 100 ? -12.327 -12.666 -7.091  1.00 5.27  ? 100 ALA A CB  1 
ATOM   621  N  N   . ARG A 1 101 ? -12.096 -14.322 -9.604  1.00 9.09  ? 101 ARG A N   1 
ATOM   622  C  CA  . ARG A 1 101 ? -12.620 -15.047 -10.766 1.00 10.76 ? 101 ARG A CA  1 
ATOM   623  C  C   . ARG A 1 101 ? -12.042 -16.469 -10.911 1.00 11.25 ? 101 ARG A C   1 
ATOM   624  O  O   . ARG A 1 101 ? -12.782 -17.461 -11.002 1.00 11.54 ? 101 ARG A O   1 
ATOM   625  C  CB  . ARG A 1 101 ? -12.331 -14.194 -12.021 1.00 11.62 ? 101 ARG A CB  1 
ATOM   626  C  CG  . ARG A 1 101 ? -12.431 -14.901 -13.367 1.00 14.11 ? 101 ARG A CG  1 
ATOM   627  C  CD  . ARG A 1 101 ? -13.835 -15.413 -13.580 1.00 17.21 ? 101 ARG A CD  1 
ATOM   628  N  NE  . ARG A 1 101 ? -14.086 -15.814 -14.961 1.00 19.32 ? 101 ARG A NE  1 
ATOM   629  C  CZ  . ARG A 1 101 ? -15.244 -16.301 -15.392 1.00 20.12 ? 101 ARG A CZ  1 
ATOM   630  N  NH1 . ARG A 1 101 ? -16.257 -16.469 -14.552 1.00 20.52 ? 101 ARG A NH1 1 
ATOM   631  N  NH2 . ARG A 1 101 ? -15.387 -16.624 -16.665 1.00 21.25 ? 101 ARG A NH2 1 
ATOM   632  N  N   . LEU A 1 102 ? -10.722 -16.567 -10.916 1.00 11.80 ? 102 LEU A N   1 
ATOM   633  C  CA  . LEU A 1 102 ? -10.048 -17.844 -11.165 1.00 12.33 ? 102 LEU A CA  1 
ATOM   634  C  C   . LEU A 1 102 ? -10.225 -18.763 -9.987  1.00 12.51 ? 102 LEU A C   1 
ATOM   635  O  O   . LEU A 1 102 ? -10.307 -19.974 -10.146 1.00 12.95 ? 102 LEU A O   1 
ATOM   636  C  CB  . LEU A 1 102 ? -8.546  -17.631 -11.450 1.00 12.61 ? 102 LEU A CB  1 
ATOM   637  C  CG  . LEU A 1 102 ? -8.173  -16.641 -12.588 1.00 13.51 ? 102 LEU A CG  1 
ATOM   638  C  CD1 . LEU A 1 102 ? -6.643  -16.339 -12.615 1.00 14.72 ? 102 LEU A CD1 1 
ATOM   639  C  CD2 . LEU A 1 102 ? -8.683  -17.078 -13.982 1.00 11.75 ? 102 LEU A CD2 1 
ATOM   640  N  N   . SER A 1 103 ? -10.288 -18.193 -8.790  1.00 13.30 ? 103 SER A N   1 
ATOM   641  C  CA  . SER A 1 103 ? -10.551 -18.997 -7.609  1.00 13.80 ? 103 SER A CA  1 
ATOM   642  C  C   . SER A 1 103 ? -11.909 -19.633 -7.685  1.00 14.47 ? 103 SER A C   1 
ATOM   643  O  O   . SER A 1 103 ? -12.016 -20.812 -7.437  1.00 14.46 ? 103 SER A O   1 
ATOM   644  C  CB  . SER A 1 103 ? -10.445 -18.168 -6.349  1.00 13.73 ? 103 SER A CB  1 
ATOM   645  O  OG  . SER A 1 103 ? -9.155  -17.628 -6.279  1.00 12.82 ? 103 SER A OG  1 
ATOM   646  N  N   . ASP A 1 104 ? -12.927 -18.846 -8.040  1.00 15.88 ? 104 ASP A N   1 
ATOM   647  C  CA  . ASP A 1 104 ? -14.294 -19.331 -8.253  1.00 17.15 ? 104 ASP A CA  1 
ATOM   648  C  C   . ASP A 1 104 ? -14.345 -20.603 -9.115  1.00 18.38 ? 104 ASP A C   1 
ATOM   649  O  O   . ASP A 1 104 ? -15.171 -21.482 -8.865  1.00 18.99 ? 104 ASP A O   1 
ATOM   650  C  CB  . ASP A 1 104 ? -15.161 -18.229 -8.894  1.00 17.50 ? 104 ASP A CB  1 
ATOM   651  C  CG  . ASP A 1 104 ? -16.640 -18.630 -9.026  1.00 17.65 ? 104 ASP A CG  1 
ATOM   652  N  N   . LEU A 1 105 ? -13.447 -20.721 -10.094 1.00 19.52 ? 105 LEU A N   1 
ATOM   653  C  CA  . LEU A 1 105 ? -13.442 -21.859 -11.030 1.00 20.51 ? 105 LEU A CA  1 
ATOM   654  C  C   . LEU A 1 105 ? -12.968 -23.214 -10.445 1.00 21.22 ? 105 LEU A C   1 
ATOM   655  O  O   . LEU A 1 105 ? -13.661 -24.232 -10.576 1.00 20.99 ? 105 LEU A O   1 
ATOM   656  C  CB  . LEU A 1 105 ? -12.618 -21.510 -12.273 1.00 20.56 ? 105 LEU A CB  1 
ATOM   657  C  CG  . LEU A 1 105 ? -12.994 -20.200 -12.990 1.00 21.37 ? 105 LEU A CG  1 
ATOM   658  C  CD1 . LEU A 1 105 ? -12.968 -20.380 -14.506 1.00 21.45 ? 105 LEU A CD1 1 
ATOM   659  C  CD2 . LEU A 1 105 ? -14.363 -19.666 -12.557 1.00 22.11 ? 105 LEU A CD2 1 
ATOM   660  N  N   . LEU A 1 106 ? -11.797 -23.211 -9.803  1.00 21.95 ? 106 LEU A N   1 
ATOM   661  C  CA  . LEU A 1 106 ? -11.217 -24.425 -9.216  1.00 22.54 ? 106 LEU A CA  1 
ATOM   662  C  C   . LEU A 1 106 ? -12.048 -24.995 -8.057  1.00 22.81 ? 106 LEU A C   1 
ATOM   663  O  O   . LEU A 1 106 ? -13.096 -24.454 -7.685  1.00 23.05 ? 106 LEU A O   1 
ATOM   664  C  CB  . LEU A 1 106 ? -9.793  -24.156 -8.718  1.00 22.82 ? 106 LEU A CB  1 
ATOM   665  C  CG  . LEU A 1 106 ? -8.661  -23.960 -9.739  1.00 23.44 ? 106 LEU A CG  1 
ATOM   666  C  CD1 . LEU A 1 106 ? -8.931  -22.840 -10.745 1.00 24.39 ? 106 LEU A CD1 1 
ATOM   667  C  CD2 . LEU A 1 106 ? -7.371  -23.697 -8.985  1.00 23.89 ? 106 LEU A CD2 1 
ATOM   668  N  N   . PRO B 1 19  ? -8.066  14.961  13.766  1.00 20.77 ? 19  PRO B N   1 
ATOM   669  C  CA  . PRO B 1 19  ? -7.387  15.505  12.568  1.00 20.28 ? 19  PRO B CA  1 
ATOM   670  C  C   . PRO B 1 19  ? -7.274  14.502  11.399  1.00 19.59 ? 19  PRO B C   1 
ATOM   671  O  O   . PRO B 1 19  ? -8.036  13.523  11.342  1.00 19.74 ? 19  PRO B O   1 
ATOM   672  C  CB  . PRO B 1 19  ? -6.001  15.885  13.109  1.00 20.32 ? 19  PRO B CB  1 
ATOM   673  C  CG  . PRO B 1 19  ? -6.283  16.295  14.569  1.00 21.12 ? 19  PRO B CG  1 
ATOM   674  C  CD  . PRO B 1 19  ? -7.528  15.521  15.027  1.00 20.97 ? 19  PRO B CD  1 
ATOM   675  N  N   . VAL B 1 20  ? -6.344  14.777  10.466  1.00 18.43 ? 20  VAL B N   1 
ATOM   676  C  CA  . VAL B 1 20  ? -5.883  13.824  9.427   1.00 16.51 ? 20  VAL B CA  1 
ATOM   677  C  C   . VAL B 1 20  ? -5.382  12.477  9.971   1.00 15.92 ? 20  VAL B C   1 
ATOM   678  O  O   . VAL B 1 20  ? -5.121  11.551  9.187   1.00 15.62 ? 20  VAL B O   1 
ATOM   679  C  CB  . VAL B 1 20  ? -4.680  14.391  8.638   1.00 16.44 ? 20  VAL B CB  1 
ATOM   680  C  CG1 . VAL B 1 20  ? -3.351  13.997  9.286   1.00 14.69 ? 20  VAL B CG1 1 
ATOM   681  C  CG2 . VAL B 1 20  ? -4.682  13.877  7.234   1.00 16.74 ? 20  VAL B CG2 1 
ATOM   682  N  N   . LEU B 1 21  ? -5.171  12.391  11.291  1.00 14.62 ? 21  LEU B N   1 
ATOM   683  C  CA  . LEU B 1 21  ? -4.900  11.107  11.967  1.00 13.49 ? 21  LEU B CA  1 
ATOM   684  C  C   . LEU B 1 21  ? -6.100  10.174  11.872  1.00 11.72 ? 21  LEU B C   1 
ATOM   685  O  O   . LEU B 1 21  ? -5.920  8.955   11.770  1.00 12.47 ? 21  LEU B O   1 
ATOM   686  C  CB  . LEU B 1 21  ? -4.519  11.285  13.458  1.00 13.30 ? 21  LEU B CB  1 
ATOM   687  C  CG  . LEU B 1 21  ? -3.339  12.202  13.808  1.00 14.37 ? 21  LEU B CG  1 
ATOM   688  C  CD1 . LEU B 1 21  ? -3.116  12.312  15.342  1.00 14.35 ? 21  LEU B CD1 1 
ATOM   689  C  CD2 . LEU B 1 21  ? -2.054  11.757  13.110  1.00 14.62 ? 21  LEU B CD2 1 
ATOM   690  N  N   . GLU B 1 22  ? -7.303  10.741  11.908  1.00 9.52  ? 22  GLU B N   1 
ATOM   691  C  CA  . GLU B 1 22  ? -8.531  9.975   11.816  1.00 8.33  ? 22  GLU B CA  1 
ATOM   692  C  C   . GLU B 1 22  ? -8.528  9.156   10.544  1.00 7.39  ? 22  GLU B C   1 
ATOM   693  O  O   . GLU B 1 22  ? -8.876  7.961   10.552  1.00 5.98  ? 22  GLU B O   1 
ATOM   694  C  CB  . GLU B 1 22  ? -9.763  10.900  11.824  1.00 8.12  ? 22  GLU B CB  1 
ATOM   695  N  N   . ILE B 1 23  ? -8.143  9.823   9.453   1.00 6.61  ? 23  ILE B N   1 
ATOM   696  C  CA  . ILE B 1 23  ? -8.148  9.234   8.133   1.00 6.07  ? 23  ILE B CA  1 
ATOM   697  C  C   . ILE B 1 23  ? -7.142  8.103   8.133   1.00 6.36  ? 23  ILE B C   1 
ATOM   698  O  O   . ILE B 1 23  ? -7.467  6.945   7.820   1.00 6.13  ? 23  ILE B O   1 
ATOM   699  C  CB  . ILE B 1 23  ? -7.798  10.273  7.017   1.00 6.24  ? 23  ILE B CB  1 
ATOM   700  C  CG1 . ILE B 1 23  ? -8.840  11.393  6.973   1.00 5.64  ? 23  ILE B CG1 1 
ATOM   701  C  CG2 . ILE B 1 23  ? -7.727  9.599   5.640   1.00 3.51  ? 23  ILE B CG2 1 
ATOM   702  C  CD1 . ILE B 1 23  ? -8.713  12.300  5.780   1.00 5.33  ? 23  ILE B CD1 1 
ATOM   703  N  N   . TYR B 1 24  ? -5.921  8.454   8.499   1.00 6.39  ? 24  TYR B N   1 
ATOM   704  C  CA  . TYR B 1 24  ? -4.857  7.487   8.617   1.00 7.05  ? 24  TYR B CA  1 
ATOM   705  C  C   . TYR B 1 24  ? -5.262  6.326   9.473   1.00 6.76  ? 24  TYR B C   1 
ATOM   706  O  O   . TYR B 1 24  ? -4.938  5.205   9.157   1.00 5.84  ? 24  TYR B O   1 
ATOM   707  C  CB  . TYR B 1 24  ? -3.601  8.142   9.178   1.00 7.77  ? 24  TYR B CB  1 
ATOM   708  C  CG  . TYR B 1 24  ? -2.772  8.754   8.113   1.00 10.23 ? 24  TYR B CG  1 
ATOM   709  C  CD1 . TYR B 1 24  ? -2.625  10.118  8.003   1.00 14.27 ? 24  TYR B CD1 1 
ATOM   710  C  CD2 . TYR B 1 24  ? -2.133  7.948   7.191   1.00 15.37 ? 24  TYR B CD2 1 
ATOM   711  C  CE1 . TYR B 1 24  ? -1.836  10.675  6.982   1.00 17.10 ? 24  TYR B CE1 1 
ATOM   712  C  CE2 . TYR B 1 24  ? -1.344  8.483   6.162   1.00 17.87 ? 24  TYR B CE2 1 
ATOM   713  C  CZ  . TYR B 1 24  ? -1.201  9.839   6.056   1.00 17.42 ? 24  TYR B CZ  1 
ATOM   714  O  OH  . TYR B 1 24  ? -0.407  10.337  5.035   1.00 21.76 ? 24  TYR B OH  1 
ATOM   715  N  N   . GLN B 1 25  ? -5.987  6.590   10.562  1.00 7.16  ? 25  GLN B N   1 
ATOM   716  C  CA  . GLN B 1 25  ? -6.403  5.506   11.424  1.00 7.15  ? 25  GLN B CA  1 
ATOM   717  C  C   . GLN B 1 25  ? -7.333  4.649   10.656  1.00 6.29  ? 25  GLN B C   1 
ATOM   718  O  O   . GLN B 1 25  ? -7.172  3.445   10.622  1.00 7.53  ? 25  GLN B O   1 
ATOM   719  C  CB  . GLN B 1 25  ? -7.063  5.968   12.719  1.00 7.70  ? 25  GLN B CB  1 
ATOM   720  C  CG  . GLN B 1 25  ? -6.738  5.043   13.880  1.00 8.90  ? 25  GLN B CG  1 
ATOM   721  N  N   . ASP B 1 26  ? -8.279  5.264   9.985   1.00 5.66  ? 26  ASP B N   1 
ATOM   722  C  CA  . ASP B 1 26  ? -9.287  4.494   9.278   1.00 5.48  ? 26  ASP B CA  1 
ATOM   723  C  C   . ASP B 1 26  ? -8.688  3.683   8.163   1.00 4.50  ? 26  ASP B C   1 
ATOM   724  O  O   . ASP B 1 26  ? -9.099  2.542   7.984   1.00 5.50  ? 26  ASP B O   1 
ATOM   725  C  CB  . ASP B 1 26  ? -10.401 5.379   8.737   1.00 6.14  ? 26  ASP B CB  1 
ATOM   726  C  CG  . ASP B 1 26  ? -11.200 6.037   9.836   1.00 7.89  ? 26  ASP B CG  1 
ATOM   727  O  OD1 . ASP B 1 26  ? -11.466 5.356   10.876  1.00 7.86  ? 26  ASP B OD1 1 
ATOM   728  O  OD2 . ASP B 1 26  ? -11.543 7.238   9.647   1.00 10.71 ? 26  ASP B OD2 1 
ATOM   729  N  N   . ILE B 1 27  ? -7.709  4.232   7.438   1.00 3.15  ? 27  ILE B N   1 
ATOM   730  C  CA  . ILE B 1 27  ? -7.059  3.462   6.369   1.00 2.27  ? 27  ILE B CA  1 
ATOM   731  C  C   . ILE B 1 27  ? -6.254  2.302   6.959   1.00 2.75  ? 27  ILE B C   1 
ATOM   732  O  O   . ILE B 1 27  ? -6.300  1.210   6.425   1.00 2.00  ? 27  ILE B O   1 
ATOM   733  C  CB  . ILE B 1 27  ? -6.139  4.306   5.456   1.00 2.01  ? 27  ILE B CB  1 
ATOM   734  C  CG1 . ILE B 1 27  ? -6.918  5.410   4.733   1.00 2.00  ? 27  ILE B CG1 1 
ATOM   735  C  CG2 . ILE B 1 27  ? -5.447  3.448   4.435   1.00 2.00  ? 27  ILE B CG2 1 
ATOM   736  C  CD1 . ILE B 1 27  ? -6.017  6.538   4.226   1.00 2.00  ? 27  ILE B CD1 1 
ATOM   737  N  N   . ALA B 1 28  ? -5.510  2.531   8.042   1.00 3.13  ? 28  ALA B N   1 
ATOM   738  C  CA  . ALA B 1 28  ? -4.768  1.453   8.713   1.00 2.95  ? 28  ALA B CA  1 
ATOM   739  C  C   . ALA B 1 28  ? -5.697  0.275   9.144   1.00 3.03  ? 28  ALA B C   1 
ATOM   740  O  O   . ALA B 1 28  ? -5.458  -0.911  8.824   1.00 2.00  ? 28  ALA B O   1 
ATOM   741  C  CB  . ALA B 1 28  ? -4.009  2.034   9.918   1.00 3.12  ? 28  ALA B CB  1 
ATOM   742  N  N   . ASN B 1 29  ? -6.751  0.616   9.869   1.00 3.48  ? 29  ASN B N   1 
ATOM   743  C  CA  . ASN B 1 29  ? -7.771  -0.371  10.323  1.00 4.20  ? 29  ASN B CA  1 
ATOM   744  C  C   . ASN B 1 29  ? -8.377  -1.177  9.175   1.00 3.77  ? 29  ASN B C   1 
ATOM   745  O  O   . ASN B 1 29  ? -8.494  -2.410  9.232   1.00 3.96  ? 29  ASN B O   1 
ATOM   746  C  CB  . ASN B 1 29  ? -8.881  0.344   11.096  1.00 3.87  ? 29  ASN B CB  1 
ATOM   747  C  CG  . ASN B 1 29  ? -8.396  0.873   12.521  1.00 8.91  ? 29  ASN B CG  1 
ATOM   748  O  OD1 . ASN B 1 29  ? -7.393  0.384   13.107  1.00 7.50  ? 29  ASN B OD1 1 
ATOM   749  N  ND2 . ASN B 1 29  ? -9.150  1.856   13.075  1.00 10.43 ? 29  ASN B ND2 1 
ATOM   750  N  N   . LEU B 1 30  ? -8.757  -0.467  8.130   1.00 3.01  ? 30  LEU B N   1 
ATOM   751  C  CA  . LEU B 1 30  ? -9.313  -1.110  6.989   1.00 3.48  ? 30  LEU B CA  1 
ATOM   752  C  C   . LEU B 1 30  ? -8.342  -2.132  6.441   1.00 2.92  ? 30  LEU B C   1 
ATOM   753  O  O   . LEU B 1 30  ? -8.744  -3.216  6.067   1.00 2.60  ? 30  LEU B O   1 
ATOM   754  C  CB  . LEU B 1 30  ? -9.637  -0.061  5.922   1.00 4.38  ? 30  LEU B CB  1 
ATOM   755  C  CG  . LEU B 1 30  ? -10.204 -0.624  4.632   1.00 5.28  ? 30  LEU B CG  1 
ATOM   756  C  CD1 . LEU B 1 30  ? -11.577 -1.300  4.856   1.00 6.68  ? 30  LEU B CD1 1 
ATOM   757  C  CD2 . LEU B 1 30  ? -10.288 0.458   3.583   1.00 5.49  ? 30  LEU B CD2 1 
ATOM   758  N  N   . THR B 1 31  ? -7.048  -1.789  6.414   1.00 3.08  ? 31  THR B N   1 
ATOM   759  C  CA  . THR B 1 31  ? -6.052  -2.641  5.803   1.00 2.67  ? 31  THR B CA  1 
ATOM   760  C  C   . THR B 1 31  ? -5.844  -3.858  6.641   1.00 3.34  ? 31  THR B C   1 
ATOM   761  O  O   . THR B 1 31  ? -5.420  -4.881  6.111   1.00 4.30  ? 31  THR B O   1 
ATOM   762  C  CB  . THR B 1 31  ? -4.676  -1.952  5.503   1.00 2.64  ? 31  THR B CB  1 
ATOM   763  O  OG1 . THR B 1 31  ? -4.050  -1.531  6.719   1.00 3.03  ? 31  THR B OG1 1 
ATOM   764  C  CG2 . THR B 1 31  ? -4.815  -0.759  4.504   1.00 2.00  ? 31  THR B CG2 1 
ATOM   765  N  N   . SER B 1 32  ? -6.135  -3.751  7.935   1.00 3.61  ? 32  SER B N   1 
ATOM   766  C  CA  . SER B 1 32  ? -6.135  -4.888  8.841   1.00 3.71  ? 32  SER B CA  1 
ATOM   767  C  C   . SER B 1 32  ? -7.296  -5.851  8.519   1.00 3.73  ? 32  SER B C   1 
ATOM   768  O  O   . SER B 1 32  ? -7.116  -7.078  8.443   1.00 3.70  ? 32  SER B O   1 
ATOM   769  C  CB  . SER B 1 32  ? -6.252  -4.394  10.304  1.00 4.44  ? 32  SER B CB  1 
ATOM   770  O  OG  . SER B 1 32  ? -5.201  -3.470  10.658  1.00 6.82  ? 32  SER B OG  1 
ATOM   771  N  N   . ARG B 1 33  ? -8.489  -5.305  8.337   1.00 3.36  ? 33  ARG B N   1 
ATOM   772  C  CA  . ARG B 1 33  ? -9.591  -6.095  7.851   1.00 3.80  ? 33  ARG B CA  1 
ATOM   773  C  C   . ARG B 1 33  ? -9.267  -6.739  6.505   1.00 3.98  ? 33  ARG B C   1 
ATOM   774  O  O   . ARG B 1 33  ? -9.663  -7.880  6.266   1.00 4.15  ? 33  ARG B O   1 
ATOM   775  C  CB  . ARG B 1 33  ? -10.854 -5.245  7.763   1.00 4.25  ? 33  ARG B CB  1 
ATOM   776  C  CG  . ARG B 1 33  ? -11.453 -5.024  9.129   1.00 5.17  ? 33  ARG B CG  1 
ATOM   777  C  CD  . ARG B 1 33  ? -12.713 -4.168  9.097   1.00 7.05  ? 33  ARG B CD  1 
ATOM   778  N  NE  . ARG B 1 33  ? -12.364 -2.778  9.341   1.00 10.11 ? 33  ARG B NE  1 
ATOM   779  C  CZ  . ARG B 1 33  ? -12.806 -1.737  8.647   1.00 12.09 ? 33  ARG B CZ  1 
ATOM   780  N  NH1 . ARG B 1 33  ? -13.710 -1.885  7.650   1.00 10.84 ? 33  ARG B NH1 1 
ATOM   781  N  NH2 . ARG B 1 33  ? -12.370 -0.523  9.005   1.00 12.40 ? 33  ARG B NH2 1 
HETATM 782  N  N   . MSE B 1 34  ? -8.537  -6.047  5.632   1.00 4.45  ? 34  MSE B N   1 
HETATM 783  C  CA  . MSE B 1 34  ? -8.157  -6.665  4.340   1.00 5.14  ? 34  MSE B CA  1 
HETATM 784  C  C   . MSE B 1 34  ? -7.145  -7.785  4.500   1.00 3.87  ? 34  MSE B C   1 
HETATM 785  O  O   . MSE B 1 34  ? -7.226  -8.790  3.782   1.00 2.35  ? 34  MSE B O   1 
HETATM 786  C  CB  . MSE B 1 34  ? -7.585  -5.652  3.375   1.00 6.12  ? 34  MSE B CB  1 
HETATM 787  C  CG  . MSE B 1 34  ? -8.638  -4.752  2.782   1.00 11.53 ? 34  MSE B CG  1 
HETATM 788  SE SE  . MSE B 1 34  ? -7.832  -3.404  1.578   1.00 25.04 ? 34  MSE B SE  1 
HETATM 789  C  CE  . MSE B 1 34  ? -8.557  -1.818  2.426   1.00 17.19 ? 34  MSE B CE  1 
ATOM   790  N  N   . LEU B 1 35  ? -6.200  -7.600  5.432   1.00 2.98  ? 35  LEU B N   1 
ATOM   791  C  CA  . LEU B 1 35  ? -5.215  -8.646  5.766   1.00 2.64  ? 35  LEU B CA  1 
ATOM   792  C  C   . LEU B 1 35  ? -5.939  -9.877  6.294   1.00 2.39  ? 35  LEU B C   1 
ATOM   793  O  O   . LEU B 1 35  ? -5.681  -10.968 5.805   1.00 3.46  ? 35  LEU B O   1 
ATOM   794  C  CB  . LEU B 1 35  ? -4.128  -8.154  6.749   1.00 2.12  ? 35  LEU B CB  1 
ATOM   795  C  CG  . LEU B 1 35  ? -2.874  -9.033  6.939   1.00 3.30  ? 35  LEU B CG  1 
ATOM   796  C  CD1 . LEU B 1 35  ? -2.276  -9.558  5.647   1.00 2.00  ? 35  LEU B CD1 1 
ATOM   797  C  CD2 . LEU B 1 35  ? -1.777  -8.263  7.689   1.00 2.00  ? 35  LEU B CD2 1 
ATOM   798  N  N   . ALA B 1 36  ? -6.866  -9.695  7.237   1.00 2.00  ? 36  ALA B N   1 
ATOM   799  C  CA  . ALA B 1 36  ? -7.687  -10.797 7.782   1.00 2.00  ? 36  ALA B CA  1 
ATOM   800  C  C   . ALA B 1 36  ? -8.501  -11.527 6.704   1.00 2.00  ? 36  ALA B C   1 
ATOM   801  O  O   . ALA B 1 36  ? -8.601  -12.757 6.728   1.00 2.00  ? 36  ALA B O   1 
ATOM   802  C  CB  . ALA B 1 36  ? -8.652  -10.272 8.897   1.00 2.00  ? 36  ALA B CB  1 
ATOM   803  N  N   . ALA B 1 37  ? -9.078  -10.775 5.779   1.00 2.00  ? 37  ALA B N   1 
ATOM   804  C  CA  . ALA B 1 37  ? -9.831  -11.361 4.674   1.00 2.00  ? 37  ALA B CA  1 
ATOM   805  C  C   . ALA B 1 37  ? -8.881  -12.169 3.762   1.00 2.00  ? 37  ALA B C   1 
ATOM   806  O  O   . ALA B 1 37  ? -9.148  -13.341 3.464   1.00 2.00  ? 37  ALA B O   1 
ATOM   807  C  CB  . ALA B 1 37  ? -10.562 -10.282 3.898   1.00 2.00  ? 37  ALA B CB  1 
ATOM   808  N  N   . ALA B 1 38  ? -7.780  -11.526 3.356   1.00 2.00  ? 38  ALA B N   1 
ATOM   809  C  CA  . ALA B 1 38  ? -6.706  -12.120 2.555   1.00 2.19  ? 38  ALA B CA  1 
ATOM   810  C  C   . ALA B 1 38  ? -6.314  -13.451 3.151   1.00 2.95  ? 38  ALA B C   1 
ATOM   811  O  O   . ALA B 1 38  ? -6.342  -14.474 2.498   1.00 3.69  ? 38  ALA B O   1 
ATOM   812  C  CB  . ALA B 1 38  ? -5.467  -11.174 2.555   1.00 2.00  ? 38  ALA B CB  1 
ATOM   813  N  N   . ASN B 1 39  ? -5.978  -13.443 4.435   1.00 3.97  ? 39  ASN B N   1 
ATOM   814  C  CA  . ASN B 1 39  ? -5.630  -14.686 5.128   1.00 3.70  ? 39  ASN B CA  1 
ATOM   815  C  C   . ASN B 1 39  ? -6.660  -15.788 4.924   1.00 3.49  ? 39  ASN B C   1 
ATOM   816  O  O   . ASN B 1 39  ? -6.321  -16.963 4.859   1.00 4.67  ? 39  ASN B O   1 
ATOM   817  C  CB  . ASN B 1 39  ? -5.486  -14.416 6.603   1.00 4.34  ? 39  ASN B CB  1 
ATOM   818  C  CG  . ASN B 1 39  ? -4.235  -13.686 6.932   1.00 4.79  ? 39  ASN B CG  1 
ATOM   819  O  OD1 . ASN B 1 39  ? -3.153  -14.238 6.878   1.00 6.44  ? 39  ASN B OD1 1 
ATOM   820  N  ND2 . ASN B 1 39  ? -4.371  -12.430 7.296   1.00 11.95 ? 39  ASN B ND2 1 
ATOM   821  N  N   . ALA B 1 40  ? -7.928  -15.396 4.873   1.00 2.96  ? 40  ALA B N   1 
ATOM   822  C  CA  . ALA B 1 40  ? -9.039  -16.312 4.708   1.00 2.02  ? 40  ALA B CA  1 
ATOM   823  C  C   . ALA B 1 40  ? -9.356  -16.597 3.214   1.00 2.00  ? 40  ALA B C   1 
ATOM   824  O  O   . ALA B 1 40  ? -10.293 -17.345 2.912   1.00 2.00  ? 40  ALA B O   1 
ATOM   825  C  CB  . ALA B 1 40  ? -10.265 -15.736 5.416   1.00 2.00  ? 40  ALA B CB  1 
ATOM   826  N  N   . SER B 1 41  ? -8.595  -15.976 2.314   1.00 2.00  ? 41  SER B N   1 
ATOM   827  C  CA  . SER B 1 41  ? -8.790  -16.108 0.871   1.00 2.00  ? 41  SER B CA  1 
ATOM   828  C  C   . SER B 1 41  ? -10.121 -15.573 0.362   1.00 2.82  ? 41  SER B C   1 
ATOM   829  O  O   . SER B 1 41  ? -10.584 -16.011 -0.678  1.00 2.83  ? 41  SER B O   1 
ATOM   830  C  CB  . SER B 1 41  ? -8.637  -17.579 0.431   1.00 2.00  ? 41  SER B CB  1 
ATOM   831  O  OG  . SER B 1 41  ? -7.298  -18.020 0.577   1.00 2.00  ? 41  SER B OG  1 
ATOM   832  N  N   . ASN B 1 42  ? -10.729 -14.641 1.098   1.00 3.89  ? 42  ASN B N   1 
ATOM   833  C  CA  . ASN B 1 42  ? -11.986 -14.024 0.709   1.00 4.64  ? 42  ASN B CA  1 
ATOM   834  C  C   . ASN B 1 42  ? -11.689 -12.766 -0.141  1.00 4.81  ? 42  ASN B C   1 
ATOM   835  O  O   . ASN B 1 42  ? -11.874 -11.635 0.315   1.00 5.11  ? 42  ASN B O   1 
ATOM   836  C  CB  . ASN B 1 42  ? -12.799 -13.692 1.961   1.00 4.94  ? 42  ASN B CB  1 
ATOM   837  C  CG  . ASN B 1 42  ? -14.241 -13.320 1.650   1.00 9.19  ? 42  ASN B CG  1 
ATOM   838  O  OD1 . ASN B 1 42  ? -14.665 -13.304 0.480   1.00 17.46 ? 42  ASN B OD1 1 
ATOM   839  N  ND2 . ASN B 1 42  ? -15.013 -12.975 2.701   1.00 12.00 ? 42  ASN B ND2 1 
ATOM   840  N  N   . TRP B 1 43  ? -11.250 -12.981 -1.384  1.00 4.12  ? 43  TRP B N   1 
ATOM   841  C  CA  . TRP B 1 43  ? -10.780 -11.879 -2.246  1.00 4.03  ? 43  TRP B CA  1 
ATOM   842  C  C   . TRP B 1 43  ? -11.818 -10.829 -2.569  1.00 4.22  ? 43  TRP B C   1 
ATOM   843  O  O   . TRP B 1 43  ? -11.479 -9.645  -2.713  1.00 3.61  ? 43  TRP B O   1 
ATOM   844  C  CB  . TRP B 1 43  ? -10.181 -12.422 -3.547  1.00 3.54  ? 43  TRP B CB  1 
ATOM   845  C  CG  . TRP B 1 43  ? -9.218  -13.498 -3.230  1.00 4.25  ? 43  TRP B CG  1 
ATOM   846  C  CD1 . TRP B 1 43  ? -9.332  -14.846 -3.537  1.00 4.06  ? 43  TRP B CD1 1 
ATOM   847  C  CD2 . TRP B 1 43  ? -8.050  -13.370 -2.413  1.00 2.00  ? 43  TRP B CD2 1 
ATOM   848  N  NE1 . TRP B 1 43  ? -8.247  -15.540 -3.013  1.00 2.79  ? 43  TRP B NE1 1 
ATOM   849  C  CE2 . TRP B 1 43  ? -7.450  -14.663 -2.323  1.00 2.13  ? 43  TRP B CE2 1 
ATOM   850  C  CE3 . TRP B 1 43  ? -7.434  -12.296 -1.776  1.00 2.00  ? 43  TRP B CE3 1 
ATOM   851  C  CZ2 . TRP B 1 43  ? -6.266  -14.897 -1.620  1.00 2.16  ? 43  TRP B CZ2 1 
ATOM   852  C  CZ3 . TRP B 1 43  ? -6.240  -12.534 -1.073  1.00 3.11  ? 43  TRP B CZ3 1 
ATOM   853  C  CH2 . TRP B 1 43  ? -5.674  -13.833 -1.004  1.00 2.00  ? 43  TRP B CH2 1 
ATOM   854  N  N   . ASP B 1 44  ? -13.067 -11.275 -2.690  1.00 4.90  ? 44  ASP B N   1 
ATOM   855  C  CA  . ASP B 1 44  ? -14.227 -10.397 -2.891  1.00 6.27  ? 44  ASP B CA  1 
ATOM   856  C  C   . ASP B 1 44  ? -14.363 -9.398  -1.786  1.00 7.08  ? 44  ASP B C   1 
ATOM   857  O  O   . ASP B 1 44  ? -14.622 -8.220  -2.020  1.00 6.77  ? 44  ASP B O   1 
ATOM   858  C  CB  . ASP B 1 44  ? -15.512 -11.225 -2.899  1.00 6.89  ? 44  ASP B CB  1 
ATOM   859  C  CG  . ASP B 1 44  ? -15.596 -12.131 -4.099  1.00 8.49  ? 44  ASP B CG  1 
ATOM   860  O  OD1 . ASP B 1 44  ? -15.278 -11.636 -5.214  1.00 11.03 ? 44  ASP B OD1 1 
ATOM   861  O  OD2 . ASP B 1 44  ? -15.983 -13.315 -3.940  1.00 10.37 ? 44  ASP B OD2 1 
ATOM   862  N  N   . LEU B 1 45  ? -14.226 -9.893  -0.563  1.00 8.36  ? 45  LEU B N   1 
ATOM   863  C  CA  . LEU B 1 45  ? -14.343 -9.036  0.585   1.00 9.75  ? 45  LEU B CA  1 
ATOM   864  C  C   . LEU B 1 45  ? -13.151 -8.074  0.618   1.00 9.85  ? 45  LEU B C   1 
ATOM   865  O  O   . LEU B 1 45  ? -13.346 -6.864  0.867   1.00 10.08 ? 45  LEU B O   1 
ATOM   866  C  CB  . LEU B 1 45  ? -14.494 -9.872  1.871   1.00 10.58 ? 45  LEU B CB  1 
ATOM   867  C  CG  . LEU B 1 45  ? -14.581 -9.098  3.187   1.00 12.88 ? 45  LEU B CG  1 
ATOM   868  C  CD1 . LEU B 1 45  ? -15.870 -8.341  3.231   1.00 13.48 ? 45  LEU B CD1 1 
ATOM   869  C  CD2 . LEU B 1 45  ? -14.417 -10.032 4.446   1.00 17.15 ? 45  LEU B CD2 1 
ATOM   870  N  N   . VAL B 1 46  ? -11.933 -8.575  0.339   1.00 9.73  ? 46  VAL B N   1 
ATOM   871  C  CA  . VAL B 1 46  ? -10.761 -7.668  0.211   1.00 9.53  ? 46  VAL B CA  1 
ATOM   872  C  C   . VAL B 1 46  ? -11.101 -6.580  -0.833  1.00 9.69  ? 46  VAL B C   1 
ATOM   873  O  O   . VAL B 1 46  ? -10.918 -5.397  -0.612  1.00 9.98  ? 46  VAL B O   1 
ATOM   874  C  CB  . VAL B 1 46  ? -9.466  -8.389  -0.235  1.00 9.28  ? 46  VAL B CB  1 
ATOM   875  C  CG1 . VAL B 1 46  ? -8.340  -7.410  -0.292  1.00 7.88  ? 46  VAL B CG1 1 
ATOM   876  C  CG2 . VAL B 1 46  ? -9.088  -9.501  0.694   1.00 7.70  ? 46  VAL B CG2 1 
ATOM   877  N  N   . LEU B 1 47  ? -11.636 -6.999  -1.961  1.00 10.41 ? 47  LEU B N   1 
ATOM   878  C  CA  . LEU B 1 47  ? -12.031 -6.068  -3.004  1.00 11.26 ? 47  LEU B CA  1 
ATOM   879  C  C   . LEU B 1 47  ? -13.098 -5.028  -2.585  1.00 12.41 ? 47  LEU B C   1 
ATOM   880  O  O   . LEU B 1 47  ? -13.035 -3.884  -3.046  1.00 11.86 ? 47  LEU B O   1 
ATOM   881  C  CB  . LEU B 1 47  ? -12.537 -6.831  -4.207  1.00 10.87 ? 47  LEU B CB  1 
ATOM   882  C  CG  . LEU B 1 47  ? -11.522 -7.049  -5.303  1.00 11.59 ? 47  LEU B CG  1 
ATOM   883  C  CD1 . LEU B 1 47  ? -12.277 -7.663  -6.475  1.00 8.86  ? 47  LEU B CD1 1 
ATOM   884  C  CD2 . LEU B 1 47  ? -10.805 -5.723  -5.683  1.00 10.90 ? 47  LEU B CD2 1 
ATOM   885  N  N   . ASN B 1 48  ? -14.062 -5.421  -1.729  1.00 13.45 ? 48  ASN B N   1 
ATOM   886  C  CA  . ASN B 1 48  ? -15.151 -4.510  -1.302  1.00 14.30 ? 48  ASN B CA  1 
ATOM   887  C  C   . ASN B 1 48  ? -14.655 -3.415  -0.325  1.00 14.84 ? 48  ASN B C   1 
ATOM   888  O  O   . ASN B 1 48  ? -15.094 -2.268  -0.361  1.00 14.73 ? 48  ASN B O   1 
ATOM   889  C  CB  . ASN B 1 48  ? -16.370 -5.302  -0.742  1.00 14.75 ? 48  ASN B CB  1 
ATOM   890  C  CG  . ASN B 1 48  ? -17.182 -6.030  -1.854  1.00 14.15 ? 48  ASN B CG  1 
ATOM   891  N  N   . HIS B 1 49  ? -13.718 -3.785  0.537   1.00 15.81 ? 49  HIS B N   1 
ATOM   892  C  CA  . HIS B 1 49  ? -13.028 -2.832  1.394   1.00 16.36 ? 49  HIS B CA  1 
ATOM   893  C  C   . HIS B 1 49  ? -12.151 -1.866  0.546   1.00 16.68 ? 49  HIS B C   1 
ATOM   894  O  O   . HIS B 1 49  ? -11.867 -0.747  0.956   1.00 16.77 ? 49  HIS B O   1 
ATOM   895  C  CB  . HIS B 1 49  ? -12.133 -3.572  2.426   1.00 16.99 ? 49  HIS B CB  1 
ATOM   896  C  CG  . HIS B 1 49  ? -12.867 -4.329  3.519   1.00 17.74 ? 49  HIS B CG  1 
ATOM   897  N  ND1 . HIS B 1 49  ? -13.825 -3.760  4.329   1.00 19.92 ? 49  HIS B ND1 1 
ATOM   898  C  CD2 . HIS B 1 49  ? -12.713 -5.600  3.971   1.00 19.23 ? 49  HIS B CD2 1 
ATOM   899  C  CE1 . HIS B 1 49  ? -14.251 -4.652  5.209   1.00 21.49 ? 49  HIS B CE1 1 
ATOM   900  N  NE2 . HIS B 1 49  ? -13.596 -5.781  5.010   1.00 19.71 ? 49  HIS B NE2 1 
ATOM   901  N  N   . GLY B 1 50  ? -11.716 -2.306  -0.635  1.00 17.04 ? 50  GLY B N   1 
ATOM   902  C  CA  . GLY B 1 50  ? -10.870 -1.496  -1.509  1.00 16.46 ? 50  GLY B CA  1 
ATOM   903  C  C   . GLY B 1 50  ? -11.581 -0.249  -1.976  1.00 16.36 ? 50  GLY B C   1 
ATOM   904  O  O   . GLY B 1 50  ? -10.928 0.789   -2.203  1.00 16.59 ? 50  GLY B O   1 
ATOM   905  N  N   . GLN B 1 51  ? -12.910 -0.338  -2.110  1.00 15.93 ? 51  GLN B N   1 
ATOM   906  C  CA  . GLN B 1 51  ? -13.748 0.848   -2.386  1.00 16.09 ? 51  GLN B CA  1 
ATOM   907  C  C   . GLN B 1 51  ? -13.587 1.862   -1.232  1.00 15.80 ? 51  GLN B C   1 
ATOM   908  O  O   . GLN B 1 51  ? -13.417 3.068   -1.456  1.00 14.88 ? 51  GLN B O   1 
ATOM   909  C  CB  . GLN B 1 51  ? -15.241 0.463   -2.597  1.00 16.16 ? 51  GLN B CB  1 
ATOM   910  C  CG  . GLN B 1 51  ? -15.652 0.175   -4.078  1.00 17.68 ? 51  GLN B CG  1 
ATOM   911  N  N   . GLU B 1 52  ? -13.610 1.336   -0.002  1.00 15.58 ? 52  GLU B N   1 
ATOM   912  C  CA  . GLU B 1 52  ? -13.558 2.151   1.208   1.00 15.24 ? 52  GLU B CA  1 
ATOM   913  C  C   . GLU B 1 52  ? -12.194 2.833   1.343   1.00 13.42 ? 52  GLU B C   1 
ATOM   914  O  O   . GLU B 1 52  ? -12.113 3.996   1.704   1.00 13.02 ? 52  GLU B O   1 
ATOM   915  C  CB  . GLU B 1 52  ? -13.878 1.295   2.454   1.00 15.93 ? 52  GLU B CB  1 
ATOM   916  C  CG  . GLU B 1 52  ? -14.603 2.088   3.581   1.00 19.71 ? 52  GLU B CG  1 
ATOM   917  C  CD  . GLU B 1 52  ? -14.562 1.416   4.981   1.00 25.12 ? 52  GLU B CD  1 
ATOM   918  O  OE1 . GLU B 1 52  ? -14.458 0.148   5.068   1.00 27.09 ? 52  GLU B OE1 1 
ATOM   919  O  OE2 . GLU B 1 52  ? -14.646 2.186   5.991   1.00 28.06 ? 52  GLU B OE2 1 
ATOM   920  N  N   . TYR B 1 53  ? -11.134 2.090   1.048   1.00 11.59 ? 53  TYR B N   1 
ATOM   921  C  CA  . TYR B 1 53  ? -9.743  2.592   1.057   1.00 10.38 ? 53  TYR B CA  1 
ATOM   922  C  C   . TYR B 1 53  ? -9.580  3.768   0.103   1.00 9.50  ? 53  TYR B C   1 
ATOM   923  O  O   . TYR B 1 53  ? -9.183  4.831   0.493   1.00 9.07  ? 53  TYR B O   1 
ATOM   924  C  CB  . TYR B 1 53  ? -8.815  1.434   0.641   1.00 9.89  ? 53  TYR B CB  1 
ATOM   925  C  CG  . TYR B 1 53  ? -7.305  1.636   0.597   1.00 8.15  ? 53  TYR B CG  1 
ATOM   926  C  CD1 . TYR B 1 53  ? -6.476  0.940   1.475   1.00 8.34  ? 53  TYR B CD1 1 
ATOM   927  C  CD2 . TYR B 1 53  ? -6.693  2.451   -0.375  1.00 7.21  ? 53  TYR B CD2 1 
ATOM   928  C  CE1 . TYR B 1 53  ? -5.071  1.056   1.399   1.00 8.26  ? 53  TYR B CE1 1 
ATOM   929  C  CE2 . TYR B 1 53  ? -5.294  2.586   -0.456  1.00 6.04  ? 53  TYR B CE2 1 
ATOM   930  C  CZ  . TYR B 1 53  ? -4.495  1.874   0.432   1.00 7.66  ? 53  TYR B CZ  1 
ATOM   931  O  OH  . TYR B 1 53  ? -3.130  1.971   0.374   1.00 5.44  ? 53  TYR B OH  1 
ATOM   932  N  N   . VAL B 1 54  ? -9.901  3.544   -1.157  1.00 9.19  ? 54  VAL B N   1 
ATOM   933  C  CA  . VAL B 1 54  ? -9.831  4.569   -2.181  1.00 9.06  ? 54  VAL B CA  1 
ATOM   934  C  C   . VAL B 1 54  ? -10.585 5.830   -1.787  1.00 9.51  ? 54  VAL B C   1 
ATOM   935  O  O   . VAL B 1 54  ? -10.045 6.924   -1.863  1.00 9.62  ? 54  VAL B O   1 
ATOM   936  C  CB  . VAL B 1 54  ? -10.371 4.036   -3.511  1.00 8.63  ? 54  VAL B CB  1 
ATOM   937  C  CG1 . VAL B 1 54  ? -11.082 5.091   -4.229  1.00 7.98  ? 54  VAL B CG1 1 
ATOM   938  C  CG2 . VAL B 1 54  ? -9.239  3.492   -4.328  1.00 8.30  ? 54  VAL B CG2 1 
ATOM   939  N  N   . CYS B 1 55  ? -11.827 5.668   -1.353  1.00 10.01 ? 55  CYS B N   1 
ATOM   940  C  CA  . CYS B 1 55  ? -12.609 6.775   -0.788  1.00 10.73 ? 55  CYS B CA  1 
ATOM   941  C  C   . CYS B 1 55  ? -11.879 7.500   0.365   1.00 10.34 ? 55  CYS B C   1 
ATOM   942  O  O   . CYS B 1 55  ? -11.847 8.718   0.414   1.00 10.22 ? 55  CYS B O   1 
ATOM   943  C  CB  . CYS B 1 55  ? -13.968 6.247   -0.336  1.00 10.59 ? 55  CYS B CB  1 
ATOM   944  S  SG  . CYS B 1 55  ? -14.923 7.371   0.681   1.00 16.90 ? 55  CYS B SG  1 
ATOM   945  N  N   . LEU B 1 56  ? -11.252 6.755   1.269   1.00 10.33 ? 56  LEU B N   1 
ATOM   946  C  CA  . LEU B 1 56  ? -10.492 7.387   2.344   1.00 10.39 ? 56  LEU B CA  1 
ATOM   947  C  C   . LEU B 1 56  ? -9.254  8.094   1.806   1.00 10.80 ? 56  LEU B C   1 
ATOM   948  O  O   . LEU B 1 56  ? -8.952  9.215   2.215   1.00 10.97 ? 56  LEU B O   1 
ATOM   949  C  CB  . LEU B 1 56  ? -10.112 6.374   3.408   1.00 10.03 ? 56  LEU B CB  1 
ATOM   950  C  CG  . LEU B 1 56  ? -11.170 5.998   4.438   1.00 9.87  ? 56  LEU B CG  1 
ATOM   951  C  CD1 . LEU B 1 56  ? -10.661 4.771   5.227   1.00 10.62 ? 56  LEU B CD1 1 
ATOM   952  C  CD2 . LEU B 1 56  ? -11.499 7.185   5.385   1.00 9.23  ? 56  LEU B CD2 1 
ATOM   953  N  N   . VAL B 1 57  ? -8.558  7.438   0.875   1.00 11.37 ? 57  VAL B N   1 
ATOM   954  C  CA  . VAL B 1 57  ? -7.400  8.037   0.187   1.00 11.75 ? 57  VAL B CA  1 
ATOM   955  C  C   . VAL B 1 57  ? -7.746  9.348   -0.516  1.00 12.12 ? 57  VAL B C   1 
ATOM   956  O  O   . VAL B 1 57  ? -6.987  10.295  -0.438  1.00 12.86 ? 57  VAL B O   1 
ATOM   957  C  CB  . VAL B 1 57  ? -6.768  7.060   -0.863  1.00 11.82 ? 57  VAL B CB  1 
ATOM   958  C  CG1 . VAL B 1 57  ? -5.849  7.840   -1.850  1.00 11.63 ? 57  VAL B CG1 1 
ATOM   959  C  CG2 . VAL B 1 57  ? -6.010  5.968   -0.175  1.00 9.76  ? 57  VAL B CG2 1 
ATOM   960  N  N   . GLU B 1 58  ? -8.872  9.400   -1.221  1.00 12.67 ? 58  GLU B N   1 
ATOM   961  C  CA  . GLU B 1 58  ? -9.253  10.619  -1.934  1.00 13.27 ? 58  GLU B CA  1 
ATOM   962  C  C   . GLU B 1 58  ? -9.756  11.689  -0.953  1.00 12.99 ? 58  GLU B C   1 
ATOM   963  O  O   . GLU B 1 58  ? -9.505  12.859  -1.158  1.00 12.37 ? 58  GLU B O   1 
ATOM   964  C  CB  . GLU B 1 58  ? -10.264 10.319  -3.055  1.00 13.59 ? 58  GLU B CB  1 
ATOM   965  C  CG  . GLU B 1 58  ? -9.801  9.207   -4.095  1.00 15.85 ? 58  GLU B CG  1 
ATOM   966  C  CD  . GLU B 1 58  ? -8.324  9.339   -4.600  1.00 18.75 ? 58  GLU B CD  1 
ATOM   967  O  OE1 . GLU B 1 58  ? -7.854  10.477  -4.849  1.00 22.01 ? 58  GLU B OE1 1 
ATOM   968  O  OE2 . GLU B 1 58  ? -7.631  8.303   -4.771  1.00 20.07 ? 58  GLU B OE2 1 
ATOM   969  N  N   . ARG B 1 59  ? -10.419 11.267  0.124   1.00 13.34 ? 59  ARG B N   1 
ATOM   970  C  CA  . ARG B 1 59  ? -10.734 12.131  1.274   1.00 13.73 ? 59  ARG B CA  1 
ATOM   971  C  C   . ARG B 1 59  ? -9.450  12.779  1.852   1.00 14.19 ? 59  ARG B C   1 
ATOM   972  O  O   . ARG B 1 59  ? -9.483  13.874  2.420   1.00 14.32 ? 59  ARG B O   1 
ATOM   973  C  CB  . ARG B 1 59  ? -11.494 11.320  2.360   1.00 13.73 ? 59  ARG B CB  1 
ATOM   974  C  CG  . ARG B 1 59  ? -12.091 12.131  3.524   1.00 13.76 ? 59  ARG B CG  1 
ATOM   975  N  N   . LEU B 1 60  ? -8.316  12.107  1.693   1.00 14.64 ? 60  LEU B N   1 
ATOM   976  C  CA  . LEU B 1 60  ? -7.027  12.669  2.121   1.00 15.02 ? 60  LEU B CA  1 
ATOM   977  C  C   . LEU B 1 60  ? -6.593  13.854  1.268   1.00 15.52 ? 60  LEU B C   1 
ATOM   978  O  O   . LEU B 1 60  ? -6.202  14.863  1.819   1.00 16.01 ? 60  LEU B O   1 
ATOM   979  C  CB  . LEU B 1 60  ? -5.918  11.609  2.099   1.00 15.10 ? 60  LEU B CB  1 
ATOM   980  C  CG  . LEU B 1 60  ? -5.285  11.158  3.414   1.00 13.91 ? 60  LEU B CG  1 
ATOM   981  C  CD1 . LEU B 1 60  ? -4.243  10.105  3.102   1.00 14.07 ? 60  LEU B CD1 1 
ATOM   982  C  CD2 . LEU B 1 60  ? -4.669  12.302  4.142   1.00 13.58 ? 60  LEU B CD2 1 
ATOM   983  N  N   . ARG B 1 61  ? -6.638  13.727  -0.060  1.00 16.02 ? 61  ARG B N   1 
ATOM   984  C  CA  . ARG B 1 61  ? -6.330  14.835  -0.974  1.00 16.40 ? 61  ARG B CA  1 
ATOM   985  C  C   . ARG B 1 61  ? -7.164  16.101  -0.680  1.00 16.73 ? 61  ARG B C   1 
ATOM   986  O  O   . ARG B 1 61  ? -7.931  16.540  -1.532  1.00 16.80 ? 61  ARG B O   1 
ATOM   987  C  CB  . ARG B 1 61  ? -6.635  14.428  -2.425  1.00 16.56 ? 61  ARG B CB  1 
ATOM   988  C  CG  . ARG B 1 61  ? -5.823  13.284  -3.034  1.00 18.04 ? 61  ARG B CG  1 
ATOM   989  C  CD  . ARG B 1 61  ? -5.323  13.643  -4.460  1.00 18.92 ? 61  ARG B CD  1 
ATOM   990  N  NE  . ARG B 1 61  ? -5.411  12.548  -5.444  1.00 20.67 ? 61  ARG B NE  1 
ATOM   991  C  CZ  . ARG B 1 61  ? -4.865  12.585  -6.674  1.00 22.19 ? 61  ARG B CZ  1 
ATOM   992  N  NH1 . ARG B 1 61  ? -4.168  13.657  -7.085  1.00 22.50 ? 61  ARG B NH1 1 
ATOM   993  N  NH2 . ARG B 1 61  ? -5.018  11.549  -7.514  1.00 21.57 ? 61  ARG B NH2 1 
ATOM   994  N  N   . GLU B 1 62  ? -7.014  16.715  0.493   1.00 17.05 ? 62  GLU B N   1 
ATOM   995  C  CA  . GLU B 1 62  ? -8.089  17.581  1.012   1.00 17.37 ? 62  GLU B CA  1 
ATOM   996  C  C   . GLU B 1 62  ? -7.828  18.089  2.455   1.00 17.51 ? 62  GLU B C   1 
ATOM   997  O  O   . GLU B 1 62  ? -7.206  17.418  3.302   1.00 17.12 ? 62  GLU B O   1 
ATOM   998  C  CB  . GLU B 1 62  ? -9.447  16.821  0.855   1.00 17.49 ? 62  GLU B CB  1 
ATOM   999  C  CG  . GLU B 1 62  ? -10.598 17.053  1.872   1.00 18.38 ? 62  GLU B CG  1 
ATOM   1000 C  CD  . GLU B 1 62  ? -11.806 16.058  1.684   1.00 19.66 ? 62  GLU B CD  1 
ATOM   1001 O  OE1 . GLU B 1 62  ? -12.189 15.370  2.670   1.00 19.02 ? 62  GLU B OE1 1 
ATOM   1002 O  OE2 . GLU B 1 62  ? -12.376 15.963  0.560   1.00 19.82 ? 62  GLU B OE2 1 
ATOM   1003 N  N   . LEU B 1 69  ? 1.500   19.851  13.095  1.00 30.91 ? 69  LEU B N   1 
ATOM   1004 C  CA  . LEU B 1 69  ? 1.548   18.498  13.698  1.00 31.07 ? 69  LEU B CA  1 
ATOM   1005 C  C   . LEU B 1 69  ? 2.664   18.346  14.769  1.00 31.13 ? 69  LEU B C   1 
ATOM   1006 O  O   . LEU B 1 69  ? 3.859   18.380  14.437  1.00 31.00 ? 69  LEU B O   1 
ATOM   1007 C  CB  . LEU B 1 69  ? 1.705   17.420  12.605  1.00 31.03 ? 69  LEU B CB  1 
ATOM   1008 N  N   . ASP B 1 70  ? 2.275   18.172  16.043  1.00 31.07 ? 70  ASP B N   1 
ATOM   1009 C  CA  . ASP B 1 70  ? 3.253   18.024  17.149  1.00 30.87 ? 70  ASP B CA  1 
ATOM   1010 C  C   . ASP B 1 70  ? 3.934   16.636  17.114  1.00 30.88 ? 70  ASP B C   1 
ATOM   1011 O  O   . ASP B 1 70  ? 3.540   15.774  16.311  1.00 31.17 ? 70  ASP B O   1 
ATOM   1012 C  CB  . ASP B 1 70  ? 2.631   18.358  18.521  1.00 30.58 ? 70  ASP B CB  1 
ATOM   1013 C  CG  . ASP B 1 70  ? 1.850   17.216  19.127  1.00 30.59 ? 70  ASP B CG  1 
ATOM   1014 O  OD1 . ASP B 1 70  ? 1.243   17.421  20.202  1.00 30.09 ? 70  ASP B OD1 1 
ATOM   1015 O  OD2 . ASP B 1 70  ? 1.849   16.114  18.560  1.00 29.15 ? 70  ASP B OD2 1 
ATOM   1016 N  N   . GLU B 1 71  ? 4.951   16.425  17.957  1.00 30.55 ? 71  GLU B N   1 
ATOM   1017 C  CA  . GLU B 1 71  ? 5.883   15.291  17.771  1.00 30.29 ? 71  GLU B CA  1 
ATOM   1018 C  C   . GLU B 1 71  ? 5.201   13.944  18.067  1.00 29.55 ? 71  GLU B C   1 
ATOM   1019 O  O   . GLU B 1 71  ? 5.356   12.973  17.284  1.00 29.15 ? 71  GLU B O   1 
ATOM   1020 C  CB  . GLU B 1 71  ? 7.188   15.488  18.590  1.00 30.84 ? 71  GLU B CB  1 
ATOM   1021 C  CG  . GLU B 1 71  ? 8.296   14.411  18.314  1.00 32.52 ? 71  GLU B CG  1 
ATOM   1022 C  CD  . GLU B 1 71  ? 9.731   14.981  18.166  1.00 34.26 ? 71  GLU B CD  1 
ATOM   1023 O  OE1 . GLU B 1 71  ? 10.297  15.433  19.190  1.00 32.86 ? 71  GLU B OE1 1 
ATOM   1024 O  OE2 . GLU B 1 71  ? 10.289  14.946  17.025  1.00 35.02 ? 71  GLU B OE2 1 
ATOM   1025 N  N   . ALA B 1 72  ? 4.452   13.910  19.184  1.00 28.28 ? 72  ALA B N   1 
ATOM   1026 C  CA  . ALA B 1 72  ? 3.581   12.790  19.551  1.00 27.31 ? 72  ALA B CA  1 
ATOM   1027 C  C   . ALA B 1 72  ? 2.650   12.441  18.402  1.00 26.47 ? 72  ALA B C   1 
ATOM   1028 O  O   . ALA B 1 72  ? 2.427   11.269  18.108  1.00 26.88 ? 72  ALA B O   1 
ATOM   1029 C  CB  . ALA B 1 72  ? 2.753   13.142  20.782  1.00 27.35 ? 72  ALA B CB  1 
ATOM   1030 N  N   . ALA B 1 73  ? 2.119   13.468  17.747  1.00 25.22 ? 73  ALA B N   1 
ATOM   1031 C  CA  . ALA B 1 73  ? 1.196   13.294  16.635  1.00 24.26 ? 73  ALA B CA  1 
ATOM   1032 C  C   . ALA B 1 73  ? 1.916   12.772  15.395  1.00 23.60 ? 73  ALA B C   1 
ATOM   1033 O  O   . ALA B 1 73  ? 1.346   12.026  14.634  1.00 21.92 ? 73  ALA B O   1 
ATOM   1034 C  CB  . ALA B 1 73  ? 0.489   14.604  16.330  1.00 23.94 ? 73  ALA B CB  1 
ATOM   1035 N  N   . ARG B 1 74  ? 3.166   13.167  15.190  1.00 23.66 ? 74  ARG B N   1 
ATOM   1036 C  CA  . ARG B 1 74  ? 3.901   12.708  14.023  1.00 24.16 ? 74  ARG B CA  1 
ATOM   1037 C  C   . ARG B 1 74  ? 4.382   11.276  14.242  1.00 23.72 ? 74  ARG B C   1 
ATOM   1038 O  O   . ARG B 1 74  ? 4.416   10.502  13.300  1.00 23.85 ? 74  ARG B O   1 
ATOM   1039 C  CB  . ARG B 1 74  ? 5.058   13.658  13.637  1.00 24.60 ? 74  ARG B CB  1 
ATOM   1040 C  CG  . ARG B 1 74  ? 4.620   15.116  13.345  1.00 27.22 ? 74  ARG B CG  1 
ATOM   1041 C  CD  . ARG B 1 74  ? 5.626   15.936  12.448  1.00 30.55 ? 74  ARG B CD  1 
ATOM   1042 N  NE  . ARG B 1 74  ? 7.021   15.770  12.867  1.00 32.52 ? 74  ARG B NE  1 
ATOM   1043 C  CZ  . ARG B 1 74  ? 7.552   16.280  13.980  1.00 34.57 ? 74  ARG B CZ  1 
ATOM   1044 N  NH1 . ARG B 1 74  ? 6.823   17.021  14.818  1.00 35.39 ? 74  ARG B NH1 1 
ATOM   1045 N  NH2 . ARG B 1 74  ? 8.836   16.058  14.254  1.00 35.82 ? 74  ARG B NH2 1 
ATOM   1046 N  N   . GLY B 1 75  ? 4.717   10.916  15.475  1.00 23.41 ? 75  GLY B N   1 
ATOM   1047 C  CA  . GLY B 1 75  ? 4.996   9.521   15.797  1.00 23.32 ? 75  GLY B CA  1 
ATOM   1048 C  C   . GLY B 1 75  ? 3.784   8.640   15.559  1.00 23.54 ? 75  GLY B C   1 
ATOM   1049 O  O   . GLY B 1 75  ? 3.882   7.530   15.063  1.00 22.50 ? 75  GLY B O   1 
HETATM 1050 N  N   . MSE B 1 76  ? 2.624   9.157   15.906  1.00 24.65 ? 76  MSE B N   1 
HETATM 1051 C  CA  . MSE B 1 76  ? 1.363   8.443   15.713  1.00 26.10 ? 76  MSE B CA  1 
HETATM 1052 C  C   . MSE B 1 76  ? 1.053   8.189   14.245  1.00 24.57 ? 76  MSE B C   1 
HETATM 1053 O  O   . MSE B 1 76  ? 0.727   7.067   13.865  1.00 24.53 ? 76  MSE B O   1 
HETATM 1054 C  CB  . MSE B 1 76  ? 0.251   9.295   16.295  1.00 28.01 ? 76  MSE B CB  1 
HETATM 1055 C  CG  . MSE B 1 76  ? -0.994  8.568   16.758  1.00 35.05 ? 76  MSE B CG  1 
HETATM 1056 SE SE  . MSE B 1 76  ? -1.507  9.362   18.517  1.00 53.69 ? 76  MSE B SE  1 
HETATM 1057 C  CE  . MSE B 1 76  ? -0.920  11.277  18.418  1.00 47.85 ? 76  MSE B CE  1 
ATOM   1058 N  N   . LYS B 1 77  ? 1.122   9.253   13.442  1.00 22.56 ? 77  LYS B N   1 
ATOM   1059 C  CA  . LYS B 1 77  ? 0.925   9.181   12.000  1.00 21.17 ? 77  LYS B CA  1 
ATOM   1060 C  C   . LYS B 1 77  ? 1.922   8.225   11.369  1.00 18.78 ? 77  LYS B C   1 
ATOM   1061 O  O   . LYS B 1 77  ? 1.532   7.376   10.554  1.00 18.49 ? 77  LYS B O   1 
ATOM   1062 C  CB  . LYS B 1 77  ? 1.123   10.553  11.334  1.00 21.60 ? 77  LYS B CB  1 
ATOM   1063 C  CG  . LYS B 1 77  ? 0.796   10.561  9.817   1.00 24.95 ? 77  LYS B CG  1 
ATOM   1064 C  CD  . LYS B 1 77  ? 1.312   11.815  9.066   1.00 29.58 ? 77  LYS B CD  1 
ATOM   1065 C  CE  . LYS B 1 77  ? 2.579   11.535  8.227   1.00 31.31 ? 77  LYS B CE  1 
ATOM   1066 N  NZ  . LYS B 1 77  ? 2.432   12.065  6.818   1.00 32.35 ? 77  LYS B NZ  1 
ATOM   1067 N  N   . PHE B 1 78  ? 3.205   8.391   11.709  1.00 15.46 ? 78  PHE B N   1 
ATOM   1068 C  CA  . PHE B 1 78  ? 4.233   7.558   11.116  1.00 13.78 ? 78  PHE B CA  1 
ATOM   1069 C  C   . PHE B 1 78  ? 3.999   6.055   11.383  1.00 12.12 ? 78  PHE B C   1 
ATOM   1070 O  O   . PHE B 1 78  ? 4.091   5.268   10.467  1.00 11.03 ? 78  PHE B O   1 
ATOM   1071 C  CB  . PHE B 1 78  ? 5.635   7.908   11.580  1.00 13.22 ? 78  PHE B CB  1 
ATOM   1072 C  CG  . PHE B 1 78  ? 6.633   7.041   10.956  1.00 14.17 ? 78  PHE B CG  1 
ATOM   1073 C  CD1 . PHE B 1 78  ? 6.854   7.136   9.577   1.00 17.48 ? 78  PHE B CD1 1 
ATOM   1074 C  CD2 . PHE B 1 78  ? 7.244   6.020   11.669  1.00 13.26 ? 78  PHE B CD2 1 
ATOM   1075 C  CE1 . PHE B 1 78  ? 7.743   6.261   8.933   1.00 17.77 ? 78  PHE B CE1 1 
ATOM   1076 C  CE2 . PHE B 1 78  ? 8.123   5.157   11.052  1.00 14.66 ? 78  PHE B CE2 1 
ATOM   1077 C  CZ  . PHE B 1 78  ? 8.387   5.273   9.689   1.00 16.66 ? 78  PHE B CZ  1 
ATOM   1078 N  N   . ASP B 1 79  ? 3.663   5.710   12.630  1.00 10.25 ? 79  ASP B N   1 
ATOM   1079 C  CA  . ASP B 1 79  ? 3.239   4.359   13.027  1.00 10.22 ? 79  ASP B CA  1 
ATOM   1080 C  C   . ASP B 1 79  ? 2.094   3.783   12.219  1.00 10.69 ? 79  ASP B C   1 
ATOM   1081 O  O   . ASP B 1 79  ? 2.056   2.570   12.013  1.00 11.27 ? 79  ASP B O   1 
ATOM   1082 C  CB  . ASP B 1 79  ? 2.830   4.290   14.499  1.00 8.55  ? 79  ASP B CB  1 
ATOM   1083 C  CG  . ASP B 1 79  ? 3.996   4.457   15.420  1.00 7.38  ? 79  ASP B CG  1 
ATOM   1084 O  OD1 . ASP B 1 79  ? 5.138   4.280   14.959  1.00 4.93  ? 79  ASP B OD1 1 
ATOM   1085 O  OD2 . ASP B 1 79  ? 3.782   4.757   16.617  1.00 8.08  ? 79  ASP B OD2 1 
ATOM   1086 N  N   . LEU B 1 80  ? 1.161   4.631   11.815  1.00 10.73 ? 80  LEU B N   1 
ATOM   1087 C  CA  . LEU B 1 80  ? -0.049  4.202   11.128  1.00 11.52 ? 80  LEU B CA  1 
ATOM   1088 C  C   . LEU B 1 80  ? 0.335   3.882   9.699   1.00 13.09 ? 80  LEU B C   1 
ATOM   1089 O  O   . LEU B 1 80  ? -0.072  2.847   9.111   1.00 12.95 ? 80  LEU B O   1 
ATOM   1090 C  CB  . LEU B 1 80  ? -1.139  5.306   11.167  1.00 10.65 ? 80  LEU B CB  1 
ATOM   1091 C  CG  . LEU B 1 80  ? -1.874  5.474   12.515  1.00 8.66  ? 80  LEU B CG  1 
ATOM   1092 C  CD1 . LEU B 1 80  ? -2.884  6.633   12.553  1.00 5.49  ? 80  LEU B CD1 1 
ATOM   1093 C  CD2 . LEU B 1 80  ? -2.544  4.157   12.847  1.00 5.41  ? 80  LEU B CD2 1 
ATOM   1094 N  N   . LEU B 1 81  ? 1.135   4.803   9.163   1.00 14.08 ? 81  LEU B N   1 
ATOM   1095 C  CA  . LEU B 1 81  ? 1.701   4.686   7.835   1.00 14.63 ? 81  LEU B CA  1 
ATOM   1096 C  C   . LEU B 1 81  ? 2.456   3.360   7.681   1.00 14.26 ? 81  LEU B C   1 
ATOM   1097 O  O   . LEU B 1 81  ? 2.168   2.584   6.782   1.00 13.62 ? 81  LEU B O   1 
ATOM   1098 C  CB  . LEU B 1 81  ? 2.625   5.881   7.637   1.00 15.20 ? 81  LEU B CB  1 
ATOM   1099 C  CG  . LEU B 1 81  ? 2.780   6.504   6.270   1.00 17.67 ? 81  LEU B CG  1 
ATOM   1100 C  CD1 . LEU B 1 81  ? 4.203   6.223   5.791   1.00 18.69 ? 81  LEU B CD1 1 
ATOM   1101 C  CD2 . LEU B 1 81  ? 1.706   6.023   5.248   1.00 20.18 ? 81  LEU B CD2 1 
ATOM   1102 N  N   . VAL B 1 82  ? 3.372   3.073   8.603   1.00 14.17 ? 82  VAL B N   1 
ATOM   1103 C  CA  . VAL B 1 82  ? 4.149   1.826   8.523   1.00 14.84 ? 82  VAL B CA  1 
ATOM   1104 C  C   . VAL B 1 82  ? 3.223   0.618   8.520   1.00 14.16 ? 82  VAL B C   1 
ATOM   1105 O  O   . VAL B 1 82  ? 3.449   -0.384  7.847   1.00 14.64 ? 82  VAL B O   1 
ATOM   1106 C  CB  . VAL B 1 82  ? 5.164   1.694   9.682   1.00 14.89 ? 82  VAL B CB  1 
ATOM   1107 C  CG1 . VAL B 1 82  ? 5.684   0.289   9.754   1.00 15.34 ? 82  VAL B CG1 1 
ATOM   1108 C  CG2 . VAL B 1 82  ? 6.317   2.717   9.525   1.00 13.94 ? 82  VAL B CG2 1 
ATOM   1109 N  N   . ARG B 1 83  ? 2.169   0.720   9.300   1.00 13.80 ? 83  ARG B N   1 
ATOM   1110 C  CA  . ARG B 1 83  ? 1.198   -0.345  9.381   1.00 13.02 ? 83  ARG B CA  1 
ATOM   1111 C  C   . ARG B 1 83  ? 0.452   -0.490  8.060   1.00 12.30 ? 83  ARG B C   1 
ATOM   1112 O  O   . ARG B 1 83  ? 0.292   -1.614  7.578   1.00 12.50 ? 83  ARG B O   1 
ATOM   1113 C  CB  . ARG B 1 83  ? 0.258   -0.032  10.498  1.00 13.08 ? 83  ARG B CB  1 
ATOM   1114 C  CG  . ARG B 1 83  ? -0.869  -0.962  10.660  1.00 15.52 ? 83  ARG B CG  1 
ATOM   1115 C  CD  . ARG B 1 83  ? -1.433  -0.813  12.094  1.00 20.39 ? 83  ARG B CD  1 
ATOM   1116 N  NE  . ARG B 1 83  ? -2.833  -1.221  12.096  1.00 22.39 ? 83  ARG B NE  1 
ATOM   1117 C  CZ  . ARG B 1 83  ? -3.834  -0.563  12.664  1.00 20.26 ? 83  ARG B CZ  1 
ATOM   1118 N  NH1 . ARG B 1 83  ? -3.612  0.554   13.357  1.00 18.44 ? 83  ARG B NH1 1 
ATOM   1119 N  NH2 . ARG B 1 83  ? -5.063  -1.066  12.551  1.00 19.44 ? 83  ARG B NH2 1 
ATOM   1120 N  N   . ILE B 1 84  ? -0.018  0.627   7.483   1.00 11.10 ? 84  ILE B N   1 
ATOM   1121 C  CA  . ILE B 1 84  ? -0.630  0.584   6.136   1.00 10.30 ? 84  ILE B CA  1 
ATOM   1122 C  C   . ILE B 1 84  ? 0.293   -0.029  5.044   1.00 10.57 ? 84  ILE B C   1 
ATOM   1123 O  O   . ILE B 1 84  ? -0.121  -0.869  4.203   1.00 11.14 ? 84  ILE B O   1 
ATOM   1124 C  CB  . ILE B 1 84  ? -1.091  1.966   5.642   1.00 9.67  ? 84  ILE B CB  1 
ATOM   1125 C  CG1 . ILE B 1 84  ? -2.235  2.511   6.513   1.00 8.29  ? 84  ILE B CG1 1 
ATOM   1126 C  CG2 . ILE B 1 84  ? -1.508  1.893   4.133   1.00 5.69  ? 84  ILE B CG2 1 
ATOM   1127 C  CD1 . ILE B 1 84  ? -2.330  4.046   6.551   1.00 3.86  ? 84  ILE B CD1 1 
ATOM   1128 N  N   . LEU B 1 85  ? 1.522   0.435   5.050   1.00 11.07 ? 85  LEU B N   1 
ATOM   1129 C  CA  . LEU B 1 85  ? 2.563   -0.040  4.138   1.00 11.22 ? 85  LEU B CA  1 
ATOM   1130 C  C   . LEU B 1 85  ? 2.852   -1.506  4.310   1.00 11.74 ? 85  LEU B C   1 
ATOM   1131 O  O   . LEU B 1 85  ? 2.909   -2.232  3.322   1.00 13.85 ? 85  LEU B O   1 
ATOM   1132 C  CB  . LEU B 1 85  ? 3.834   0.780   4.331   1.00 10.36 ? 85  LEU B CB  1 
ATOM   1133 C  CG  . LEU B 1 85  ? 3.648   2.234   3.839   1.00 10.25 ? 85  LEU B CG  1 
ATOM   1134 C  CD1 . LEU B 1 85  ? 4.930   3.111   3.918   1.00 7.11  ? 85  LEU B CD1 1 
ATOM   1135 C  CD2 . LEU B 1 85  ? 3.113   2.218   2.460   1.00 6.31  ? 85  LEU B CD2 1 
ATOM   1136 N  N   . GLU B 1 86  ? 3.023   -1.954  5.548   1.00 12.21 ? 86  GLU B N   1 
ATOM   1137 C  CA  . GLU B 1 86  ? 3.140   -3.402  5.817   1.00 12.49 ? 86  GLU B CA  1 
ATOM   1138 C  C   . GLU B 1 86  ? 1.909   -4.207  5.387   1.00 11.32 ? 86  GLU B C   1 
ATOM   1139 O  O   . GLU B 1 86  ? 2.055   -5.307  4.866   1.00 10.87 ? 86  GLU B O   1 
ATOM   1140 C  CB  . GLU B 1 86  ? 3.494   -3.679  7.287   1.00 12.33 ? 86  GLU B CB  1 
ATOM   1141 C  CG  . GLU B 1 86  ? 4.973   -3.361  7.585   1.00 14.63 ? 86  GLU B CG  1 
ATOM   1142 C  CD  . GLU B 1 86  ? 5.339   -3.382  9.090   1.00 18.63 ? 86  GLU B CD  1 
ATOM   1143 O  OE1 . GLU B 1 86  ? 4.429   -3.472  9.959   1.00 17.87 ? 86  GLU B OE1 1 
ATOM   1144 O  OE2 . GLU B 1 86  ? 6.560   -3.304  9.387   1.00 20.52 ? 86  GLU B OE2 1 
ATOM   1145 N  N   . ASN B 1 87  ? 0.717   -3.648  5.565   1.00 10.70 ? 87  ASN B N   1 
ATOM   1146 C  CA  . ASN B 1 87  ? -0.496  -4.397  5.286   1.00 10.74 ? 87  ASN B CA  1 
ATOM   1147 C  C   . ASN B 1 87  ? -0.729  -4.642  3.802   1.00 11.03 ? 87  ASN B C   1 
ATOM   1148 O  O   . ASN B 1 87  ? -1.116  -5.743  3.399   1.00 12.96 ? 87  ASN B O   1 
ATOM   1149 C  CB  . ASN B 1 87  ? -1.703  -3.758  5.962   1.00 10.70 ? 87  ASN B CB  1 
ATOM   1150 C  CG  . ASN B 1 87  ? -1.749  -4.043  7.475   1.00 7.58  ? 87  ASN B CG  1 
ATOM   1151 O  OD1 . ASN B 1 87  ? -1.002  -4.855  7.953   1.00 5.30  ? 87  ASN B OD1 1 
ATOM   1152 N  ND2 . ASN B 1 87  ? -2.671  -3.409  8.197   1.00 2.63  ? 87  ASN B ND2 1 
ATOM   1153 N  N   . ASP B 1 88  ? -0.458  -3.633  2.997   1.00 10.88 ? 88  ASP B N   1 
ATOM   1154 C  CA  . ASP B 1 88  ? -0.577  -3.712  1.548   1.00 9.59  ? 88  ASP B CA  1 
ATOM   1155 C  C   . ASP B 1 88  ? 0.393   -4.760  1.107   1.00 9.45  ? 88  ASP B C   1 
ATOM   1156 O  O   . ASP B 1 88  ? 0.034   -5.606  0.316   1.00 11.44 ? 88  ASP B O   1 
ATOM   1157 C  CB  . ASP B 1 88  ? -0.264  -2.353  0.893   1.00 9.22  ? 88  ASP B CB  1 
ATOM   1158 C  CG  . ASP B 1 88  ? -1.376  -1.262  1.157   1.00 11.98 ? 88  ASP B CG  1 
ATOM   1159 O  OD1 . ASP B 1 88  ? -2.513  -1.606  1.595   1.00 9.25  ? 88  ASP B OD1 1 
ATOM   1160 O  OD2 . ASP B 1 88  ? -1.122  -0.046  0.902   1.00 16.46 ? 88  ASP B OD2 1 
ATOM   1161 N  N   . ALA B 1 89  ? 1.610   -4.747  1.648   1.00 7.82  ? 89  ALA B N   1 
ATOM   1162 C  CA  . ALA B 1 89  ? 2.603   -5.690  1.212   1.00 7.01  ? 89  ALA B CA  1 
ATOM   1163 C  C   . ALA B 1 89  ? 2.193   -7.094  1.653   1.00 6.09  ? 89  ALA B C   1 
ATOM   1164 O  O   . ALA B 1 89  ? 2.342   -8.042  0.901   1.00 7.07  ? 89  ALA B O   1 
ATOM   1165 C  CB  . ALA B 1 89  ? 3.997   -5.322  1.740   1.00 5.55  ? 89  ALA B CB  1 
ATOM   1166 N  N   . ALA B 1 90  ? 1.653   -7.224  2.862   1.00 5.22  ? 90  ALA B N   1 
ATOM   1167 C  CA  . ALA B 1 90  ? 1.249   -8.547  3.397   1.00 3.79  ? 90  ALA B CA  1 
ATOM   1168 C  C   . ALA B 1 90  ? 0.140   -9.132  2.567   1.00 3.82  ? 90  ALA B C   1 
ATOM   1169 O  O   . ALA B 1 90  ? 0.179   -10.295 2.265   1.00 4.45  ? 90  ALA B O   1 
ATOM   1170 C  CB  . ALA B 1 90  ? 0.866   -8.469  4.819   1.00 2.00  ? 90  ALA B CB  1 
ATOM   1171 N  N   . VAL B 1 91  ? -0.822  -8.328  2.128   1.00 5.80  ? 91  VAL B N   1 
ATOM   1172 C  CA  . VAL B 1 91  ? -1.879  -8.825  1.242   1.00 6.81  ? 91  VAL B CA  1 
ATOM   1173 C  C   . VAL B 1 91  ? -1.314  -9.243  -0.129  1.00 8.54  ? 91  VAL B C   1 
ATOM   1174 O  O   . VAL B 1 91  ? -1.623  -10.328 -0.609  1.00 9.43  ? 91  VAL B O   1 
ATOM   1175 C  CB  . VAL B 1 91  ? -3.022  -7.817  1.088   1.00 8.16  ? 91  VAL B CB  1 
ATOM   1176 C  CG1 . VAL B 1 91  ? -4.119  -8.360  0.099   1.00 7.84  ? 91  VAL B CG1 1 
ATOM   1177 C  CG2 . VAL B 1 91  ? -3.654  -7.459  2.478   1.00 7.32  ? 91  VAL B CG2 1 
ATOM   1178 N  N   . ARG B 1 92  ? -0.454  -8.426  -0.756  1.00 9.10  ? 92  ARG B N   1 
ATOM   1179 C  CA  . ARG B 1 92  ? 0.159   -8.806  -2.027  1.00 8.60  ? 92  ARG B CA  1 
ATOM   1180 C  C   . ARG B 1 92  ? 0.891   -10.132 -1.887  1.00 9.53  ? 92  ARG B C   1 
ATOM   1181 O  O   . ARG B 1 92  ? 0.776   -10.985 -2.736  1.00 10.03 ? 92  ARG B O   1 
ATOM   1182 C  CB  . ARG B 1 92  ? 1.172   -7.742  -2.462  1.00 8.78  ? 92  ARG B CB  1 
ATOM   1183 C  CG  . ARG B 1 92  ? 0.547   -6.445  -2.993  1.00 9.34  ? 92  ARG B CG  1 
ATOM   1184 C  CD  . ARG B 1 92  ? 1.587   -5.616  -3.758  1.00 10.49 ? 92  ARG B CD  1 
ATOM   1185 N  NE  . ARG B 1 92  ? 2.700   -5.153  -2.923  1.00 7.70  ? 92  ARG B NE  1 
ATOM   1186 C  CZ  . ARG B 1 92  ? 2.744   -4.001  -2.260  1.00 6.95  ? 92  ARG B CZ  1 
ATOM   1187 N  NH1 . ARG B 1 92  ? 1.745   -3.162  -2.317  1.00 10.96 ? 92  ARG B NH1 1 
ATOM   1188 N  NH2 . ARG B 1 92  ? 3.793   -3.679  -1.520  1.00 5.41  ? 92  ARG B NH2 1 
ATOM   1189 N  N   . ASP B 1 93  ? 1.660   -10.289 -0.820  1.00 10.22 ? 93  ASP B N   1 
ATOM   1190 C  CA  . ASP B 1 93  ? 2.405   -11.524 -0.558  1.00 11.92 ? 93  ASP B CA  1 
ATOM   1191 C  C   . ASP B 1 93  ? 1.543   -12.780 -0.393  1.00 11.62 ? 93  ASP B C   1 
ATOM   1192 O  O   . ASP B 1 93  ? 1.983   -13.854 -0.740  1.00 12.06 ? 93  ASP B O   1 
ATOM   1193 C  CB  . ASP B 1 93  ? 3.309   -11.333 0.684   1.00 12.71 ? 93  ASP B CB  1 
ATOM   1194 C  CG  . ASP B 1 93  ? 4.492   -10.386 0.391   1.00 16.17 ? 93  ASP B CG  1 
ATOM   1195 O  OD1 . ASP B 1 93  ? 4.863   -10.259 -0.813  1.00 17.49 ? 93  ASP B OD1 1 
ATOM   1196 O  OD2 . ASP B 1 93  ? 5.040   -9.782  1.339   1.00 19.55 ? 93  ASP B OD2 1 
ATOM   1197 N  N   . LEU B 1 94  ? 0.329   -12.637 0.127   1.00 10.88 ? 94  LEU B N   1 
ATOM   1198 C  CA  . LEU B 1 94  ? -0.641  -13.730 0.151   1.00 10.04 ? 94  LEU B CA  1 
ATOM   1199 C  C   . LEU B 1 94  ? -1.254  -13.918 -1.224  1.00 9.56  ? 94  LEU B C   1 
ATOM   1200 O  O   . LEU B 1 94  ? -1.231  -15.005 -1.755  1.00 11.17 ? 94  LEU B O   1 
ATOM   1201 C  CB  . LEU B 1 94  ? -1.759  -13.418 1.153   1.00 9.69  ? 94  LEU B CB  1 
ATOM   1202 C  CG  . LEU B 1 94  ? -1.291  -13.441 2.614   1.00 12.32 ? 94  LEU B CG  1 
ATOM   1203 C  CD1 . LEU B 1 94  ? -2.296  -12.838 3.579   1.00 14.24 ? 94  LEU B CD1 1 
ATOM   1204 C  CD2 . LEU B 1 94  ? -0.933  -14.922 3.021   1.00 10.94 ? 94  LEU B CD2 1 
ATOM   1205 N  N   . ALA B 1 95  ? -1.792  -12.854 -1.809  1.00 9.07  ? 95  ALA B N   1 
ATOM   1206 C  CA  . ALA B 1 95  ? -2.632  -12.937 -3.034  1.00 8.34  ? 95  ALA B CA  1 
ATOM   1207 C  C   . ALA B 1 95  ? -1.889  -13.338 -4.297  1.00 8.51  ? 95  ALA B C   1 
ATOM   1208 O  O   . ALA B 1 95  ? -2.405  -14.137 -5.094  1.00 7.48  ? 95  ALA B O   1 
ATOM   1209 C  CB  . ALA B 1 95  ? -3.366  -11.603 -3.279  1.00 6.77  ? 95  ALA B CB  1 
ATOM   1210 N  N   . LEU B 1 96  ? -0.687  -12.789 -4.489  1.00 9.15  ? 96  LEU B N   1 
ATOM   1211 C  CA  . LEU B 1 96  ? -0.015  -12.891 -5.785  1.00 10.25 ? 96  LEU B CA  1 
ATOM   1212 C  C   . LEU B 1 96  ? 0.595   -14.237 -6.142  1.00 10.45 ? 96  LEU B C   1 
ATOM   1213 O  O   . LEU B 1 96  ? 0.577   -14.624 -7.327  1.00 10.78 ? 96  LEU B O   1 
ATOM   1214 C  CB  . LEU B 1 96  ? 1.051   -11.804 -5.930  1.00 11.14 ? 96  LEU B CB  1 
ATOM   1215 C  CG  . LEU B 1 96  ? 0.535   -10.358 -5.893  1.00 11.68 ? 96  LEU B CG  1 
ATOM   1216 C  CD1 . LEU B 1 96  ? 1.619   -9.378  -6.270  1.00 10.02 ? 96  LEU B CD1 1 
ATOM   1217 C  CD2 . LEU B 1 96  ? -0.624  -10.265 -6.833  1.00 16.35 ? 96  LEU B CD2 1 
ATOM   1218 N  N   . PRO B 1 97  ? 1.158   -14.960 -5.153  1.00 9.72  ? 97  PRO B N   1 
ATOM   1219 C  CA  . PRO B 1 97  ? 1.622   -16.286 -5.587  1.00 9.07  ? 97  PRO B CA  1 
ATOM   1220 C  C   . PRO B 1 97  ? 0.437   -17.175 -6.003  1.00 8.56  ? 97  PRO B C   1 
ATOM   1221 O  O   . PRO B 1 97  ? 0.574   -17.965 -6.933  1.00 9.48  ? 97  PRO B O   1 
ATOM   1222 C  CB  . PRO B 1 97  ? 2.393   -16.848 -4.361  1.00 8.33  ? 97  PRO B CB  1 
ATOM   1223 C  CG  . PRO B 1 97  ? 2.558   -15.689 -3.369  1.00 7.77  ? 97  PRO B CG  1 
ATOM   1224 C  CD  . PRO B 1 97  ? 1.375   -14.737 -3.715  1.00 10.46 ? 97  PRO B CD  1 
ATOM   1225 N  N   . GLN B 1 98  ? -0.710  -17.036 -5.351  1.00 8.36  ? 98  GLN B N   1 
ATOM   1226 C  CA  . GLN B 1 98  ? -1.900  -17.809 -5.750  1.00 8.69  ? 98  GLN B CA  1 
ATOM   1227 C  C   . GLN B 1 98  ? -2.315  -17.435 -7.154  1.00 8.24  ? 98  GLN B C   1 
ATOM   1228 O  O   . GLN B 1 98  ? -2.585  -18.288 -7.987  1.00 8.70  ? 98  GLN B O   1 
ATOM   1229 C  CB  . GLN B 1 98  ? -3.049  -17.592 -4.794  1.00 9.15  ? 98  GLN B CB  1 
ATOM   1230 C  CG  . GLN B 1 98  ? -2.715  -17.970 -3.346  1.00 12.74 ? 98  GLN B CG  1 
ATOM   1231 C  CD  . GLN B 1 98  ? -3.959  -18.340 -2.508  1.00 20.96 ? 98  GLN B CD  1 
ATOM   1232 O  OE1 . GLN B 1 98  ? -5.092  -17.970 -2.850  1.00 26.80 ? 98  GLN B OE1 1 
ATOM   1233 N  NE2 . GLN B 1 98  ? -3.752  -19.110 -1.419  1.00 24.76 ? 98  GLN B NE2 1 
ATOM   1234 N  N   . LEU B 1 99  ? -2.310  -16.139 -7.434  1.00 7.98  ? 99  LEU B N   1 
ATOM   1235 C  CA  . LEU B 1 99  ? -2.671  -15.633 -8.753  1.00 6.79  ? 99  LEU B CA  1 
ATOM   1236 C  C   . LEU B 1 99  ? -1.621  -16.042 -9.820  1.00 6.62  ? 99  LEU B C   1 
ATOM   1237 O  O   . LEU B 1 99  ? -1.985  -16.414 -10.926 1.00 5.74  ? 99  LEU B O   1 
ATOM   1238 C  CB  . LEU B 1 99  ? -2.848  -14.115 -8.687  1.00 5.55  ? 99  LEU B CB  1 
ATOM   1239 C  CG  . LEU B 1 99  ? -3.353  -13.335 -9.907  1.00 4.61  ? 99  LEU B CG  1 
ATOM   1240 C  CD1 . LEU B 1 99  ? -4.479  -14.136 -10.629 1.00 2.63  ? 99  LEU B CD1 1 
ATOM   1241 C  CD2 . LEU B 1 99  ? -3.747  -11.823 -9.570  1.00 2.00  ? 99  LEU B CD2 1 
ATOM   1242 N  N   . ALA B 1 100 ? -0.337  -15.957 -9.496  1.00 6.13  ? 100 ALA B N   1 
ATOM   1243 C  CA  . ALA B 1 100 ? 0.667   -16.330 -10.460 1.00 6.37  ? 100 ALA B CA  1 
ATOM   1244 C  C   . ALA B 1 100 ? 0.415   -17.764 -10.899 1.00 7.08  ? 100 ALA B C   1 
ATOM   1245 O  O   . ALA B 1 100 ? 0.417   -18.060 -12.068 1.00 6.34  ? 100 ALA B O   1 
ATOM   1246 C  CB  . ALA B 1 100 ? 2.047   -16.175 -9.884  1.00 5.02  ? 100 ALA B CB  1 
ATOM   1247 N  N   . ARG B 1 101 ? 0.109   -18.647 -9.956  1.00 9.56  ? 101 ARG B N   1 
ATOM   1248 C  CA  . ARG B 1 101 ? 0.053   -20.065 -10.291 1.00 10.93 ? 101 ARG B CA  1 
ATOM   1249 C  C   . ARG B 1 101 ? -1.295  -20.478 -10.908 1.00 12.50 ? 101 ARG B C   1 
ATOM   1250 O  O   . ARG B 1 101 ? -1.338  -21.371 -11.757 1.00 12.99 ? 101 ARG B O   1 
ATOM   1251 C  CB  . ARG B 1 101 ? 0.499   -20.900 -9.105  1.00 10.52 ? 101 ARG B CB  1 
ATOM   1252 C  CG  . ARG B 1 101 ? -0.601  -21.552 -8.382  1.00 11.74 ? 101 ARG B CG  1 
ATOM   1253 C  CD  . ARG B 1 101 ? -0.360  -21.873 -6.960  1.00 9.79  ? 101 ARG B CD  1 
ATOM   1254 N  NE  . ARG B 1 101 ? 0.933   -21.538 -6.346  1.00 12.30 ? 101 ARG B NE  1 
ATOM   1255 C  CZ  . ARG B 1 101 ? 1.052   -21.000 -5.111  1.00 10.13 ? 101 ARG B CZ  1 
ATOM   1256 N  NH1 . ARG B 1 101 ? -0.020  -20.708 -4.378  1.00 12.10 ? 101 ARG B NH1 1 
ATOM   1257 N  NH2 . ARG B 1 101 ? 2.237   -20.734 -4.594  1.00 7.10  ? 101 ARG B NH2 1 
ATOM   1258 N  N   . LEU B 1 102 ? -2.373  -19.788 -10.556 1.00 14.74 ? 102 LEU B N   1 
ATOM   1259 C  CA  . LEU B 1 102 ? -3.663  -19.977 -11.261 1.00 16.99 ? 102 LEU B CA  1 
ATOM   1260 C  C   . LEU B 1 102 ? -3.735  -19.411 -12.702 1.00 18.41 ? 102 LEU B C   1 
ATOM   1261 O  O   . LEU B 1 102 ? -4.332  -20.066 -13.557 1.00 19.14 ? 102 LEU B O   1 
ATOM   1262 C  CB  . LEU B 1 102 ? -4.840  -19.461 -10.425 1.00 17.34 ? 102 LEU B CB  1 
ATOM   1263 C  CG  . LEU B 1 102 ? -4.959  -19.973 -8.959  1.00 19.71 ? 102 LEU B CG  1 
ATOM   1264 C  CD1 . LEU B 1 102 ? -6.274  -19.497 -8.281  1.00 18.20 ? 102 LEU B CD1 1 
ATOM   1265 C  CD2 . LEU B 1 102 ? -4.801  -21.518 -8.869  1.00 20.65 ? 102 LEU B CD2 1 
ATOM   1266 N  N   . SER B 1 103 ? -3.148  -18.238 -12.999 1.00 20.32 ? 103 SER B N   1 
ATOM   1267 C  CA  . SER B 1 103 ? -3.119  -17.718 -14.408 1.00 21.96 ? 103 SER B CA  1 
ATOM   1268 C  C   . SER B 1 103 ? -2.317  -18.626 -15.314 1.00 23.20 ? 103 SER B C   1 
ATOM   1269 O  O   . SER B 1 103 ? -2.610  -18.750 -16.500 1.00 24.14 ? 103 SER B O   1 
ATOM   1270 C  CB  . SER B 1 103 ? -2.478  -16.336 -14.541 1.00 22.02 ? 103 SER B CB  1 
ATOM   1271 O  OG  . SER B 1 103 ? -2.235  -15.718 -13.304 1.00 24.04 ? 103 SER B OG  1 
ATOM   1272 N  N   . ASP B 1 104 ? -1.273  -19.212 -14.739 1.00 24.50 ? 104 ASP B N   1 
ATOM   1273 C  CA  . ASP B 1 104 ? -0.363  -20.105 -15.429 1.00 25.37 ? 104 ASP B CA  1 
ATOM   1274 C  C   . ASP B 1 104 ? -1.069  -21.401 -15.850 1.00 25.73 ? 104 ASP B C   1 
ATOM   1275 O  O   . ASP B 1 104 ? -0.822  -21.954 -16.930 1.00 26.22 ? 104 ASP B O   1 
ATOM   1276 C  CB  . ASP B 1 104 ? 0.835   -20.425 -14.514 1.00 25.67 ? 104 ASP B CB  1 
ATOM   1277 C  CG  . ASP B 1 104 ? 1.950   -21.156 -15.252 1.00 27.28 ? 104 ASP B CG  1 
ATOM   1278 O  OD1 . ASP B 1 104 ? 2.321   -22.306 -14.888 1.00 29.99 ? 104 ASP B OD1 1 
ATOM   1279 O  OD2 . ASP B 1 104 ? 2.438   -20.581 -16.232 1.00 27.73 ? 104 ASP B OD2 1 
ATOM   1280 N  N   . LEU B 1 105 ? -1.927  -21.902 -14.983 1.00 26.35 ? 105 LEU B N   1 
ATOM   1281 C  CA  . LEU B 1 105 ? -2.725  -23.072 -15.297 1.00 26.80 ? 105 LEU B CA  1 
ATOM   1282 C  C   . LEU B 1 105 ? -3.660  -22.679 -16.446 1.00 27.41 ? 105 LEU B C   1 
ATOM   1283 O  O   . LEU B 1 105 ? -3.603  -23.275 -17.548 1.00 27.75 ? 105 LEU B O   1 
ATOM   1284 C  CB  . LEU B 1 105 ? -3.481  -23.521 -14.047 1.00 26.48 ? 105 LEU B CB  1 
ATOM   1285 C  CG  . LEU B 1 105 ? -4.366  -24.775 -14.072 1.00 27.76 ? 105 LEU B CG  1 
ATOM   1286 C  CD1 . LEU B 1 105 ? -3.752  -25.989 -14.822 1.00 27.25 ? 105 LEU B CD1 1 
ATOM   1287 C  CD2 . LEU B 1 105 ? -4.764  -25.136 -12.624 1.00 27.47 ? 105 LEU B CD2 1 
ATOM   1288 N  N   . LEU B 1 106 ? -4.430  -21.613 -16.211 1.00 28.11 ? 106 LEU B N   1 
ATOM   1289 C  CA  . LEU B 1 106 ? -5.486  -21.145 -17.116 1.00 28.58 ? 106 LEU B CA  1 
ATOM   1290 C  C   . LEU B 1 106 ? -4.982  -20.155 -18.184 1.00 28.84 ? 106 LEU B C   1 
ATOM   1291 O  O   . LEU B 1 106 ? -3.957  -20.375 -18.841 1.00 28.90 ? 106 LEU B O   1 
ATOM   1292 C  CB  . LEU B 1 106 ? -6.582  -20.478 -16.281 1.00 28.83 ? 106 LEU B CB  1 
ATOM   1293 C  CG  . LEU B 1 106 ? -7.416  -21.348 -15.319 1.00 29.13 ? 106 LEU B CG  1 
ATOM   1294 C  CD1 . LEU B 1 106 ? -6.689  -22.552 -14.775 1.00 29.06 ? 106 LEU B CD1 1 
ATOM   1295 C  CD2 . LEU B 1 106 ? -7.895  -20.486 -14.145 1.00 30.14 ? 106 LEU B CD2 1 
HETATM 1296 O  O   . UNL C 2 .   ? -2.735  -7.872  -4.431  1.00 8.27  ? 127 UNL B O   1 
HETATM 1297 O  O   . HOH D 3 .   ? 8.016   -2.884  -13.415 1.00 11.80 ? 127 HOH A O   1 
HETATM 1298 O  O   . HOH D 3 .   ? 3.765   -13.712 -13.551 1.00 12.05 ? 128 HOH A O   1 
HETATM 1299 O  O   . HOH D 3 .   ? 5.285   11.475  9.563   1.00 12.13 ? 129 HOH A O   1 
HETATM 1300 O  O   . HOH D 3 .   ? 3.783   -12.814 -16.271 1.00 14.39 ? 130 HOH A O   1 
HETATM 1301 O  O   . HOH D 3 .   ? 4.709   -16.657 -6.982  1.00 6.13  ? 131 HOH A O   1 
HETATM 1302 O  O   . HOH D 3 .   ? 12.604  -3.627  -7.827  1.00 12.51 ? 132 HOH A O   1 
HETATM 1303 O  O   . HOH D 3 .   ? 9.246   -12.974 -8.141  1.00 12.69 ? 133 HOH A O   1 
HETATM 1304 O  O   . HOH E 3 .   ? 6.435   2.322   13.389  1.00 2.00  ? 128 HOH B O   1 
HETATM 1305 O  O   . HOH E 3 .   ? -4.862  -16.690 1.590   1.00 5.52  ? 129 HOH B O   1 
HETATM 1306 O  O   . HOH E 3 .   ? 3.513   0.973   13.131  1.00 20.49 ? 130 HOH B O   1 
# 
